data_5ZGC
#
_entry.id   5ZGC
#
_cell.length_a   138.512
_cell.length_b   138.512
_cell.length_c   242.876
_cell.angle_alpha   90.000
_cell.angle_beta   90.000
_cell.angle_gamma   90.000
#
_symmetry.space_group_name_H-M   'P 43 21 2'
#
loop_
_entity.id
_entity.type
_entity.pdbx_description
1 polymer 'NAD-dependent protein deacetylase sirtuin-3, mitochondrial'
2 polymer 'Histone H4K16bhb peptide'
3 non-polymer 'ZINC ION'
4 water water
#
loop_
_entity_poly.entity_id
_entity_poly.type
_entity_poly.pdbx_seq_one_letter_code
_entity_poly.pdbx_strand_id
1 'polypeptide(L)'
;GKLSLQDVAELIRARACQRVVVMVGAGISTPSGIPDFRSPGSGLYSNLQQYDLPYPEAIFELPFFFHNPKPFFTLAKELY
PGNYKPNVTHYFLRLLHDKGLLLRLYTQNIDGLERVSGIPASKLVEAHGTFASATCTVCQRPFPGEDIRADVMADRVPRC
PVCTGVVKPDIVFFGEPLPQRFLLHVVDFPMADLLLILGTSLEVEPFASLTEAVRSSVPRLLINRDLVGPLAWHPRSRDV
AQLGDVVHGVESLVELLGWTEEMRDLVQRETGKL
;
A,B,C,D,E,F
2 'polypeptide(L)' GKGGA(KHB)RHRKV G,H,I,J,K,L
#
# COMPACT_ATOMS: atom_id res chain seq x y z
N LYS A 2 -3.73 -15.13 -42.38
CA LYS A 2 -2.34 -15.49 -42.05
C LYS A 2 -1.37 -14.29 -42.04
N LEU A 3 -0.68 -14.12 -40.93
CA LEU A 3 0.10 -12.92 -40.69
C LEU A 3 1.56 -13.10 -41.07
N SER A 4 2.17 -11.99 -41.42
CA SER A 4 3.58 -11.91 -41.80
C SER A 4 4.41 -11.38 -40.65
N LEU A 5 5.71 -11.43 -40.82
CA LEU A 5 6.56 -10.81 -39.82
C LEU A 5 6.46 -9.30 -39.92
N GLN A 6 6.42 -8.76 -41.15
CA GLN A 6 6.04 -7.36 -41.38
C GLN A 6 4.71 -7.00 -40.72
N ASP A 7 3.68 -7.85 -40.87
CA ASP A 7 2.39 -7.57 -40.24
C ASP A 7 2.56 -7.31 -38.74
N VAL A 8 3.33 -8.18 -38.10
CA VAL A 8 3.61 -8.08 -36.66
C VAL A 8 4.26 -6.73 -36.34
N ALA A 9 5.32 -6.39 -37.06
CA ALA A 9 5.99 -5.12 -36.81
C ALA A 9 5.05 -3.94 -37.02
N GLU A 10 4.11 -4.06 -37.95
CA GLU A 10 3.16 -2.98 -38.14
C GLU A 10 2.27 -2.84 -36.92
N LEU A 11 1.79 -3.97 -36.40
CA LEU A 11 1.04 -3.95 -35.14
C LEU A 11 1.80 -3.19 -34.06
N ILE A 12 3.08 -3.50 -33.89
CA ILE A 12 3.85 -2.79 -32.87
C ILE A 12 3.91 -1.29 -33.17
N ARG A 13 4.20 -0.93 -34.42
CA ARG A 13 4.32 0.49 -34.73
C ARG A 13 2.99 1.23 -34.59
N ALA A 14 1.87 0.57 -34.89
CA ALA A 14 0.58 1.15 -34.61
C ALA A 14 0.25 1.13 -33.12
N ARG A 15 1.08 0.47 -32.32
CA ARG A 15 0.81 0.18 -30.91
C ARG A 15 -0.45 -0.65 -30.71
N ALA A 16 -0.91 -1.36 -31.75
CA ALA A 16 -1.96 -2.36 -31.56
C ALA A 16 -1.51 -3.50 -30.66
N CYS A 17 -0.20 -3.66 -30.51
CA CYS A 17 0.38 -4.61 -29.59
C CYS A 17 1.29 -3.83 -28.65
N GLN A 18 0.83 -3.68 -27.41
CA GLN A 18 1.47 -2.78 -26.45
C GLN A 18 1.78 -3.42 -25.10
N ARG A 19 1.30 -4.64 -24.83
CA ARG A 19 1.71 -5.39 -23.65
C ARG A 19 2.26 -6.75 -24.13
N VAL A 20 3.55 -6.73 -24.51
CA VAL A 20 4.24 -7.85 -25.16
C VAL A 20 4.92 -8.71 -24.10
N VAL A 21 4.66 -10.01 -24.12
CA VAL A 21 5.39 -10.90 -23.22
C VAL A 21 6.28 -11.80 -24.08
N VAL A 22 7.43 -12.19 -23.51
CA VAL A 22 8.50 -12.86 -24.24
C VAL A 22 8.96 -14.08 -23.47
N MET A 23 8.84 -15.26 -24.10
CA MET A 23 9.51 -16.49 -23.64
C MET A 23 10.77 -16.73 -24.47
N VAL A 24 11.92 -16.85 -23.79
CA VAL A 24 13.19 -17.04 -24.45
C VAL A 24 13.90 -18.27 -23.87
N GLY A 25 14.88 -18.77 -24.63
CA GLY A 25 15.66 -19.90 -24.21
C GLY A 25 17.14 -19.80 -24.54
N ALA A 26 17.83 -20.95 -24.60
CA ALA A 26 19.26 -20.97 -24.84
C ALA A 26 19.60 -20.48 -26.26
N GLY A 27 18.63 -20.59 -27.17
CA GLY A 27 18.78 -20.00 -28.49
C GLY A 27 19.39 -18.61 -28.45
N ILE A 28 18.81 -17.72 -27.62
CA ILE A 28 19.24 -16.33 -27.65
C ILE A 28 20.59 -16.09 -26.99
N SER A 29 21.15 -17.08 -26.29
CA SER A 29 22.42 -16.81 -25.62
C SER A 29 23.64 -17.45 -26.27
N THR A 30 23.47 -18.48 -27.11
CA THR A 30 24.64 -19.01 -27.82
C THR A 30 25.40 -17.96 -28.61
N PRO A 31 24.76 -16.98 -29.31
CA PRO A 31 25.53 -15.89 -29.93
C PRO A 31 26.44 -15.13 -28.98
N SER A 32 26.45 -15.47 -27.71
CA SER A 32 27.29 -14.79 -26.75
C SER A 32 28.40 -15.66 -26.22
N GLY A 33 28.39 -16.96 -26.55
CA GLY A 33 29.37 -17.91 -26.09
C GLY A 33 28.89 -18.98 -25.10
N ILE A 34 27.66 -18.89 -24.59
CA ILE A 34 27.16 -19.83 -23.59
C ILE A 34 26.73 -21.15 -24.24
N PRO A 35 27.07 -22.30 -23.64
CA PRO A 35 26.57 -23.57 -24.18
C PRO A 35 25.07 -23.72 -24.00
N ASP A 36 24.43 -24.29 -25.02
CA ASP A 36 23.09 -24.84 -24.92
C ASP A 36 23.23 -26.34 -24.86
N PHE A 37 22.50 -26.98 -23.96
CA PHE A 37 22.73 -28.40 -23.74
C PHE A 37 21.88 -29.20 -24.70
N ARG A 38 22.41 -29.24 -25.93
CA ARG A 38 22.45 -30.38 -26.83
C ARG A 38 23.87 -30.92 -26.99
N SER A 39 24.88 -30.12 -26.67
CA SER A 39 26.31 -30.50 -26.65
C SER A 39 26.88 -30.45 -25.22
N GLN A 50 33.79 -32.37 -23.80
CA GLN A 50 33.74 -30.93 -23.57
C GLN A 50 33.25 -30.63 -22.15
N TYR A 51 32.38 -31.54 -21.64
CA TYR A 51 31.78 -31.41 -20.32
C TYR A 51 31.64 -32.72 -19.55
N ASP A 52 31.82 -33.88 -20.21
CA ASP A 52 31.95 -35.19 -19.56
C ASP A 52 30.62 -35.73 -19.06
N LEU A 53 29.53 -35.41 -19.76
CA LEU A 53 28.33 -35.99 -19.19
C LEU A 53 27.90 -37.22 -19.97
N PRO A 54 27.28 -38.19 -19.30
CA PRO A 54 26.76 -39.39 -20.00
C PRO A 54 25.64 -39.07 -20.98
N TYR A 55 25.06 -37.88 -20.88
CA TYR A 55 24.07 -37.37 -21.81
C TYR A 55 23.79 -35.94 -21.42
N PRO A 56 23.25 -35.11 -22.34
CA PRO A 56 23.22 -33.66 -22.07
C PRO A 56 22.47 -33.28 -20.80
N GLU A 57 21.34 -33.95 -20.51
CA GLU A 57 20.44 -33.49 -19.45
C GLU A 57 20.97 -33.76 -18.06
N ALA A 58 21.92 -34.68 -17.90
CA ALA A 58 22.44 -35.01 -16.57
C ALA A 58 23.03 -33.81 -15.83
N ILE A 59 23.55 -32.81 -16.55
CA ILE A 59 24.01 -31.59 -15.88
C ILE A 59 22.92 -30.96 -15.00
N PHE A 60 21.63 -31.15 -15.32
CA PHE A 60 20.54 -30.62 -14.51
C PHE A 60 19.64 -31.72 -13.97
N GLU A 61 20.22 -32.86 -13.58
CA GLU A 61 19.49 -33.95 -12.95
C GLU A 61 20.05 -34.20 -11.55
N LEU A 62 19.16 -34.50 -10.59
CA LEU A 62 19.65 -34.55 -9.22
C LEU A 62 20.46 -35.81 -8.96
N PRO A 63 20.02 -36.99 -9.43
CA PRO A 63 20.85 -38.19 -9.24
C PRO A 63 22.28 -38.03 -9.76
N PHE A 64 22.46 -37.60 -11.01
CA PHE A 64 23.82 -37.40 -11.50
C PHE A 64 24.53 -36.32 -10.72
N PHE A 65 23.80 -35.28 -10.31
CA PHE A 65 24.46 -34.21 -9.55
C PHE A 65 25.04 -34.74 -8.25
N PHE A 66 24.31 -35.61 -7.52
CA PHE A 66 24.85 -36.21 -6.29
C PHE A 66 26.00 -37.16 -6.60
N HIS A 67 25.89 -37.90 -7.70
CA HIS A 67 27.00 -38.79 -8.04
C HIS A 67 28.23 -37.99 -8.40
N ASN A 68 28.07 -36.95 -9.21
CA ASN A 68 29.21 -36.18 -9.71
C ASN A 68 28.79 -34.75 -9.95
N PRO A 69 28.89 -33.90 -8.93
CA PRO A 69 28.49 -32.50 -9.13
C PRO A 69 29.47 -31.72 -9.98
N LYS A 70 30.62 -32.30 -10.30
CA LYS A 70 31.68 -31.54 -10.96
C LYS A 70 31.29 -30.92 -12.30
N PRO A 71 30.59 -31.59 -13.21
CA PRO A 71 30.19 -30.89 -14.45
C PRO A 71 29.28 -29.70 -14.17
N PHE A 72 28.30 -29.86 -13.29
CA PHE A 72 27.42 -28.75 -13.00
C PHE A 72 28.19 -27.57 -12.42
N PHE A 73 29.14 -27.83 -11.52
CA PHE A 73 29.89 -26.70 -11.00
C PHE A 73 30.91 -26.16 -12.01
N THR A 74 31.36 -26.98 -12.97
CA THR A 74 32.11 -26.43 -14.09
C THR A 74 31.29 -25.37 -14.80
N LEU A 75 30.05 -25.71 -15.15
CA LEU A 75 29.21 -24.74 -15.86
C LEU A 75 28.92 -23.52 -14.97
N ALA A 76 28.72 -23.77 -13.67
CA ALA A 76 28.56 -22.66 -12.73
C ALA A 76 29.73 -21.70 -12.80
N LYS A 77 30.95 -22.22 -12.70
CA LYS A 77 32.14 -21.38 -12.73
C LYS A 77 32.23 -20.60 -14.05
N GLU A 78 31.84 -21.23 -15.17
CA GLU A 78 31.87 -20.50 -16.44
C GLU A 78 30.90 -19.32 -16.41
N LEU A 79 29.71 -19.53 -15.89
CA LEU A 79 28.69 -18.49 -15.95
C LEU A 79 28.80 -17.43 -14.85
N TYR A 80 29.62 -17.61 -13.82
CA TYR A 80 29.64 -16.61 -12.76
C TYR A 80 30.14 -15.30 -13.32
N PRO A 81 29.41 -14.18 -13.10
CA PRO A 81 29.29 -13.12 -14.12
C PRO A 81 30.58 -12.44 -14.59
N GLY A 82 30.41 -11.56 -15.56
CA GLY A 82 31.50 -10.78 -16.09
C GLY A 82 32.24 -11.42 -17.22
N ASN A 83 32.03 -12.72 -17.44
CA ASN A 83 32.69 -13.36 -18.57
C ASN A 83 32.00 -12.98 -19.87
N TYR A 84 30.71 -13.28 -19.98
CA TYR A 84 29.98 -13.19 -21.23
C TYR A 84 29.17 -11.89 -21.25
N LYS A 85 29.05 -11.29 -22.43
CA LYS A 85 28.31 -10.07 -22.68
C LYS A 85 27.01 -10.38 -23.39
N PRO A 86 26.02 -9.48 -23.33
CA PRO A 86 24.79 -9.71 -24.06
C PRO A 86 24.99 -9.36 -25.52
N ASN A 87 24.14 -9.97 -26.35
CA ASN A 87 24.16 -9.71 -27.76
C ASN A 87 22.88 -8.97 -28.17
N VAL A 88 22.59 -8.98 -29.47
CA VAL A 88 21.56 -8.09 -29.99
C VAL A 88 20.17 -8.51 -29.55
N THR A 89 19.94 -9.81 -29.33
CA THR A 89 18.62 -10.27 -28.92
C THR A 89 18.26 -9.72 -27.54
N HIS A 90 19.23 -9.73 -26.62
CA HIS A 90 19.02 -9.12 -25.33
C HIS A 90 18.69 -7.64 -25.49
N TYR A 91 19.42 -6.93 -26.34
CA TYR A 91 19.19 -5.51 -26.43
C TYR A 91 17.87 -5.18 -27.11
N PHE A 92 17.43 -6.01 -28.05
CA PHE A 92 16.07 -5.89 -28.57
C PHE A 92 15.05 -6.02 -27.43
N LEU A 93 15.29 -6.94 -26.49
CA LEU A 93 14.37 -7.01 -25.33
C LEU A 93 14.49 -5.77 -24.45
N ARG A 94 15.72 -5.31 -24.19
CA ARG A 94 15.92 -4.10 -23.38
C ARG A 94 15.28 -2.88 -24.03
N LEU A 95 15.22 -2.86 -25.35
CA LEU A 95 14.71 -1.68 -26.02
C LEU A 95 13.20 -1.71 -26.02
N LEU A 96 12.66 -2.92 -26.27
CA LEU A 96 11.26 -3.21 -26.04
C LEU A 96 10.80 -2.69 -24.68
N HIS A 97 11.61 -2.90 -23.65
CA HIS A 97 11.31 -2.33 -22.33
C HIS A 97 11.35 -0.79 -22.37
N ASP A 98 12.53 -0.23 -22.62
CA ASP A 98 12.73 1.20 -22.80
C ASP A 98 11.63 1.91 -23.59
N LYS A 99 11.05 1.24 -24.60
CA LYS A 99 9.95 1.82 -25.37
C LYS A 99 8.61 1.66 -24.68
N GLY A 100 8.59 1.24 -23.42
CA GLY A 100 7.35 0.86 -22.75
C GLY A 100 6.48 -0.17 -23.43
N LEU A 101 7.05 -1.27 -23.94
CA LEU A 101 6.23 -2.33 -24.53
C LEU A 101 6.31 -3.66 -23.83
N LEU A 102 7.31 -3.88 -22.98
CA LEU A 102 7.55 -5.20 -22.40
C LEU A 102 6.70 -5.39 -21.15
N LEU A 103 5.65 -6.22 -21.25
CA LEU A 103 4.87 -6.58 -20.08
C LEU A 103 5.70 -7.46 -19.13
N ARG A 104 6.24 -8.57 -19.63
CA ARG A 104 7.21 -9.36 -18.89
C ARG A 104 8.03 -10.25 -19.82
N LEU A 105 9.25 -10.56 -19.37
CA LEU A 105 10.20 -11.40 -20.10
C LEU A 105 10.45 -12.65 -19.27
N TYR A 106 9.93 -13.79 -19.75
CA TYR A 106 10.10 -15.11 -19.12
C TYR A 106 11.28 -15.81 -19.76
N THR A 107 12.29 -16.15 -18.98
CA THR A 107 13.49 -16.80 -19.49
C THR A 107 13.76 -18.15 -18.82
N GLN A 108 14.32 -19.10 -19.59
CA GLN A 108 14.87 -20.29 -18.98
C GLN A 108 16.38 -20.26 -18.91
N ASN A 109 16.99 -19.12 -19.17
CA ASN A 109 18.44 -19.01 -19.12
C ASN A 109 18.91 -18.72 -17.70
N ILE A 110 20.14 -19.10 -17.41
CA ILE A 110 20.72 -18.82 -16.10
C ILE A 110 22.07 -18.11 -16.30
N ASP A 111 22.24 -17.44 -17.42
CA ASP A 111 23.44 -16.66 -17.68
C ASP A 111 23.36 -15.21 -17.19
N GLY A 112 22.15 -14.73 -16.86
CA GLY A 112 21.94 -13.43 -16.27
C GLY A 112 22.09 -12.23 -17.17
N LEU A 113 22.24 -12.42 -18.49
CA LEU A 113 22.49 -11.28 -19.37
C LEU A 113 21.25 -10.45 -19.61
N GLU A 114 20.05 -11.03 -19.45
CA GLU A 114 18.84 -10.21 -19.47
C GLU A 114 18.94 -9.07 -18.44
N ARG A 115 19.42 -9.36 -17.22
CA ARG A 115 19.71 -8.28 -16.27
C ARG A 115 20.84 -7.38 -16.78
N VAL A 116 21.94 -7.99 -17.23
CA VAL A 116 23.11 -7.21 -17.61
C VAL A 116 22.79 -6.28 -18.76
N SER A 117 21.86 -6.65 -19.63
CA SER A 117 21.46 -5.76 -20.70
C SER A 117 20.67 -4.54 -20.21
N GLY A 118 20.24 -4.52 -18.95
CA GLY A 118 19.57 -3.36 -18.41
C GLY A 118 18.09 -3.54 -18.20
N ILE A 119 17.58 -4.74 -18.41
CA ILE A 119 16.18 -5.04 -18.12
C ILE A 119 16.00 -5.15 -16.60
N PRO A 120 15.02 -4.47 -16.02
CA PRO A 120 14.89 -4.46 -14.56
C PRO A 120 14.36 -5.78 -14.01
N ALA A 121 14.94 -6.22 -12.89
CA ALA A 121 14.45 -7.44 -12.26
C ALA A 121 12.92 -7.46 -12.16
N SER A 122 12.33 -6.33 -11.80
CA SER A 122 10.90 -6.11 -11.90
C SER A 122 10.23 -6.70 -13.15
N LYS A 123 10.87 -6.62 -14.33
CA LYS A 123 10.27 -7.05 -15.60
C LYS A 123 10.68 -8.48 -15.98
N LEU A 124 11.41 -9.16 -15.12
CA LEU A 124 12.00 -10.44 -15.45
C LEU A 124 11.40 -11.56 -14.61
N VAL A 125 11.24 -12.73 -15.23
CA VAL A 125 10.99 -13.97 -14.50
C VAL A 125 12.01 -15.00 -14.96
N GLU A 126 13.06 -15.21 -14.16
CA GLU A 126 14.03 -16.27 -14.41
C GLU A 126 13.40 -17.59 -14.00
N ALA A 127 12.54 -18.08 -14.88
CA ALA A 127 11.75 -19.30 -14.70
C ALA A 127 12.55 -20.54 -14.34
N HIS A 128 13.83 -20.64 -14.69
CA HIS A 128 14.59 -21.83 -14.33
C HIS A 128 15.62 -21.54 -13.27
N GLY A 129 15.42 -20.48 -12.51
CA GLY A 129 16.25 -20.24 -11.36
C GLY A 129 17.38 -19.27 -11.60
N THR A 130 18.23 -19.18 -10.58
CA THR A 130 19.27 -18.16 -10.46
C THR A 130 20.37 -18.68 -9.54
N PHE A 131 21.50 -18.01 -9.63
CA PHE A 131 22.69 -18.31 -8.83
C PHE A 131 22.80 -17.42 -7.60
N ALA A 132 21.87 -16.44 -7.43
CA ALA A 132 21.80 -15.50 -6.32
C ALA A 132 21.38 -16.15 -5.02
N SER A 133 21.18 -17.47 -5.01
CA SER A 133 20.73 -18.18 -3.83
C SER A 133 21.09 -19.65 -4.01
N ALA A 134 21.16 -20.35 -2.88
CA ALA A 134 21.45 -21.78 -2.91
C ALA A 134 20.70 -22.43 -1.78
N THR A 135 20.58 -23.74 -1.87
CA THR A 135 19.81 -24.50 -0.91
C THR A 135 20.53 -25.82 -0.66
N CYS A 136 20.57 -26.26 0.57
CA CYS A 136 21.17 -27.56 0.83
C CYS A 136 20.35 -28.63 0.12
N THR A 137 21.05 -29.56 -0.56
CA THR A 137 20.36 -30.61 -1.27
C THR A 137 19.63 -31.60 -0.36
N VAL A 138 19.92 -31.63 0.95
CA VAL A 138 19.33 -32.60 1.84
C VAL A 138 18.44 -31.96 2.92
N CYS A 139 18.93 -30.90 3.58
CA CYS A 139 18.17 -30.29 4.67
C CYS A 139 17.41 -29.03 4.26
N GLN A 140 17.65 -28.50 3.07
CA GLN A 140 16.89 -27.40 2.49
C GLN A 140 17.13 -26.06 3.18
N ARG A 141 18.15 -25.97 4.04
CA ARG A 141 18.55 -24.66 4.58
C ARG A 141 18.96 -23.72 3.44
N PRO A 142 18.44 -22.49 3.40
CA PRO A 142 18.86 -21.55 2.36
C PRO A 142 20.19 -20.90 2.70
N PHE A 143 20.93 -20.53 1.67
CA PHE A 143 22.11 -19.69 1.82
C PHE A 143 22.09 -18.66 0.71
N PRO A 144 22.59 -17.45 0.98
CA PRO A 144 22.70 -16.46 -0.11
C PRO A 144 23.85 -16.82 -1.03
N GLY A 145 23.78 -16.30 -2.25
CA GLY A 145 24.65 -16.74 -3.31
C GLY A 145 26.13 -16.65 -3.03
N GLU A 146 26.62 -15.45 -2.73
CA GLU A 146 28.06 -15.23 -2.61
C GLU A 146 28.69 -16.18 -1.61
N ASP A 147 27.91 -16.64 -0.63
CA ASP A 147 28.43 -17.50 0.44
C ASP A 147 28.97 -18.82 -0.09
N ILE A 148 28.51 -19.28 -1.25
CA ILE A 148 29.12 -20.45 -1.88
C ILE A 148 30.00 -20.06 -3.06
N ARG A 149 29.86 -18.84 -3.59
CA ARG A 149 30.50 -18.49 -4.86
C ARG A 149 31.99 -18.85 -4.86
N ALA A 150 32.72 -18.41 -3.82
CA ALA A 150 34.17 -18.58 -3.80
C ALA A 150 34.55 -20.05 -3.88
N ASP A 151 33.89 -20.90 -3.07
CA ASP A 151 34.04 -22.34 -3.19
C ASP A 151 33.99 -22.78 -4.66
N VAL A 152 32.90 -22.42 -5.34
CA VAL A 152 32.71 -22.79 -6.75
C VAL A 152 33.83 -22.22 -7.61
N MET A 153 34.24 -20.98 -7.37
CA MET A 153 35.29 -20.46 -8.25
C MET A 153 36.64 -21.10 -7.96
N ALA A 154 36.78 -21.92 -6.93
CA ALA A 154 38.04 -22.62 -6.68
C ALA A 154 37.89 -24.12 -6.78
N ASP A 155 36.93 -24.60 -7.56
CA ASP A 155 36.75 -26.03 -7.87
C ASP A 155 36.59 -26.89 -6.62
N ARG A 156 36.12 -26.26 -5.54
CA ARG A 156 35.67 -26.98 -4.36
C ARG A 156 34.16 -27.10 -4.39
N VAL A 157 33.64 -28.20 -3.87
CA VAL A 157 32.20 -28.42 -3.75
C VAL A 157 31.75 -27.86 -2.39
N PRO A 158 30.82 -26.92 -2.35
CA PRO A 158 30.36 -26.37 -1.06
C PRO A 158 29.40 -27.30 -0.32
N ARG A 159 29.59 -27.41 1.00
CA ARG A 159 28.72 -28.28 1.80
C ARG A 159 28.09 -27.52 2.97
N CYS A 160 26.93 -28.03 3.38
CA CYS A 160 26.08 -27.48 4.46
C CYS A 160 26.74 -27.61 5.83
N PRO A 161 26.92 -26.51 6.55
CA PRO A 161 27.60 -26.57 7.87
C PRO A 161 26.72 -27.15 8.96
N VAL A 162 25.54 -27.60 8.57
CA VAL A 162 24.56 -28.19 9.48
C VAL A 162 24.49 -29.70 9.30
N CYS A 163 24.34 -30.17 8.07
CA CYS A 163 24.10 -31.58 7.78
C CYS A 163 25.14 -32.23 6.86
N THR A 164 26.11 -31.48 6.35
CA THR A 164 27.16 -31.90 5.41
C THR A 164 26.66 -32.09 3.98
N GLY A 165 25.38 -31.84 3.70
CA GLY A 165 24.88 -31.96 2.34
C GLY A 165 25.60 -31.03 1.39
N VAL A 166 25.78 -31.51 0.15
CA VAL A 166 26.16 -30.61 -0.92
C VAL A 166 25.10 -29.53 -1.02
N VAL A 167 25.51 -28.27 -1.03
CA VAL A 167 24.55 -27.19 -1.27
C VAL A 167 24.70 -26.74 -2.71
N LYS A 168 23.57 -26.50 -3.36
CA LYS A 168 23.37 -26.30 -4.79
C LYS A 168 22.80 -24.92 -5.09
N PRO A 169 23.30 -24.22 -6.12
CA PRO A 169 22.67 -22.95 -6.55
C PRO A 169 21.22 -23.13 -6.95
N ASP A 170 20.45 -22.04 -6.90
CA ASP A 170 19.01 -22.25 -6.98
C ASP A 170 18.60 -22.33 -8.42
N ILE A 171 19.25 -23.25 -9.14
CA ILE A 171 18.93 -23.62 -10.50
C ILE A 171 17.90 -24.74 -10.45
N VAL A 172 16.79 -24.56 -11.14
CA VAL A 172 15.75 -25.57 -11.19
C VAL A 172 16.28 -26.76 -11.99
N PHE A 173 16.54 -27.88 -11.31
CA PHE A 173 16.85 -29.12 -12.02
C PHE A 173 15.58 -29.84 -12.42
N PHE A 174 15.74 -30.86 -13.25
CA PHE A 174 14.66 -31.79 -13.54
C PHE A 174 14.21 -32.46 -12.25
N GLY A 175 12.91 -32.31 -11.93
CA GLY A 175 12.31 -32.87 -10.75
C GLY A 175 12.04 -31.86 -9.65
N GLU A 176 12.76 -30.73 -9.63
CA GLU A 176 12.52 -29.66 -8.66
C GLU A 176 11.36 -28.75 -9.08
N PRO A 177 10.70 -28.09 -8.13
CA PRO A 177 9.65 -27.14 -8.51
C PRO A 177 10.24 -25.86 -9.10
N LEU A 178 9.40 -25.15 -9.81
CA LEU A 178 9.84 -23.86 -10.32
C LEU A 178 9.66 -22.78 -9.26
N PRO A 179 10.43 -21.70 -9.35
CA PRO A 179 10.33 -20.63 -8.36
C PRO A 179 8.96 -19.98 -8.34
N GLN A 180 8.61 -19.45 -7.16
CA GLN A 180 7.25 -18.93 -6.98
C GLN A 180 7.01 -17.75 -7.91
N ARG A 181 8.06 -16.99 -8.22
CA ARG A 181 7.94 -15.85 -9.15
C ARG A 181 7.36 -16.28 -10.50
N PHE A 182 7.52 -17.55 -10.87
CA PHE A 182 6.96 -18.08 -12.10
C PHE A 182 5.44 -17.90 -12.13
N LEU A 183 4.77 -17.96 -10.96
CA LEU A 183 3.32 -17.85 -10.94
C LEU A 183 2.80 -16.47 -11.34
N LEU A 184 3.68 -15.49 -11.54
CA LEU A 184 3.25 -14.28 -12.22
C LEU A 184 2.60 -14.58 -13.57
N HIS A 185 2.91 -15.72 -14.20
CA HIS A 185 2.29 -16.01 -15.50
C HIS A 185 0.79 -16.03 -15.39
N VAL A 186 0.27 -16.43 -14.22
CA VAL A 186 -1.19 -16.47 -14.03
C VAL A 186 -1.81 -15.11 -14.27
N VAL A 187 -1.06 -14.05 -13.99
CA VAL A 187 -1.49 -12.68 -14.24
C VAL A 187 -1.03 -12.15 -15.61
N ASP A 188 0.12 -12.62 -16.13
CA ASP A 188 0.74 -11.88 -17.21
C ASP A 188 0.20 -12.31 -18.56
N PHE A 189 -0.01 -13.58 -18.73
CA PHE A 189 -0.39 -14.12 -20.02
C PHE A 189 -1.80 -13.67 -20.44
N PRO A 190 -2.78 -13.56 -19.53
CA PRO A 190 -4.12 -13.11 -19.97
C PRO A 190 -4.19 -11.64 -20.27
N MET A 191 -3.16 -10.85 -19.90
CA MET A 191 -3.07 -9.44 -20.26
C MET A 191 -2.37 -9.23 -21.58
N ALA A 192 -1.54 -10.18 -22.00
CA ALA A 192 -0.70 -10.02 -23.16
C ALA A 192 -1.55 -9.86 -24.42
N ASP A 193 -1.16 -8.89 -25.26
CA ASP A 193 -1.66 -8.76 -26.62
C ASP A 193 -0.68 -9.25 -27.70
N LEU A 194 0.55 -9.63 -27.33
CA LEU A 194 1.49 -10.29 -28.24
C LEU A 194 2.44 -11.20 -27.46
N LEU A 195 2.58 -12.44 -27.93
CA LEU A 195 3.58 -13.37 -27.40
C LEU A 195 4.73 -13.49 -28.38
N LEU A 196 5.95 -13.31 -27.87
CA LEU A 196 7.18 -13.55 -28.60
C LEU A 196 7.88 -14.75 -28.01
N ILE A 197 8.23 -15.71 -28.85
CA ILE A 197 9.02 -16.87 -28.46
C ILE A 197 10.34 -16.75 -29.19
N LEU A 198 11.45 -16.76 -28.43
CA LEU A 198 12.76 -16.40 -28.97
C LEU A 198 13.79 -17.43 -28.57
N GLY A 199 14.25 -18.23 -29.54
CA GLY A 199 15.38 -19.10 -29.32
C GLY A 199 15.11 -20.19 -28.29
N THR A 200 14.07 -20.98 -28.54
CA THR A 200 13.80 -22.10 -27.66
C THR A 200 12.94 -23.11 -28.39
N SER A 201 13.37 -24.35 -28.33
CA SER A 201 12.63 -25.46 -28.90
C SER A 201 11.47 -25.89 -28.03
N LEU A 202 11.30 -25.24 -26.86
CA LEU A 202 10.18 -25.47 -25.93
C LEU A 202 10.11 -26.92 -25.51
N GLU A 203 11.26 -27.50 -25.18
CA GLU A 203 11.33 -28.93 -24.88
C GLU A 203 10.95 -29.26 -23.44
N VAL A 204 10.74 -28.26 -22.59
CA VAL A 204 10.70 -28.44 -21.14
C VAL A 204 9.43 -27.79 -20.62
N GLU A 205 8.62 -28.58 -19.82
CA GLU A 205 7.38 -28.27 -19.10
C GLU A 205 7.67 -27.91 -17.64
N PRO A 206 6.88 -27.02 -17.02
CA PRO A 206 5.68 -26.42 -17.61
C PRO A 206 5.96 -25.17 -18.43
N PHE A 207 7.23 -24.75 -18.58
CA PHE A 207 7.54 -23.52 -19.32
C PHE A 207 6.90 -23.52 -20.70
N ALA A 208 7.04 -24.62 -21.44
CA ALA A 208 6.57 -24.61 -22.81
C ALA A 208 5.08 -24.38 -22.87
N SER A 209 4.36 -24.93 -21.89
CA SER A 209 2.91 -24.85 -21.91
C SER A 209 2.41 -23.41 -21.90
N LEU A 210 3.26 -22.46 -21.52
CA LEU A 210 2.83 -21.07 -21.49
C LEU A 210 2.40 -20.58 -22.87
N THR A 211 3.02 -21.10 -23.95
CA THR A 211 2.56 -20.66 -25.27
C THR A 211 1.06 -20.79 -25.43
N GLU A 212 0.45 -21.74 -24.72
CA GLU A 212 -0.98 -21.96 -24.84
C GLU A 212 -1.81 -20.99 -24.03
N ALA A 213 -1.21 -20.26 -23.08
CA ALA A 213 -1.98 -19.50 -22.09
C ALA A 213 -2.18 -18.03 -22.44
N VAL A 214 -1.98 -17.62 -23.70
CA VAL A 214 -2.42 -16.32 -24.16
C VAL A 214 -3.78 -16.47 -24.81
N ARG A 215 -4.54 -15.37 -24.85
CA ARG A 215 -5.88 -15.40 -25.43
C ARG A 215 -5.85 -15.76 -26.91
N SER A 216 -6.92 -16.42 -27.36
CA SER A 216 -6.90 -17.08 -28.67
C SER A 216 -6.71 -16.12 -29.83
N SER A 217 -7.04 -14.84 -29.66
CA SER A 217 -6.78 -13.87 -30.72
C SER A 217 -5.37 -13.26 -30.65
N VAL A 218 -4.52 -13.75 -29.75
CA VAL A 218 -3.22 -13.11 -29.54
C VAL A 218 -2.17 -13.68 -30.48
N PRO A 219 -1.49 -12.83 -31.26
CA PRO A 219 -0.45 -13.34 -32.15
C PRO A 219 0.72 -13.88 -31.36
N ARG A 220 1.28 -14.97 -31.85
CA ARG A 220 2.46 -15.58 -31.24
C ARG A 220 3.52 -15.69 -32.33
N LEU A 221 4.61 -14.96 -32.16
CA LEU A 221 5.66 -14.91 -33.15
C LEU A 221 6.86 -15.69 -32.63
N LEU A 222 7.21 -16.74 -33.36
CA LEU A 222 8.38 -17.55 -33.09
C LEU A 222 9.53 -17.07 -33.95
N ILE A 223 10.64 -16.72 -33.33
CA ILE A 223 11.88 -16.44 -34.03
C ILE A 223 12.89 -17.48 -33.56
N ASN A 224 12.91 -18.62 -34.23
CA ASN A 224 13.75 -19.73 -33.80
C ASN A 224 14.42 -20.38 -35.01
N ARG A 225 15.34 -21.28 -34.72
CA ARG A 225 15.85 -22.16 -35.75
C ARG A 225 14.75 -23.05 -36.31
N ASP A 226 14.08 -23.81 -35.46
CA ASP A 226 13.05 -24.76 -35.87
C ASP A 226 11.68 -24.27 -35.46
N LEU A 227 10.68 -24.80 -36.17
CA LEU A 227 9.27 -24.69 -35.81
C LEU A 227 8.86 -26.08 -35.37
N VAL A 228 8.89 -26.33 -34.06
CA VAL A 228 8.60 -27.64 -33.53
C VAL A 228 7.83 -27.51 -32.22
N GLY A 229 7.26 -28.64 -31.79
CA GLY A 229 6.59 -28.73 -30.52
C GLY A 229 5.18 -28.17 -30.56
N PRO A 230 4.78 -27.57 -29.43
CA PRO A 230 3.40 -27.06 -29.29
C PRO A 230 2.95 -26.18 -30.45
N LEU A 231 3.72 -25.13 -30.76
CA LEU A 231 3.31 -24.21 -31.81
C LEU A 231 3.21 -24.89 -33.16
N ALA A 232 3.99 -25.95 -33.39
CA ALA A 232 3.87 -26.68 -34.64
C ALA A 232 2.60 -27.52 -34.65
N TRP A 233 2.29 -28.16 -33.52
CA TRP A 233 1.20 -29.12 -33.47
C TRP A 233 -0.15 -28.43 -33.56
N HIS A 234 -0.49 -27.62 -32.54
CA HIS A 234 -1.75 -26.91 -32.43
C HIS A 234 -1.53 -25.42 -32.69
N PRO A 235 -1.49 -25.02 -33.96
CA PRO A 235 -1.20 -23.62 -34.32
C PRO A 235 -2.46 -22.81 -34.42
N ARG A 236 -2.31 -21.53 -34.14
CA ARG A 236 -3.43 -20.60 -34.18
C ARG A 236 -3.28 -19.66 -35.37
N SER A 237 -4.44 -19.22 -35.89
CA SER A 237 -4.48 -18.48 -37.14
C SER A 237 -3.49 -17.32 -37.17
N ARG A 238 -3.36 -16.60 -36.07
CA ARG A 238 -2.51 -15.42 -36.03
C ARG A 238 -1.11 -15.75 -35.52
N ASP A 239 -0.67 -17.01 -35.68
CA ASP A 239 0.73 -17.40 -35.46
C ASP A 239 1.62 -17.07 -36.68
N VAL A 240 2.91 -16.86 -36.38
CA VAL A 240 3.90 -16.30 -37.30
C VAL A 240 5.26 -16.87 -36.91
N ALA A 241 6.00 -17.41 -37.87
CA ALA A 241 7.29 -18.02 -37.56
C ALA A 241 8.37 -17.50 -38.51
N GLN A 242 9.44 -16.99 -37.91
CA GLN A 242 10.59 -16.46 -38.63
C GLN A 242 11.76 -17.43 -38.41
N LEU A 243 11.74 -18.52 -39.16
CA LEU A 243 12.71 -19.60 -38.96
C LEU A 243 14.09 -19.25 -39.52
N GLY A 244 15.11 -19.62 -38.77
CA GLY A 244 16.46 -19.27 -39.13
C GLY A 244 17.28 -18.98 -37.88
N ASP A 245 18.42 -18.33 -38.12
CA ASP A 245 19.28 -17.92 -37.02
C ASP A 245 18.59 -16.80 -36.28
N VAL A 246 18.50 -16.95 -34.94
CA VAL A 246 17.68 -16.07 -34.11
C VAL A 246 18.11 -14.61 -34.27
N VAL A 247 19.42 -14.35 -34.11
CA VAL A 247 19.97 -13.00 -34.26
C VAL A 247 19.48 -12.37 -35.55
N HIS A 248 19.66 -13.07 -36.66
CA HIS A 248 19.29 -12.49 -37.94
C HIS A 248 17.80 -12.19 -37.98
N GLY A 249 16.97 -13.14 -37.54
CA GLY A 249 15.54 -12.90 -37.49
C GLY A 249 15.18 -11.65 -36.69
N VAL A 250 15.77 -11.51 -35.50
CA VAL A 250 15.54 -10.31 -34.70
C VAL A 250 15.97 -9.08 -35.46
N GLU A 251 17.18 -9.08 -36.03
CA GLU A 251 17.68 -7.90 -36.72
C GLU A 251 16.77 -7.52 -37.89
N SER A 252 16.17 -8.53 -38.56
CA SER A 252 15.14 -8.29 -39.58
C SER A 252 13.92 -7.60 -38.98
N LEU A 253 13.43 -8.12 -37.86
CA LEU A 253 12.31 -7.46 -37.18
C LEU A 253 12.68 -6.02 -36.84
N VAL A 254 13.88 -5.82 -36.30
CA VAL A 254 14.32 -4.48 -35.92
C VAL A 254 14.31 -3.52 -37.12
N GLU A 255 14.85 -3.97 -38.26
CA GLU A 255 14.83 -3.09 -39.41
C GLU A 255 13.40 -2.82 -39.84
N LEU A 256 12.56 -3.84 -39.89
CA LEU A 256 11.19 -3.56 -40.29
C LEU A 256 10.48 -2.65 -39.30
N LEU A 257 11.01 -2.50 -38.09
CA LEU A 257 10.38 -1.66 -37.09
C LEU A 257 10.78 -0.21 -37.23
N GLY A 258 11.98 0.05 -37.72
CA GLY A 258 12.55 1.37 -37.72
C GLY A 258 13.73 1.51 -36.78
N TRP A 259 14.08 0.46 -36.04
CA TRP A 259 14.96 0.64 -34.89
C TRP A 259 16.40 0.28 -35.15
N THR A 260 16.76 -0.17 -36.36
CA THR A 260 18.15 -0.51 -36.63
C THR A 260 19.10 0.61 -36.18
N GLU A 261 18.72 1.86 -36.42
CA GLU A 261 19.61 2.95 -36.07
C GLU A 261 19.81 3.05 -34.55
N GLU A 262 18.72 3.22 -33.79
CA GLU A 262 18.87 3.38 -32.35
C GLU A 262 19.28 2.09 -31.67
N MET A 263 19.06 0.94 -32.32
CA MET A 263 19.66 -0.32 -31.89
C MET A 263 21.18 -0.26 -31.94
N ARG A 264 21.76 0.11 -33.10
CA ARG A 264 23.21 0.26 -33.20
C ARG A 264 23.71 1.16 -32.08
N ASP A 265 23.03 2.29 -31.88
CA ASP A 265 23.46 3.23 -30.85
C ASP A 265 23.47 2.58 -29.48
N LEU A 266 22.40 1.87 -29.14
CA LEU A 266 22.28 1.27 -27.82
C LEU A 266 23.33 0.20 -27.59
N VAL A 267 23.54 -0.67 -28.60
CA VAL A 267 24.55 -1.71 -28.46
C VAL A 267 25.92 -1.10 -28.26
N GLN A 268 26.26 -0.08 -29.03
CA GLN A 268 27.59 0.47 -28.90
C GLN A 268 27.74 1.19 -27.57
N ARG A 269 26.71 1.94 -27.16
CA ARG A 269 26.77 2.60 -25.86
C ARG A 269 26.98 1.59 -24.72
N GLU A 270 26.17 0.52 -24.70
CA GLU A 270 26.26 -0.42 -23.58
C GLU A 270 27.57 -1.20 -23.61
N THR A 271 27.90 -1.84 -24.74
CA THR A 271 29.19 -2.52 -24.86
C THR A 271 30.38 -1.58 -24.59
N GLY A 272 30.19 -0.27 -24.74
CA GLY A 272 31.22 0.66 -24.30
C GLY A 272 31.30 0.77 -22.79
N LYS A 273 30.15 0.94 -22.13
CA LYS A 273 30.08 0.90 -20.67
C LYS A 273 30.83 -0.31 -20.12
N LEU A 274 30.43 -1.50 -20.52
CA LEU A 274 31.09 -2.72 -20.03
C LEU A 274 32.52 -2.83 -20.55
N LYS B 2 -24.14 -22.53 12.09
CA LYS B 2 -23.17 -21.44 12.12
C LYS B 2 -21.92 -21.84 12.92
N LEU B 3 -20.73 -21.54 12.41
CA LEU B 3 -19.58 -22.19 13.03
C LEU B 3 -19.13 -21.49 14.29
N SER B 4 -18.41 -22.24 15.13
CA SER B 4 -17.89 -21.77 16.40
C SER B 4 -16.38 -21.93 16.42
N LEU B 5 -15.73 -21.29 17.41
CA LEU B 5 -14.27 -21.35 17.48
C LEU B 5 -13.80 -22.80 17.69
N GLN B 6 -14.59 -23.59 18.41
CA GLN B 6 -14.32 -25.01 18.54
C GLN B 6 -14.49 -25.73 17.21
N ASP B 7 -15.50 -25.32 16.45
CA ASP B 7 -15.71 -25.91 15.13
C ASP B 7 -14.45 -25.81 14.29
N VAL B 8 -13.88 -24.62 14.21
CA VAL B 8 -12.66 -24.40 13.44
C VAL B 8 -11.52 -25.23 14.00
N ALA B 9 -11.42 -25.29 15.34
CA ALA B 9 -10.32 -26.07 15.93
C ALA B 9 -10.46 -27.54 15.57
N GLU B 10 -11.68 -28.07 15.62
CA GLU B 10 -11.88 -29.48 15.28
C GLU B 10 -11.73 -29.71 13.80
N LEU B 11 -12.02 -28.71 12.97
CA LEU B 11 -11.77 -28.84 11.54
C LEU B 11 -10.27 -28.96 11.27
N ILE B 12 -9.46 -28.10 11.89
CA ILE B 12 -8.00 -28.25 11.83
C ILE B 12 -7.57 -29.62 12.32
N ARG B 13 -8.14 -30.07 13.45
CA ARG B 13 -7.67 -31.33 14.02
C ARG B 13 -8.01 -32.52 13.11
N ALA B 14 -9.18 -32.50 12.47
CA ALA B 14 -9.56 -33.54 11.52
C ALA B 14 -8.72 -33.58 10.25
N ARG B 15 -7.75 -32.67 10.12
CA ARG B 15 -7.04 -32.43 8.88
C ARG B 15 -8.00 -32.09 7.77
N ALA B 16 -9.17 -31.52 8.08
CA ALA B 16 -10.07 -31.03 7.05
C ALA B 16 -9.75 -29.61 6.62
N CYS B 17 -8.93 -28.92 7.38
CA CYS B 17 -8.24 -27.71 6.92
C CYS B 17 -6.76 -28.00 7.00
N GLN B 18 -6.10 -28.02 5.83
CA GLN B 18 -4.66 -28.24 5.78
C GLN B 18 -3.93 -27.28 4.86
N ARG B 19 -4.62 -26.41 4.15
CA ARG B 19 -3.99 -25.30 3.41
C ARG B 19 -4.54 -24.00 4.00
N VAL B 20 -3.86 -23.48 5.02
CA VAL B 20 -4.35 -22.36 5.81
C VAL B 20 -3.67 -21.07 5.34
N VAL B 21 -4.46 -20.15 4.83
CA VAL B 21 -3.97 -18.84 4.44
C VAL B 21 -4.28 -17.89 5.58
N VAL B 22 -3.30 -17.05 5.92
CA VAL B 22 -3.39 -16.18 7.09
C VAL B 22 -3.06 -14.74 6.70
N MET B 23 -4.00 -13.82 6.97
CA MET B 23 -3.71 -12.39 6.91
C MET B 23 -3.48 -11.85 8.32
N VAL B 24 -2.49 -10.97 8.48
CA VAL B 24 -2.26 -10.30 9.74
C VAL B 24 -1.96 -8.81 9.52
N GLY B 25 -2.14 -8.03 10.59
CA GLY B 25 -1.86 -6.59 10.57
C GLY B 25 -1.18 -6.08 11.82
N ALA B 26 -1.36 -4.79 12.13
CA ALA B 26 -0.61 -4.19 13.22
C ALA B 26 -0.91 -4.82 14.57
N GLY B 27 -2.12 -5.36 14.72
CA GLY B 27 -2.58 -5.76 16.03
C GLY B 27 -1.83 -6.93 16.61
N ILE B 28 -1.29 -7.81 15.76
CA ILE B 28 -0.51 -8.93 16.28
C ILE B 28 0.86 -8.50 16.74
N SER B 29 1.25 -7.24 16.50
CA SER B 29 2.56 -6.76 16.93
C SER B 29 2.53 -5.76 18.07
N THR B 30 1.37 -5.20 18.43
CA THR B 30 1.32 -4.38 19.63
C THR B 30 1.74 -5.16 20.89
N PRO B 31 1.39 -6.45 21.07
CA PRO B 31 1.86 -7.16 22.28
C PRO B 31 3.38 -7.34 22.33
N SER B 32 4.10 -6.91 21.32
CA SER B 32 5.56 -6.94 21.35
C SER B 32 6.19 -5.57 21.55
N GLY B 33 5.42 -4.48 21.34
CA GLY B 33 5.89 -3.11 21.54
C GLY B 33 6.04 -2.26 20.28
N ILE B 34 5.58 -2.72 19.12
CA ILE B 34 5.64 -1.96 17.87
C ILE B 34 4.41 -1.06 17.78
N PRO B 35 4.55 0.22 17.40
CA PRO B 35 3.38 1.12 17.41
C PRO B 35 2.33 0.76 16.35
N ASP B 36 1.07 1.12 16.65
CA ASP B 36 -0.06 0.95 15.74
C ASP B 36 -0.65 2.26 15.24
N PHE B 37 -0.41 3.37 15.95
CA PHE B 37 -0.82 4.76 15.62
C PHE B 37 -2.27 5.07 16.01
N ASP B 52 6.46 17.36 13.94
CA ASP B 52 5.38 16.57 14.53
C ASP B 52 4.41 16.08 13.44
N LEU B 53 3.66 15.03 13.78
CA LEU B 53 2.80 14.35 12.83
C LEU B 53 1.42 15.01 12.77
N PRO B 54 0.99 15.51 11.60
CA PRO B 54 -0.30 16.23 11.56
C PRO B 54 -1.53 15.34 11.70
N TYR B 55 -1.42 14.09 11.27
CA TYR B 55 -2.42 13.03 11.42
C TYR B 55 -1.70 11.71 11.20
N PRO B 56 -2.24 10.59 11.71
CA PRO B 56 -1.42 9.36 11.79
C PRO B 56 -0.93 8.80 10.44
N GLU B 57 -1.69 8.95 9.37
CA GLU B 57 -1.33 8.33 8.10
C GLU B 57 -0.21 9.06 7.37
N ALA B 58 0.06 10.30 7.73
CA ALA B 58 1.04 11.03 6.95
C ALA B 58 2.45 10.48 7.13
N ILE B 59 2.65 9.55 8.05
CA ILE B 59 3.98 8.95 8.14
C ILE B 59 4.24 8.04 6.95
N PHE B 60 3.19 7.42 6.39
CA PHE B 60 3.30 6.56 5.21
C PHE B 60 2.69 7.23 3.98
N GLU B 61 2.76 8.56 3.94
CA GLU B 61 2.37 9.32 2.78
C GLU B 61 3.59 9.99 2.15
N LEU B 62 3.65 9.96 0.80
CA LEU B 62 4.79 10.59 0.12
C LEU B 62 4.83 12.11 0.28
N PRO B 63 3.75 12.87 0.02
CA PRO B 63 3.90 14.33 0.10
C PRO B 63 4.36 14.82 1.45
N PHE B 64 3.84 14.26 2.54
CA PHE B 64 4.38 14.64 3.84
C PHE B 64 5.81 14.13 4.01
N PHE B 65 6.12 12.93 3.50
CA PHE B 65 7.45 12.39 3.67
C PHE B 65 8.50 13.25 2.96
N PHE B 66 8.10 13.94 1.88
CA PHE B 66 9.01 14.89 1.23
C PHE B 66 9.03 16.23 1.93
N HIS B 67 7.94 16.61 2.61
CA HIS B 67 8.03 17.80 3.45
C HIS B 67 8.88 17.58 4.70
N ASN B 68 8.89 16.35 5.25
CA ASN B 68 9.67 16.04 6.45
C ASN B 68 9.81 14.53 6.66
N PRO B 69 10.91 13.92 6.21
CA PRO B 69 11.11 12.48 6.41
C PRO B 69 11.50 12.10 7.83
N LYS B 70 11.85 13.06 8.68
CA LYS B 70 12.37 12.73 9.99
C LYS B 70 11.42 11.86 10.82
N PRO B 71 10.10 12.08 10.84
CA PRO B 71 9.23 11.12 11.55
C PRO B 71 9.40 9.70 11.07
N PHE B 72 9.20 9.48 9.78
CA PHE B 72 9.31 8.12 9.23
C PHE B 72 10.66 7.51 9.57
N PHE B 73 11.75 8.27 9.39
CA PHE B 73 13.05 7.68 9.61
C PHE B 73 13.34 7.46 11.09
N THR B 74 12.77 8.27 11.98
CA THR B 74 12.87 7.96 13.40
C THR B 74 12.21 6.62 13.70
N LEU B 75 11.03 6.38 13.11
CA LEU B 75 10.38 5.09 13.32
C LEU B 75 11.19 3.95 12.68
N ALA B 76 11.73 4.19 11.50
CA ALA B 76 12.58 3.20 10.85
C ALA B 76 13.77 2.87 11.72
N LYS B 77 14.42 3.91 12.26
CA LYS B 77 15.52 3.74 13.20
C LYS B 77 15.11 2.86 14.37
N GLU B 78 13.92 3.10 14.91
CA GLU B 78 13.48 2.29 16.04
C GLU B 78 13.04 0.88 15.64
N LEU B 79 12.89 0.59 14.35
CA LEU B 79 12.42 -0.72 13.93
C LEU B 79 13.51 -1.69 13.48
N TYR B 80 14.71 -1.19 13.16
CA TYR B 80 15.74 -2.06 12.58
C TYR B 80 16.04 -3.22 13.51
N PRO B 81 16.16 -4.45 12.98
CA PRO B 81 15.82 -5.66 13.76
C PRO B 81 16.67 -5.89 15.01
N GLY B 82 16.22 -6.88 15.78
CA GLY B 82 16.90 -7.34 16.97
C GLY B 82 16.33 -6.81 18.27
N ASN B 83 15.79 -5.59 18.28
CA ASN B 83 15.28 -5.00 19.51
C ASN B 83 14.06 -5.76 20.00
N TYR B 84 13.13 -6.06 19.09
CA TYR B 84 11.82 -6.60 19.42
C TYR B 84 11.78 -8.09 19.15
N LYS B 85 11.17 -8.86 20.07
CA LYS B 85 10.96 -10.30 19.94
C LYS B 85 9.53 -10.59 19.49
N PRO B 86 9.28 -11.69 18.76
CA PRO B 86 7.90 -12.06 18.44
C PRO B 86 7.15 -12.51 19.68
N ASN B 87 5.82 -12.51 19.56
CA ASN B 87 4.97 -12.97 20.66
C ASN B 87 4.22 -14.24 20.29
N VAL B 88 3.20 -14.58 21.06
CA VAL B 88 2.58 -15.89 20.96
C VAL B 88 1.87 -16.04 19.61
N THR B 89 1.27 -14.96 19.09
CA THR B 89 0.60 -15.05 17.80
C THR B 89 1.59 -15.44 16.70
N HIS B 90 2.75 -14.78 16.69
CA HIS B 90 3.80 -15.16 15.75
C HIS B 90 4.12 -16.64 15.85
N TYR B 91 4.31 -17.13 17.09
CA TYR B 91 4.74 -18.51 17.26
C TYR B 91 3.60 -19.49 17.02
N PHE B 92 2.35 -19.06 17.10
CA PHE B 92 1.25 -19.90 16.65
C PHE B 92 1.29 -20.04 15.14
N LEU B 93 1.67 -18.98 14.42
CA LEU B 93 1.80 -19.12 12.97
C LEU B 93 3.03 -19.93 12.60
N ARG B 94 4.13 -19.74 13.35
CA ARG B 94 5.29 -20.60 13.19
C ARG B 94 4.94 -22.07 13.46
N LEU B 95 4.15 -22.36 14.50
CA LEU B 95 3.75 -23.73 14.75
C LEU B 95 2.89 -24.26 13.61
N LEU B 96 2.03 -23.39 13.09
CA LEU B 96 1.18 -23.76 11.96
C LEU B 96 2.02 -24.26 10.80
N HIS B 97 3.07 -23.49 10.48
CA HIS B 97 4.05 -23.89 9.47
C HIS B 97 4.70 -25.22 9.83
N ASP B 98 5.40 -25.26 10.96
CA ASP B 98 6.08 -26.48 11.43
C ASP B 98 5.17 -27.70 11.35
N LYS B 99 3.88 -27.51 11.58
CA LYS B 99 2.95 -28.63 11.50
C LYS B 99 2.64 -29.05 10.07
N GLY B 100 3.02 -28.23 9.09
CA GLY B 100 2.74 -28.52 7.68
C GLY B 100 1.39 -28.05 7.18
N LEU B 101 0.82 -26.99 7.76
CA LEU B 101 -0.55 -26.56 7.47
C LEU B 101 -0.63 -25.15 6.88
N LEU B 102 0.45 -24.38 6.96
CA LEU B 102 0.47 -22.98 6.53
C LEU B 102 0.69 -22.91 5.02
N LEU B 103 -0.38 -22.68 4.26
CA LEU B 103 -0.19 -22.40 2.85
C LEU B 103 0.66 -21.13 2.67
N ARG B 104 0.16 -19.98 3.12
CA ARG B 104 0.96 -18.76 3.12
C ARG B 104 0.40 -17.73 4.10
N LEU B 105 1.29 -16.95 4.67
CA LEU B 105 0.95 -15.92 5.64
C LEU B 105 1.19 -14.54 5.01
N TYR B 106 0.10 -13.84 4.66
CA TYR B 106 0.15 -12.46 4.12
C TYR B 106 0.09 -11.42 5.25
N THR B 107 1.15 -10.62 5.42
CA THR B 107 1.26 -9.67 6.50
C THR B 107 1.34 -8.22 5.98
N GLN B 108 0.69 -7.29 6.71
CA GLN B 108 0.86 -5.84 6.51
C GLN B 108 1.98 -5.25 7.32
N ASN B 109 2.59 -6.03 8.20
CA ASN B 109 3.56 -5.50 9.14
C ASN B 109 4.91 -5.38 8.47
N ILE B 110 5.76 -4.57 9.08
CA ILE B 110 7.08 -4.33 8.53
C ILE B 110 8.12 -4.49 9.64
N ASP B 111 7.79 -5.30 10.64
CA ASP B 111 8.65 -5.52 11.80
C ASP B 111 9.46 -6.81 11.70
N GLY B 112 9.20 -7.63 10.68
CA GLY B 112 10.03 -8.78 10.43
C GLY B 112 9.98 -9.85 11.48
N LEU B 113 9.10 -9.72 12.47
CA LEU B 113 8.95 -10.77 13.47
C LEU B 113 8.43 -12.08 12.84
N GLU B 114 7.70 -12.00 11.73
CA GLU B 114 7.25 -13.23 11.08
C GLU B 114 8.43 -14.09 10.67
N ARG B 115 9.48 -13.46 10.14
CA ARG B 115 10.70 -14.21 9.88
C ARG B 115 11.31 -14.72 11.19
N VAL B 116 11.55 -13.81 12.15
CA VAL B 116 12.23 -14.13 13.39
C VAL B 116 11.49 -15.22 14.16
N SER B 117 10.17 -15.25 14.08
CA SER B 117 9.42 -16.42 14.53
C SER B 117 9.84 -17.71 13.85
N GLY B 118 10.60 -17.63 12.75
CA GLY B 118 11.06 -18.82 12.08
C GLY B 118 10.17 -19.32 10.97
N ILE B 119 9.38 -18.44 10.35
CA ILE B 119 8.65 -18.79 9.12
C ILE B 119 9.52 -18.48 7.91
N PRO B 120 9.76 -19.46 7.03
CA PRO B 120 10.57 -19.21 5.83
C PRO B 120 10.00 -18.09 4.97
N ALA B 121 10.88 -17.20 4.49
CA ALA B 121 10.49 -16.25 3.45
C ALA B 121 9.71 -16.94 2.33
N SER B 122 10.06 -18.19 2.00
CA SER B 122 9.31 -18.90 0.98
C SER B 122 7.83 -18.94 1.31
N LYS B 123 7.47 -18.86 2.59
CA LYS B 123 6.08 -19.03 3.03
C LYS B 123 5.40 -17.72 3.39
N LEU B 124 6.05 -16.57 3.17
CA LEU B 124 5.39 -15.32 3.57
C LEU B 124 5.43 -14.28 2.46
N VAL B 125 4.58 -13.26 2.64
CA VAL B 125 4.38 -12.19 1.65
C VAL B 125 4.24 -10.85 2.35
N GLU B 126 5.35 -10.12 2.46
CA GLU B 126 5.34 -8.80 3.10
C GLU B 126 4.65 -7.79 2.18
N ALA B 127 3.31 -7.82 2.25
CA ALA B 127 2.47 -7.06 1.34
C ALA B 127 2.75 -5.56 1.37
N HIS B 128 3.21 -5.00 2.50
CA HIS B 128 3.37 -3.54 2.55
C HIS B 128 4.85 -3.16 2.58
N GLY B 129 5.71 -3.99 2.03
CA GLY B 129 7.08 -3.61 1.89
C GLY B 129 8.00 -4.34 2.86
N THR B 130 9.22 -3.84 2.93
CA THR B 130 10.31 -4.41 3.72
C THR B 130 11.45 -3.41 3.73
N PHE B 131 12.29 -3.51 4.76
CA PHE B 131 13.52 -2.73 4.88
C PHE B 131 14.72 -3.39 4.19
N ALA B 132 14.51 -4.55 3.58
CA ALA B 132 15.59 -5.30 2.96
C ALA B 132 16.11 -4.64 1.70
N SER B 133 15.46 -3.56 1.27
CA SER B 133 15.79 -2.90 0.02
C SER B 133 15.35 -1.45 0.15
N ALA B 134 15.91 -0.60 -0.72
CA ALA B 134 15.56 0.80 -0.72
C ALA B 134 15.59 1.27 -2.16
N THR B 135 15.10 2.49 -2.40
CA THR B 135 14.89 2.97 -3.77
C THR B 135 14.90 4.49 -3.76
N CYS B 136 15.65 5.09 -4.69
CA CYS B 136 15.66 6.56 -4.75
C CYS B 136 14.28 7.06 -5.18
N THR B 137 13.72 7.95 -4.36
CA THR B 137 12.34 8.35 -4.52
C THR B 137 12.06 8.98 -5.87
N VAL B 138 13.08 9.46 -6.58
CA VAL B 138 12.89 10.23 -7.80
C VAL B 138 13.51 9.56 -9.03
N CYS B 139 14.70 8.97 -8.90
CA CYS B 139 15.36 8.34 -10.04
C CYS B 139 15.23 6.83 -10.07
N GLN B 140 14.61 6.23 -9.06
CA GLN B 140 14.19 4.83 -8.97
C GLN B 140 15.33 3.81 -8.87
N ARG B 141 16.57 4.24 -8.71
CA ARG B 141 17.70 3.32 -8.58
C ARG B 141 17.59 2.47 -7.34
N PRO B 142 17.70 1.15 -7.44
CA PRO B 142 17.62 0.29 -6.27
C PRO B 142 18.93 0.26 -5.50
N PHE B 143 18.80 0.03 -4.20
CA PHE B 143 19.92 -0.21 -3.30
C PHE B 143 19.53 -1.35 -2.37
N PRO B 144 20.49 -2.17 -1.97
CA PRO B 144 20.26 -3.08 -0.84
C PRO B 144 20.18 -2.27 0.45
N GLY B 145 19.54 -2.89 1.45
CA GLY B 145 19.19 -2.20 2.68
C GLY B 145 20.34 -1.42 3.30
N GLU B 146 21.49 -2.08 3.47
CA GLU B 146 22.50 -1.53 4.37
C GLU B 146 23.11 -0.22 3.88
N ASP B 147 23.20 0.01 2.57
CA ASP B 147 23.67 1.28 2.05
C ASP B 147 22.93 2.48 2.67
N ILE B 148 21.71 2.27 3.17
CA ILE B 148 20.94 3.33 3.79
C ILE B 148 21.18 3.38 5.29
N ARG B 149 21.28 2.22 5.94
CA ARG B 149 21.04 2.13 7.38
C ARG B 149 22.08 2.94 8.16
N ALA B 150 23.34 2.93 7.68
CA ALA B 150 24.37 3.73 8.29
C ALA B 150 23.92 5.18 8.37
N ASP B 151 23.52 5.73 7.23
CA ASP B 151 22.95 7.09 7.19
C ASP B 151 21.82 7.24 8.19
N VAL B 152 20.94 6.24 8.30
CA VAL B 152 19.80 6.44 9.17
C VAL B 152 20.23 6.38 10.62
N MET B 153 21.30 5.63 10.93
CA MET B 153 21.62 5.38 12.33
C MET B 153 22.20 6.61 13.01
N ALA B 154 22.76 7.55 12.25
CA ALA B 154 23.19 8.83 12.80
C ALA B 154 22.14 9.90 12.58
N ASP B 155 20.88 9.51 12.41
CA ASP B 155 19.78 10.44 12.21
C ASP B 155 20.02 11.29 10.95
N ARG B 156 20.73 10.74 9.97
CA ARG B 156 20.95 11.36 8.67
C ARG B 156 19.96 10.80 7.65
N VAL B 157 19.36 11.70 6.86
CA VAL B 157 18.45 11.32 5.77
C VAL B 157 19.32 10.83 4.62
N PRO B 158 19.22 9.57 4.24
CA PRO B 158 20.11 9.03 3.21
C PRO B 158 19.68 9.47 1.83
N ARG B 159 20.67 9.76 0.98
CA ARG B 159 20.40 10.35 -0.31
C ARG B 159 21.17 9.60 -1.38
N CYS B 160 20.77 9.85 -2.63
CA CYS B 160 21.21 9.04 -3.77
C CYS B 160 22.63 9.42 -4.17
N PRO B 161 23.53 8.44 -4.32
CA PRO B 161 24.86 8.75 -4.86
C PRO B 161 24.83 9.02 -6.37
N VAL B 162 23.66 9.36 -6.90
CA VAL B 162 23.51 9.63 -8.33
C VAL B 162 22.77 10.95 -8.54
N CYS B 163 21.54 11.06 -8.04
CA CYS B 163 20.77 12.29 -8.18
C CYS B 163 20.50 12.99 -6.85
N THR B 164 21.14 12.54 -5.75
CA THR B 164 21.08 13.14 -4.42
C THR B 164 19.66 13.21 -3.84
N GLY B 165 18.67 12.66 -4.55
CA GLY B 165 17.36 12.53 -3.97
C GLY B 165 17.34 11.56 -2.80
N VAL B 166 16.28 11.67 -1.99
CA VAL B 166 16.13 10.84 -0.81
C VAL B 166 15.88 9.40 -1.23
N VAL B 167 16.73 8.48 -0.78
CA VAL B 167 16.47 7.06 -0.97
C VAL B 167 15.72 6.57 0.25
N LYS B 168 14.64 5.83 0.01
CA LYS B 168 13.66 5.44 1.01
C LYS B 168 13.52 3.93 1.04
N PRO B 169 13.48 3.31 2.22
CA PRO B 169 13.31 1.84 2.26
C PRO B 169 12.03 1.46 1.54
N ASP B 170 12.02 0.25 0.99
CA ASP B 170 10.93 -0.21 0.15
C ASP B 170 9.71 -0.59 0.99
N ILE B 171 9.24 0.41 1.75
CA ILE B 171 7.97 0.36 2.49
C ILE B 171 6.88 0.96 1.62
N VAL B 172 5.81 0.19 1.39
CA VAL B 172 4.74 0.69 0.53
C VAL B 172 4.04 1.86 1.19
N PHE B 173 4.09 3.03 0.57
CA PHE B 173 3.34 4.13 1.13
C PHE B 173 1.95 4.24 0.51
N PHE B 174 1.12 5.03 1.16
CA PHE B 174 -0.17 5.38 0.57
C PHE B 174 0.09 6.01 -0.79
N GLY B 175 -0.56 5.45 -1.80
CA GLY B 175 -0.36 5.92 -3.15
C GLY B 175 0.64 5.12 -3.97
N GLU B 176 1.56 4.27 -3.27
CA GLU B 176 2.54 3.44 -4.00
C GLU B 176 1.90 2.11 -4.38
N PRO B 177 2.39 1.47 -5.42
CA PRO B 177 1.92 0.12 -5.73
C PRO B 177 2.50 -0.91 -4.76
N LEU B 178 1.73 -1.98 -4.59
CA LEU B 178 2.18 -3.05 -3.72
C LEU B 178 3.20 -3.94 -4.44
N PRO B 179 4.03 -4.64 -3.68
CA PRO B 179 5.11 -5.41 -4.29
C PRO B 179 4.57 -6.54 -5.15
N GLN B 180 5.33 -6.91 -6.18
CA GLN B 180 4.82 -7.89 -7.14
C GLN B 180 4.49 -9.22 -6.47
N ARG B 181 5.18 -9.55 -5.37
CA ARG B 181 4.92 -10.84 -4.72
C ARG B 181 3.51 -10.91 -4.13
N PHE B 182 2.88 -9.76 -3.93
CA PHE B 182 1.48 -9.74 -3.52
C PHE B 182 0.60 -10.54 -4.46
N LEU B 183 0.92 -10.55 -5.77
CA LEU B 183 0.04 -11.24 -6.71
C LEU B 183 0.08 -12.75 -6.56
N LEU B 184 0.96 -13.24 -5.69
CA LEU B 184 0.87 -14.61 -5.27
C LEU B 184 -0.56 -14.98 -4.85
N HIS B 185 -1.28 -14.00 -4.28
CA HIS B 185 -2.65 -14.24 -3.83
C HIS B 185 -3.52 -14.88 -4.90
N VAL B 186 -3.29 -14.53 -6.16
CA VAL B 186 -4.15 -15.07 -7.20
C VAL B 186 -4.11 -16.58 -7.31
N VAL B 187 -3.06 -17.24 -6.83
CA VAL B 187 -3.07 -18.71 -6.78
C VAL B 187 -3.16 -19.23 -5.36
N ASP B 188 -2.88 -18.41 -4.35
CA ASP B 188 -2.94 -18.92 -2.98
C ASP B 188 -4.39 -19.03 -2.51
N PHE B 189 -5.15 -17.93 -2.58
CA PHE B 189 -6.47 -17.89 -1.96
C PHE B 189 -7.46 -18.89 -2.56
N PRO B 190 -7.55 -19.10 -3.87
CA PRO B 190 -8.44 -20.17 -4.37
C PRO B 190 -8.04 -21.56 -3.89
N MET B 191 -6.81 -21.74 -3.39
CA MET B 191 -6.36 -23.05 -2.93
C MET B 191 -6.76 -23.31 -1.48
N ALA B 192 -6.72 -22.27 -0.66
CA ALA B 192 -6.94 -22.36 0.79
C ALA B 192 -8.26 -23.03 1.14
N ASP B 193 -8.23 -23.81 2.22
CA ASP B 193 -9.43 -24.39 2.79
C ASP B 193 -9.78 -23.79 4.15
N LEU B 194 -9.03 -22.79 4.59
CA LEU B 194 -9.32 -22.00 5.78
C LEU B 194 -8.53 -20.69 5.72
N LEU B 195 -9.20 -19.59 6.09
CA LEU B 195 -8.60 -18.26 6.13
C LEU B 195 -8.61 -17.75 7.56
N LEU B 196 -7.47 -17.21 8.02
CA LEU B 196 -7.33 -16.61 9.34
C LEU B 196 -6.97 -15.13 9.23
N ILE B 197 -7.84 -14.27 9.76
CA ILE B 197 -7.55 -12.84 9.92
C ILE B 197 -7.22 -12.58 11.39
N LEU B 198 -6.04 -12.00 11.64
CA LEU B 198 -5.52 -11.79 12.99
C LEU B 198 -5.08 -10.34 13.15
N GLY B 199 -5.65 -9.63 14.13
CA GLY B 199 -5.18 -8.30 14.49
C GLY B 199 -5.03 -7.34 13.34
N THR B 200 -6.09 -7.20 12.54
CA THR B 200 -6.11 -6.13 11.57
C THR B 200 -7.54 -5.61 11.44
N SER B 201 -7.67 -4.30 11.29
CA SER B 201 -8.98 -3.72 11.14
C SER B 201 -9.47 -3.73 9.70
N LEU B 202 -8.64 -4.23 8.78
CA LEU B 202 -8.95 -4.31 7.35
C LEU B 202 -9.23 -2.93 6.74
N GLU B 203 -8.44 -1.94 7.14
CA GLU B 203 -8.74 -0.56 6.79
C GLU B 203 -8.02 -0.09 5.54
N VAL B 204 -7.09 -0.88 4.99
CA VAL B 204 -6.30 -0.45 3.82
C VAL B 204 -6.49 -1.39 2.63
N GLU B 205 -6.65 -0.81 1.48
CA GLU B 205 -6.82 -1.56 0.25
C GLU B 205 -5.52 -1.52 -0.56
N PRO B 206 -5.24 -2.54 -1.39
CA PRO B 206 -6.03 -3.73 -1.72
C PRO B 206 -5.85 -4.94 -0.78
N PHE B 207 -4.95 -4.85 0.21
CA PHE B 207 -4.77 -5.95 1.16
C PHE B 207 -6.11 -6.46 1.71
N ALA B 208 -6.92 -5.56 2.28
CA ALA B 208 -8.19 -5.97 2.87
C ALA B 208 -9.05 -6.84 1.95
N SER B 209 -8.99 -6.57 0.64
CA SER B 209 -9.91 -7.24 -0.27
C SER B 209 -9.60 -8.71 -0.35
N LEU B 210 -8.38 -9.11 0.03
CA LEU B 210 -8.01 -10.51 0.12
C LEU B 210 -9.10 -11.35 0.79
N THR B 211 -9.72 -10.82 1.86
CA THR B 211 -10.73 -11.59 2.56
C THR B 211 -11.79 -12.20 1.62
N GLU B 212 -12.04 -11.56 0.48
CA GLU B 212 -13.15 -11.99 -0.36
C GLU B 212 -12.71 -12.93 -1.46
N ALA B 213 -11.42 -13.29 -1.48
CA ALA B 213 -10.83 -14.11 -2.51
C ALA B 213 -10.84 -15.61 -2.20
N VAL B 214 -11.31 -16.01 -1.04
CA VAL B 214 -11.51 -17.42 -0.74
C VAL B 214 -12.88 -17.82 -1.24
N ARG B 215 -13.09 -19.14 -1.42
CA ARG B 215 -14.35 -19.65 -1.93
C ARG B 215 -15.44 -19.64 -0.84
N SER B 216 -16.68 -19.83 -1.27
CA SER B 216 -17.83 -19.63 -0.37
C SER B 216 -17.84 -20.62 0.79
N SER B 217 -17.26 -21.81 0.59
CA SER B 217 -17.31 -22.86 1.58
C SER B 217 -16.21 -22.75 2.64
N VAL B 218 -15.31 -21.79 2.51
CA VAL B 218 -14.03 -21.83 3.21
C VAL B 218 -14.17 -20.97 4.49
N PRO B 219 -14.12 -21.58 5.67
CA PRO B 219 -14.31 -20.78 6.88
C PRO B 219 -13.31 -19.65 6.95
N ARG B 220 -13.79 -18.50 7.41
CA ARG B 220 -12.92 -17.35 7.63
C ARG B 220 -13.04 -17.00 9.10
N LEU B 221 -11.90 -16.99 9.78
CA LEU B 221 -11.85 -16.86 11.22
C LEU B 221 -11.15 -15.55 11.56
N LEU B 222 -11.88 -14.63 12.20
CA LEU B 222 -11.35 -13.34 12.61
C LEU B 222 -11.06 -13.38 14.10
N ILE B 223 -9.80 -13.12 14.47
CA ILE B 223 -9.34 -12.96 15.83
C ILE B 223 -8.82 -11.53 15.95
N ASN B 224 -9.64 -10.65 16.49
CA ASN B 224 -9.32 -9.23 16.44
C ASN B 224 -10.03 -8.56 17.61
N ARG B 225 -9.64 -7.32 17.87
CA ARG B 225 -10.34 -6.55 18.90
C ARG B 225 -11.77 -6.26 18.47
N ASP B 226 -11.94 -5.61 17.31
CA ASP B 226 -13.26 -5.31 16.76
C ASP B 226 -13.60 -6.28 15.63
N LEU B 227 -14.88 -6.32 15.29
CA LEU B 227 -15.34 -6.96 14.05
C LEU B 227 -15.35 -5.89 12.95
N VAL B 228 -14.45 -6.02 11.99
CA VAL B 228 -14.01 -4.90 11.17
C VAL B 228 -14.10 -5.25 9.69
N GLY B 229 -14.52 -4.28 8.88
CA GLY B 229 -14.36 -4.32 7.45
C GLY B 229 -15.39 -5.14 6.72
N PRO B 230 -14.94 -5.84 5.67
CA PRO B 230 -15.89 -6.62 4.86
C PRO B 230 -16.61 -7.66 5.71
N LEU B 231 -15.87 -8.31 6.60
CA LEU B 231 -16.46 -9.33 7.46
C LEU B 231 -17.61 -8.79 8.26
N ALA B 232 -17.53 -7.53 8.69
CA ALA B 232 -18.66 -6.95 9.44
C ALA B 232 -19.76 -6.52 8.50
N TRP B 233 -19.38 -5.98 7.33
CA TRP B 233 -20.30 -5.51 6.30
C TRP B 233 -21.04 -6.65 5.61
N HIS B 234 -20.36 -7.42 4.72
CA HIS B 234 -20.96 -8.55 4.02
C HIS B 234 -20.50 -9.90 4.61
N PRO B 235 -21.20 -10.44 5.59
CA PRO B 235 -20.75 -11.66 6.25
C PRO B 235 -21.11 -12.90 5.46
N ARG B 236 -20.30 -13.94 5.63
CA ARG B 236 -20.60 -15.21 4.99
C ARG B 236 -20.95 -16.27 6.03
N SER B 237 -21.56 -17.34 5.52
CA SER B 237 -22.18 -18.35 6.38
C SER B 237 -21.14 -19.06 7.25
N ARG B 238 -20.01 -19.47 6.67
CA ARG B 238 -18.98 -20.17 7.42
C ARG B 238 -17.97 -19.22 8.06
N ASP B 239 -18.41 -18.04 8.47
CA ASP B 239 -17.55 -17.10 9.16
C ASP B 239 -17.62 -17.34 10.66
N VAL B 240 -16.57 -16.89 11.35
CA VAL B 240 -16.38 -17.11 12.77
C VAL B 240 -15.54 -15.96 13.30
N ALA B 241 -16.07 -15.21 14.27
CA ALA B 241 -15.27 -14.17 14.91
C ALA B 241 -15.03 -14.53 16.37
N GLN B 242 -13.80 -14.31 16.82
CA GLN B 242 -13.43 -14.49 18.22
C GLN B 242 -12.92 -13.13 18.67
N LEU B 243 -13.84 -12.30 19.16
CA LEU B 243 -13.58 -10.88 19.37
C LEU B 243 -13.07 -10.59 20.77
N GLY B 244 -12.05 -9.74 20.83
CA GLY B 244 -11.38 -9.38 22.06
C GLY B 244 -9.89 -9.40 21.79
N ASP B 245 -9.09 -9.18 22.83
CA ASP B 245 -7.64 -9.18 22.72
C ASP B 245 -7.15 -10.34 21.85
N VAL B 246 -6.28 -10.02 20.89
CA VAL B 246 -5.85 -11.00 19.90
C VAL B 246 -5.12 -12.18 20.56
N VAL B 247 -4.24 -11.88 21.52
CA VAL B 247 -3.44 -12.95 22.13
C VAL B 247 -4.33 -13.94 22.86
N HIS B 248 -5.33 -13.44 23.58
CA HIS B 248 -6.23 -14.32 24.31
C HIS B 248 -6.99 -15.22 23.35
N GLY B 249 -7.47 -14.65 22.25
CA GLY B 249 -8.19 -15.44 21.26
C GLY B 249 -7.34 -16.55 20.70
N VAL B 250 -6.10 -16.21 20.29
CA VAL B 250 -5.18 -17.26 19.84
C VAL B 250 -5.04 -18.33 20.92
N GLU B 251 -4.57 -17.94 22.10
CA GLU B 251 -4.33 -18.90 23.16
C GLU B 251 -5.53 -19.80 23.42
N SER B 252 -6.75 -19.26 23.27
CA SER B 252 -7.96 -20.06 23.40
C SER B 252 -8.08 -21.09 22.29
N LEU B 253 -7.80 -20.67 21.03
CA LEU B 253 -7.80 -21.60 19.90
C LEU B 253 -6.75 -22.68 20.09
N VAL B 254 -5.53 -22.26 20.41
CA VAL B 254 -4.44 -23.17 20.76
C VAL B 254 -4.93 -24.24 21.73
N GLU B 255 -5.54 -23.81 22.85
CA GLU B 255 -5.97 -24.80 23.81
C GLU B 255 -7.05 -25.70 23.23
N LEU B 256 -8.02 -25.13 22.52
CA LEU B 256 -9.07 -26.00 21.96
C LEU B 256 -8.51 -26.98 20.93
N LEU B 257 -7.33 -26.68 20.36
CA LEU B 257 -6.69 -27.56 19.38
C LEU B 257 -5.90 -28.68 20.04
N GLY B 258 -5.46 -28.45 21.27
CA GLY B 258 -4.61 -29.40 21.95
C GLY B 258 -3.17 -28.96 22.08
N TRP B 259 -2.83 -27.75 21.70
CA TRP B 259 -1.42 -27.43 21.50
C TRP B 259 -0.84 -26.47 22.51
N THR B 260 -1.59 -26.10 23.55
CA THR B 260 -1.03 -25.27 24.63
C THR B 260 0.33 -25.80 25.08
N GLU B 261 0.45 -27.13 25.21
CA GLU B 261 1.69 -27.75 25.70
C GLU B 261 2.88 -27.47 24.78
N GLU B 262 2.79 -27.89 23.51
CA GLU B 262 3.90 -27.62 22.61
C GLU B 262 4.02 -26.15 22.24
N MET B 263 2.92 -25.38 22.25
CA MET B 263 3.05 -23.93 22.10
C MET B 263 3.99 -23.36 23.13
N ARG B 264 3.79 -23.70 24.40
CA ARG B 264 4.64 -23.17 25.47
C ARG B 264 6.07 -23.68 25.32
N ASP B 265 6.23 -24.96 24.97
CA ASP B 265 7.58 -25.50 24.72
C ASP B 265 8.31 -24.71 23.63
N LEU B 266 7.65 -24.52 22.48
CA LEU B 266 8.23 -23.82 21.36
C LEU B 266 8.57 -22.36 21.73
N VAL B 267 7.69 -21.69 22.45
CA VAL B 267 7.96 -20.30 22.75
C VAL B 267 9.20 -20.18 23.62
N GLN B 268 9.35 -21.06 24.61
CA GLN B 268 10.52 -20.93 25.45
C GLN B 268 11.78 -21.32 24.67
N ARG B 269 11.66 -22.34 23.80
CA ARG B 269 12.79 -22.75 22.99
C ARG B 269 13.29 -21.61 22.11
N GLU B 270 12.38 -20.85 21.52
CA GLU B 270 12.80 -19.84 20.54
C GLU B 270 13.21 -18.53 21.19
N THR B 271 12.51 -18.13 22.27
CA THR B 271 12.88 -16.91 22.97
C THR B 271 14.18 -17.05 23.75
N GLY B 272 14.54 -18.28 24.12
CA GLY B 272 15.89 -18.51 24.61
C GLY B 272 16.93 -18.01 23.62
N LYS B 273 16.90 -18.55 22.39
CA LYS B 273 17.89 -18.17 21.39
C LYS B 273 17.56 -16.79 20.80
N LYS C 2 18.01 -49.62 35.79
CA LYS C 2 17.36 -50.18 34.60
C LYS C 2 15.98 -49.59 34.47
N LEU C 3 15.66 -49.11 33.27
CA LEU C 3 14.41 -48.41 33.01
C LEU C 3 13.34 -49.37 32.51
N SER C 4 12.11 -49.08 32.88
CA SER C 4 10.99 -49.91 32.47
C SER C 4 10.35 -49.29 31.23
N LEU C 5 9.49 -50.08 30.58
CA LEU C 5 8.56 -49.47 29.64
C LEU C 5 7.91 -48.24 30.27
N GLN C 6 7.52 -48.37 31.54
CA GLN C 6 6.80 -47.29 32.21
C GLN C 6 7.68 -46.05 32.38
N ASP C 7 8.95 -46.23 32.78
CA ASP C 7 9.83 -45.08 32.94
C ASP C 7 9.82 -44.20 31.71
N VAL C 8 9.91 -44.82 30.52
CA VAL C 8 9.88 -44.09 29.26
C VAL C 8 8.52 -43.44 29.04
N ALA C 9 7.44 -44.20 29.26
CA ALA C 9 6.10 -43.63 29.15
C ALA C 9 5.98 -42.33 29.94
N GLU C 10 6.58 -42.29 31.13
CA GLU C 10 6.36 -41.09 31.94
C GLU C 10 7.35 -40.00 31.54
N LEU C 11 8.56 -40.37 31.07
CA LEU C 11 9.42 -39.38 30.40
C LEU C 11 8.68 -38.65 29.28
N ILE C 12 7.89 -39.38 28.47
CA ILE C 12 7.17 -38.74 27.38
C ILE C 12 6.01 -37.91 27.90
N ARG C 13 5.23 -38.48 28.83
CA ARG C 13 4.13 -37.75 29.44
C ARG C 13 4.62 -36.45 30.05
N ALA C 14 5.80 -36.50 30.71
CA ALA C 14 6.46 -35.31 31.25
C ALA C 14 7.01 -34.36 30.19
N ARG C 15 6.88 -34.69 28.89
CA ARG C 15 7.47 -33.89 27.82
C ARG C 15 8.98 -33.69 28.02
N ALA C 16 9.64 -34.59 28.76
CA ALA C 16 11.08 -34.54 28.93
C ALA C 16 11.82 -35.28 27.82
N CYS C 17 11.09 -36.08 27.04
CA CYS C 17 11.52 -36.51 25.71
C CYS C 17 10.57 -35.85 24.72
N GLN C 18 11.09 -34.95 23.89
CA GLN C 18 10.26 -34.28 22.90
C GLN C 18 10.85 -34.28 21.50
N ARG C 19 12.15 -34.45 21.34
CA ARG C 19 12.74 -34.72 20.03
C ARG C 19 12.97 -36.23 19.90
N VAL C 20 11.88 -36.98 19.60
CA VAL C 20 12.01 -38.44 19.51
C VAL C 20 12.26 -38.83 18.05
N VAL C 21 13.15 -39.80 17.85
CA VAL C 21 13.44 -40.34 16.53
C VAL C 21 13.03 -41.80 16.49
N VAL C 22 12.43 -42.21 15.38
CA VAL C 22 11.87 -43.55 15.21
C VAL C 22 12.55 -44.27 14.04
N MET C 23 12.83 -45.56 14.23
CA MET C 23 13.27 -46.43 13.14
C MET C 23 12.32 -47.64 13.08
N VAL C 24 11.92 -48.03 11.88
CA VAL C 24 10.89 -49.04 11.66
C VAL C 24 11.27 -49.88 10.45
N GLY C 25 10.70 -51.08 10.41
CA GLY C 25 10.95 -52.05 9.36
C GLY C 25 9.74 -52.92 9.10
N ALA C 26 9.95 -54.04 8.40
CA ALA C 26 8.82 -54.76 7.82
C ALA C 26 7.78 -55.12 8.88
N GLY C 27 8.25 -55.43 10.09
CA GLY C 27 7.39 -55.79 11.21
C GLY C 27 6.16 -54.94 11.39
N ILE C 28 6.35 -53.63 11.60
CA ILE C 28 5.24 -52.73 11.86
C ILE C 28 4.20 -52.68 10.76
N SER C 29 4.46 -53.29 9.60
CA SER C 29 3.45 -53.35 8.55
C SER C 29 2.97 -54.76 8.23
N THR C 30 3.68 -55.81 8.71
CA THR C 30 3.18 -57.16 8.49
C THR C 30 1.74 -57.32 8.98
N PRO C 31 1.31 -56.68 10.08
CA PRO C 31 -0.12 -56.73 10.45
C PRO C 31 -1.05 -55.98 9.52
N SER C 32 -0.55 -55.16 8.60
CA SER C 32 -1.46 -54.54 7.66
C SER C 32 -1.65 -55.37 6.40
N GLY C 33 -0.86 -56.43 6.23
CA GLY C 33 -0.87 -57.23 5.01
C GLY C 33 0.34 -57.07 4.12
N ILE C 34 1.24 -56.14 4.42
CA ILE C 34 2.52 -55.98 3.70
C ILE C 34 3.41 -57.18 3.97
N PRO C 35 4.03 -57.76 2.95
CA PRO C 35 4.88 -58.94 3.17
C PRO C 35 6.23 -58.57 3.76
N ASP C 36 6.71 -59.41 4.65
CA ASP C 36 8.05 -59.30 5.22
C ASP C 36 8.94 -60.23 4.41
N PHE C 37 9.90 -59.68 3.67
CA PHE C 37 10.84 -60.52 2.93
C PHE C 37 12.09 -60.77 3.79
N ARG C 38 11.84 -61.40 4.95
CA ARG C 38 12.81 -61.72 6.01
C ARG C 38 13.75 -60.55 6.30
N GLN C 50 4.18 -68.48 -3.76
CA GLN C 50 3.82 -67.18 -3.17
C GLN C 50 4.17 -66.04 -4.14
N TYR C 51 5.48 -65.83 -4.36
CA TYR C 51 6.00 -64.80 -5.26
C TYR C 51 6.98 -65.33 -6.28
N ASP C 52 7.41 -66.59 -6.17
CA ASP C 52 8.28 -67.29 -7.12
C ASP C 52 9.76 -67.07 -6.81
N LEU C 53 10.07 -66.74 -5.57
CA LEU C 53 11.46 -66.43 -5.26
C LEU C 53 12.23 -67.67 -4.79
N PRO C 54 13.57 -67.70 -5.01
CA PRO C 54 14.40 -68.73 -4.35
C PRO C 54 14.34 -68.62 -2.84
N TYR C 55 15.03 -67.63 -2.31
CA TYR C 55 14.94 -67.19 -0.94
C TYR C 55 14.21 -65.85 -0.87
N PRO C 56 13.84 -65.38 0.34
CA PRO C 56 13.00 -64.17 0.39
C PRO C 56 13.73 -62.89 -0.02
N GLU C 57 14.98 -62.71 0.40
CA GLU C 57 15.74 -61.50 0.11
C GLU C 57 15.95 -61.28 -1.40
N ALA C 58 15.71 -62.30 -2.22
CA ALA C 58 15.99 -62.26 -3.66
C ALA C 58 15.30 -61.08 -4.34
N ILE C 59 14.05 -60.82 -4.00
CA ILE C 59 13.26 -59.76 -4.61
C ILE C 59 13.86 -58.37 -4.42
N PHE C 60 14.89 -58.20 -3.58
CA PHE C 60 15.60 -56.93 -3.50
C PHE C 60 17.08 -57.11 -3.80
N GLU C 61 17.40 -58.07 -4.67
CA GLU C 61 18.76 -58.33 -5.12
C GLU C 61 18.87 -58.13 -6.61
N LEU C 62 19.95 -57.44 -7.07
CA LEU C 62 20.09 -57.16 -8.47
C LEU C 62 20.19 -58.42 -9.37
N PRO C 63 21.19 -59.31 -9.17
CA PRO C 63 21.31 -60.43 -10.12
C PRO C 63 20.02 -61.16 -10.35
N PHE C 64 19.29 -61.51 -9.28
CA PHE C 64 17.97 -62.09 -9.48
C PHE C 64 17.08 -61.14 -10.29
N PHE C 65 17.15 -59.84 -10.00
CA PHE C 65 16.21 -58.91 -10.64
C PHE C 65 16.42 -58.87 -12.14
N PHE C 66 17.67 -59.07 -12.58
CA PHE C 66 17.96 -59.21 -13.99
C PHE C 66 17.55 -60.57 -14.53
N HIS C 67 17.82 -61.66 -13.79
CA HIS C 67 17.38 -62.95 -14.30
C HIS C 67 15.86 -63.01 -14.37
N ASN C 68 15.18 -62.30 -13.50
CA ASN C 68 13.74 -62.31 -13.49
C ASN C 68 13.24 -61.13 -12.69
N PRO C 69 12.69 -60.11 -13.34
CA PRO C 69 12.12 -58.98 -12.59
C PRO C 69 10.64 -59.13 -12.24
N LYS C 70 9.95 -60.15 -12.75
CA LYS C 70 8.51 -60.28 -12.51
C LYS C 70 8.10 -60.21 -11.03
N PRO C 71 8.78 -60.87 -10.08
CA PRO C 71 8.32 -60.78 -8.69
C PRO C 71 8.28 -59.36 -8.16
N PHE C 72 9.29 -58.56 -8.52
CA PHE C 72 9.37 -57.20 -8.00
C PHE C 72 8.21 -56.37 -8.50
N PHE C 73 7.89 -56.47 -9.78
CA PHE C 73 6.79 -55.67 -10.27
C PHE C 73 5.44 -56.23 -9.83
N THR C 74 5.36 -57.51 -9.45
CA THR C 74 4.18 -57.97 -8.73
C THR C 74 4.01 -57.19 -7.45
N LEU C 75 5.08 -57.13 -6.65
CA LEU C 75 5.07 -56.34 -5.41
C LEU C 75 4.68 -54.90 -5.68
N ALA C 76 5.22 -54.31 -6.75
CA ALA C 76 4.98 -52.88 -7.00
C ALA C 76 3.54 -52.63 -7.43
N LYS C 77 2.92 -53.55 -8.16
CA LYS C 77 1.47 -53.40 -8.38
C LYS C 77 0.71 -53.54 -7.07
N GLU C 78 1.17 -54.42 -6.17
CA GLU C 78 0.51 -54.58 -4.86
C GLU C 78 0.61 -53.28 -4.08
N LEU C 79 1.83 -52.84 -3.81
CA LEU C 79 2.09 -51.70 -2.95
C LEU C 79 1.56 -50.41 -3.54
N TYR C 80 0.70 -50.52 -4.54
CA TYR C 80 0.04 -49.36 -5.11
C TYR C 80 -0.80 -48.69 -4.03
N PRO C 81 -0.54 -47.42 -3.72
CA PRO C 81 -1.26 -46.74 -2.65
C PRO C 81 -2.77 -46.87 -2.74
N GLY C 82 -3.40 -46.93 -1.56
CA GLY C 82 -4.84 -47.02 -1.41
C GLY C 82 -5.36 -48.44 -1.39
N ASN C 83 -4.47 -49.43 -1.46
CA ASN C 83 -4.83 -50.84 -1.41
C ASN C 83 -4.71 -51.40 0.00
N TYR C 84 -3.69 -50.99 0.72
CA TYR C 84 -3.43 -51.38 2.10
C TYR C 84 -3.66 -50.18 3.00
N LYS C 85 -4.02 -50.43 4.26
CA LYS C 85 -4.28 -49.34 5.18
C LYS C 85 -3.34 -49.41 6.39
N PRO C 86 -3.03 -48.27 7.01
CA PRO C 86 -2.18 -48.29 8.22
C PRO C 86 -2.82 -49.06 9.37
N ASN C 87 -1.97 -49.54 10.28
CA ASN C 87 -2.44 -50.10 11.54
C ASN C 87 -2.04 -49.17 12.69
N VAL C 88 -2.19 -49.68 13.91
CA VAL C 88 -2.04 -48.84 15.10
C VAL C 88 -0.60 -48.38 15.30
N THR C 89 0.40 -49.14 14.81
CA THR C 89 1.77 -48.67 14.92
C THR C 89 1.93 -47.33 14.19
N HIS C 90 1.41 -47.26 13.00
CA HIS C 90 1.53 -46.09 12.22
C HIS C 90 0.88 -44.96 12.94
N TYR C 91 -0.29 -45.22 13.43
CA TYR C 91 -1.04 -44.23 14.14
C TYR C 91 -0.43 -43.76 15.44
N PHE C 92 0.36 -44.58 16.10
CA PHE C 92 1.05 -44.17 17.31
C PHE C 92 2.03 -43.07 16.94
N LEU C 93 2.73 -43.28 15.85
CA LEU C 93 3.68 -42.36 15.30
C LEU C 93 2.97 -41.11 14.87
N ARG C 94 1.79 -41.24 14.30
CA ARG C 94 0.97 -40.10 13.91
C ARG C 94 0.74 -39.26 15.13
N LEU C 95 0.29 -39.89 16.20
CA LEU C 95 0.05 -39.20 17.46
C LEU C 95 1.24 -38.50 17.96
N LEU C 96 2.37 -39.15 17.93
CA LEU C 96 3.61 -38.54 18.37
C LEU C 96 3.88 -37.30 17.63
N HIS C 97 3.75 -37.34 16.33
CA HIS C 97 3.94 -36.18 15.52
C HIS C 97 2.99 -35.08 15.90
N ASP C 98 1.72 -35.39 15.97
CA ASP C 98 0.72 -34.39 16.25
C ASP C 98 0.79 -33.73 17.59
N LYS C 99 1.56 -34.30 18.48
CA LYS C 99 1.75 -33.76 19.83
C LYS C 99 3.06 -33.00 19.97
N GLY C 100 3.68 -32.60 18.86
CA GLY C 100 4.97 -31.93 18.95
C GLY C 100 6.13 -32.79 19.41
N LEU C 101 6.09 -34.11 19.21
CA LEU C 101 7.13 -34.99 19.76
C LEU C 101 8.02 -35.65 18.70
N LEU C 102 7.62 -35.72 17.44
CA LEU C 102 8.35 -36.47 16.42
C LEU C 102 9.44 -35.62 15.74
N LEU C 103 10.70 -35.99 15.94
CA LEU C 103 11.80 -35.31 15.26
C LEU C 103 11.93 -35.78 13.84
N ARG C 104 12.09 -37.08 13.65
CA ARG C 104 11.93 -37.71 12.34
C ARG C 104 11.68 -39.20 12.51
N LEU C 105 11.12 -39.78 11.45
CA LEU C 105 10.82 -41.20 11.40
C LEU C 105 11.52 -41.79 10.18
N TYR C 106 12.52 -42.64 10.45
CA TYR C 106 13.27 -43.36 9.44
C TYR C 106 12.62 -44.71 9.17
N THR C 107 12.19 -44.94 7.95
CA THR C 107 11.52 -46.20 7.61
C THR C 107 12.37 -46.99 6.59
N GLN C 108 12.42 -48.31 6.78
CA GLN C 108 12.86 -49.27 5.77
C GLN C 108 11.74 -49.71 4.84
N ASN C 109 10.52 -49.22 5.02
CA ASN C 109 9.33 -49.72 4.36
C ASN C 109 8.97 -48.85 3.16
N ILE C 110 8.44 -49.51 2.13
CA ILE C 110 8.16 -48.84 0.87
C ILE C 110 6.67 -48.98 0.54
N ASP C 111 5.83 -48.99 1.58
CA ASP C 111 4.38 -48.94 1.38
C ASP C 111 3.83 -47.55 1.66
N GLY C 112 4.68 -46.63 2.10
CA GLY C 112 4.28 -45.27 2.40
C GLY C 112 3.12 -45.16 3.37
N LEU C 113 2.87 -46.23 4.15
CA LEU C 113 1.82 -46.18 5.16
C LEU C 113 2.08 -45.08 6.20
N GLU C 114 3.34 -44.77 6.50
CA GLU C 114 3.64 -43.63 7.36
C GLU C 114 3.02 -42.35 6.80
N ARG C 115 3.16 -42.12 5.49
CA ARG C 115 2.55 -40.91 4.94
C ARG C 115 1.03 -41.02 4.83
N VAL C 116 0.52 -42.23 4.55
CA VAL C 116 -0.93 -42.41 4.50
C VAL C 116 -1.53 -42.16 5.87
N SER C 117 -0.80 -42.50 6.94
CA SER C 117 -1.32 -42.31 8.28
C SER C 117 -1.49 -40.83 8.62
N GLY C 118 -0.69 -39.96 8.00
CA GLY C 118 -0.88 -38.53 8.11
C GLY C 118 0.36 -37.73 8.48
N ILE C 119 1.54 -38.32 8.35
CA ILE C 119 2.77 -37.64 8.74
C ILE C 119 3.28 -36.81 7.56
N PRO C 120 3.71 -35.57 7.78
CA PRO C 120 4.20 -34.76 6.66
C PRO C 120 5.42 -35.41 6.03
N ALA C 121 5.53 -35.29 4.71
CA ALA C 121 6.76 -35.72 4.08
C ALA C 121 7.96 -35.16 4.82
N SER C 122 7.86 -33.90 5.29
CA SER C 122 9.01 -33.27 5.94
C SER C 122 9.56 -34.10 7.09
N LYS C 123 8.73 -34.98 7.66
CA LYS C 123 9.09 -35.79 8.82
C LYS C 123 9.49 -37.23 8.47
N LEU C 124 9.30 -37.70 7.24
CA LEU C 124 9.71 -39.05 6.87
C LEU C 124 11.13 -39.07 6.35
N VAL C 125 11.74 -40.25 6.41
CA VAL C 125 12.93 -40.58 5.61
C VAL C 125 12.76 -42.01 5.11
N GLU C 126 12.49 -42.17 3.81
CA GLU C 126 12.17 -43.48 3.24
C GLU C 126 13.47 -44.07 2.72
N ALA C 127 14.27 -44.52 3.68
CA ALA C 127 15.70 -44.74 3.47
C ALA C 127 15.99 -45.96 2.61
N HIS C 128 15.00 -46.79 2.32
CA HIS C 128 15.16 -47.87 1.36
C HIS C 128 14.36 -47.59 0.09
N GLY C 129 14.10 -46.32 -0.18
CA GLY C 129 13.62 -45.90 -1.48
C GLY C 129 12.16 -45.53 -1.51
N THR C 130 11.70 -45.26 -2.74
CA THR C 130 10.35 -44.79 -3.02
C THR C 130 9.99 -45.20 -4.44
N PHE C 131 8.67 -45.33 -4.68
CA PHE C 131 8.12 -45.52 -6.02
C PHE C 131 7.83 -44.19 -6.69
N ALA C 132 8.13 -43.08 -6.03
CA ALA C 132 7.90 -41.76 -6.63
C ALA C 132 8.80 -41.49 -7.83
N SER C 133 9.90 -42.23 -7.95
CA SER C 133 10.83 -42.04 -9.04
C SER C 133 11.39 -43.41 -9.40
N ALA C 134 12.11 -43.47 -10.53
CA ALA C 134 12.55 -44.72 -11.10
C ALA C 134 13.74 -44.41 -12.02
N THR C 135 14.72 -45.32 -12.02
CA THR C 135 15.95 -45.14 -12.77
C THR C 135 16.17 -46.29 -13.73
N CYS C 136 16.59 -45.98 -14.96
CA CYS C 136 16.83 -47.06 -15.90
C CYS C 136 18.06 -47.86 -15.50
N THR C 137 17.90 -49.19 -15.47
CA THR C 137 18.99 -50.05 -15.02
C THR C 137 20.18 -50.06 -15.96
N VAL C 138 20.06 -49.54 -17.18
CA VAL C 138 21.11 -49.63 -18.21
C VAL C 138 21.72 -48.26 -18.51
N CYS C 139 20.89 -47.25 -18.74
CA CYS C 139 21.41 -45.93 -19.11
C CYS C 139 21.34 -44.87 -18.01
N GLN C 140 20.80 -45.21 -16.84
CA GLN C 140 20.81 -44.40 -15.62
C GLN C 140 19.93 -43.16 -15.70
N ARG C 141 18.98 -43.17 -16.59
CA ARG C 141 18.17 -42.00 -16.79
C ARG C 141 17.06 -41.95 -15.74
N PRO C 142 16.80 -40.78 -15.15
CA PRO C 142 15.74 -40.65 -14.15
C PRO C 142 14.37 -40.43 -14.75
N PHE C 143 13.38 -41.08 -14.17
CA PHE C 143 12.02 -40.97 -14.67
C PHE C 143 11.10 -40.71 -13.48
N PRO C 144 10.18 -39.76 -13.59
CA PRO C 144 9.15 -39.64 -12.56
C PRO C 144 8.29 -40.89 -12.55
N GLY C 145 7.86 -41.28 -11.34
CA GLY C 145 7.22 -42.58 -11.17
C GLY C 145 5.96 -42.77 -12.00
N GLU C 146 5.18 -41.70 -12.16
CA GLU C 146 3.97 -41.78 -12.98
C GLU C 146 4.27 -42.29 -14.38
N ASP C 147 5.42 -41.90 -14.94
CA ASP C 147 5.77 -42.30 -16.30
C ASP C 147 5.84 -43.82 -16.47
N ILE C 148 6.00 -44.61 -15.40
CA ILE C 148 5.95 -46.07 -15.57
C ILE C 148 4.66 -46.67 -15.03
N ARG C 149 3.83 -45.91 -14.33
CA ARG C 149 2.75 -46.51 -13.55
C ARG C 149 1.85 -47.38 -14.42
N ALA C 150 1.41 -46.87 -15.58
CA ALA C 150 0.48 -47.62 -16.42
C ALA C 150 1.06 -48.99 -16.75
N ASP C 151 2.34 -49.00 -17.07
CA ASP C 151 2.99 -50.26 -17.42
C ASP C 151 2.90 -51.23 -16.26
N VAL C 152 3.31 -50.79 -15.07
CA VAL C 152 3.24 -51.66 -13.90
C VAL C 152 1.81 -52.06 -13.59
N MET C 153 0.87 -51.12 -13.68
CA MET C 153 -0.48 -51.51 -13.30
C MET C 153 -1.10 -52.46 -14.33
N ALA C 154 -0.37 -52.78 -15.39
CA ALA C 154 -0.80 -53.71 -16.42
C ALA C 154 0.08 -54.95 -16.52
N ASP C 155 0.89 -55.22 -15.51
CA ASP C 155 1.81 -56.37 -15.50
C ASP C 155 2.73 -56.37 -16.72
N ARG C 156 3.26 -55.19 -17.04
CA ARG C 156 4.25 -55.00 -18.09
C ARG C 156 5.50 -54.40 -17.45
N VAL C 157 6.66 -54.98 -17.76
CA VAL C 157 7.93 -54.44 -17.26
C VAL C 157 8.28 -53.22 -18.09
N PRO C 158 8.42 -52.04 -17.47
CA PRO C 158 8.58 -50.81 -18.26
C PRO C 158 9.94 -50.73 -18.93
N ARG C 159 9.95 -50.18 -20.14
CA ARG C 159 11.18 -50.02 -20.91
C ARG C 159 11.51 -48.54 -21.12
N CYS C 160 12.82 -48.25 -21.21
CA CYS C 160 13.39 -46.91 -21.41
C CYS C 160 13.27 -46.52 -22.87
N PRO C 161 12.66 -45.39 -23.19
CA PRO C 161 12.45 -45.06 -24.60
C PRO C 161 13.73 -44.83 -25.38
N VAL C 162 14.83 -44.48 -24.71
CA VAL C 162 16.14 -44.28 -25.32
C VAL C 162 16.85 -45.61 -25.52
N CYS C 163 17.33 -46.22 -24.43
CA CYS C 163 18.15 -47.42 -24.48
C CYS C 163 17.34 -48.72 -24.45
N THR C 164 16.03 -48.67 -24.17
CA THR C 164 15.12 -49.83 -24.17
C THR C 164 15.58 -50.90 -23.19
N GLY C 165 16.15 -50.48 -22.05
CA GLY C 165 16.39 -51.39 -20.93
C GLY C 165 15.29 -51.29 -19.88
N VAL C 166 15.41 -52.11 -18.84
CA VAL C 166 14.38 -52.12 -17.80
C VAL C 166 14.53 -50.89 -16.91
N VAL C 167 13.44 -50.13 -16.75
CA VAL C 167 13.41 -49.05 -15.77
C VAL C 167 12.99 -49.64 -14.44
N LYS C 168 13.78 -49.40 -13.40
CA LYS C 168 13.51 -49.95 -12.07
C LYS C 168 13.16 -48.82 -11.09
N PRO C 169 12.04 -48.92 -10.38
CA PRO C 169 11.73 -47.94 -9.34
C PRO C 169 12.86 -47.73 -8.33
N ASP C 170 12.91 -46.53 -7.75
CA ASP C 170 14.06 -46.14 -6.94
C ASP C 170 13.98 -46.69 -5.54
N ILE C 171 13.31 -47.85 -5.39
CA ILE C 171 13.49 -48.74 -4.24
C ILE C 171 14.94 -49.18 -4.16
N VAL C 172 15.55 -49.04 -2.98
CA VAL C 172 16.96 -49.39 -2.83
C VAL C 172 17.10 -50.90 -2.81
N PHE C 173 17.95 -51.43 -3.67
CA PHE C 173 18.27 -52.85 -3.66
C PHE C 173 19.62 -53.08 -2.97
N PHE C 174 19.87 -54.33 -2.63
CA PHE C 174 21.14 -54.65 -2.00
C PHE C 174 22.27 -54.34 -2.95
N GLY C 175 23.31 -53.69 -2.43
CA GLY C 175 24.42 -53.24 -3.25
C GLY C 175 24.25 -51.88 -3.87
N GLU C 176 23.07 -51.25 -3.70
CA GLU C 176 22.75 -49.91 -4.14
C GLU C 176 22.91 -48.93 -2.99
N PRO C 177 23.34 -47.71 -3.31
CA PRO C 177 23.46 -46.66 -2.28
C PRO C 177 22.12 -46.04 -1.89
N LEU C 178 22.08 -45.57 -0.65
CA LEU C 178 20.85 -45.04 -0.09
C LEU C 178 20.52 -43.65 -0.62
N PRO C 179 19.25 -43.24 -0.53
CA PRO C 179 18.85 -41.90 -0.95
C PRO C 179 19.59 -40.78 -0.24
N GLN C 180 19.60 -39.61 -0.89
CA GLN C 180 20.33 -38.48 -0.32
C GLN C 180 19.72 -38.03 1.00
N ARG C 181 18.38 -38.08 1.13
CA ARG C 181 17.68 -37.66 2.35
C ARG C 181 18.13 -38.47 3.59
N PHE C 182 18.68 -39.67 3.37
CA PHE C 182 19.29 -40.42 4.47
C PHE C 182 20.29 -39.58 5.25
N LEU C 183 20.99 -38.66 4.57
CA LEU C 183 22.00 -37.95 5.35
C LEU C 183 21.40 -37.00 6.38
N LEU C 184 20.07 -36.82 6.39
CA LEU C 184 19.48 -36.12 7.53
C LEU C 184 19.93 -36.73 8.86
N HIS C 185 20.37 -37.99 8.86
CA HIS C 185 20.75 -38.61 10.12
C HIS C 185 21.91 -37.87 10.79
N VAL C 186 22.78 -37.27 9.98
CA VAL C 186 23.91 -36.49 10.48
C VAL C 186 23.46 -35.40 11.43
N VAL C 187 22.25 -34.83 11.25
CA VAL C 187 21.72 -33.87 12.21
C VAL C 187 20.71 -34.47 13.19
N ASP C 188 19.98 -35.48 12.74
CA ASP C 188 18.87 -35.93 13.57
C ASP C 188 19.32 -36.81 14.71
N PHE C 189 20.33 -37.65 14.50
CA PHE C 189 20.62 -38.61 15.54
C PHE C 189 21.39 -38.00 16.71
N PRO C 190 22.28 -37.03 16.50
CA PRO C 190 22.84 -36.31 17.67
C PRO C 190 21.81 -35.46 18.41
N MET C 191 20.66 -35.20 17.82
CA MET C 191 19.68 -34.28 18.35
C MET C 191 18.56 -34.97 19.10
N ALA C 192 18.51 -36.30 19.07
CA ALA C 192 17.40 -37.02 19.66
C ALA C 192 17.59 -37.15 21.16
N ASP C 193 16.47 -37.16 21.86
CA ASP C 193 16.45 -37.38 23.29
C ASP C 193 15.67 -38.62 23.64
N LEU C 194 15.20 -39.36 22.63
CA LEU C 194 14.58 -40.66 22.79
C LEU C 194 14.59 -41.34 21.44
N LEU C 195 14.89 -42.66 21.41
CA LEU C 195 15.02 -43.44 20.18
C LEU C 195 14.09 -44.64 20.23
N LEU C 196 13.10 -44.66 19.36
CA LEU C 196 12.20 -45.79 19.23
C LEU C 196 12.63 -46.68 18.08
N ILE C 197 12.53 -48.00 18.28
CA ILE C 197 12.85 -48.99 17.25
C ILE C 197 11.73 -50.03 17.20
N LEU C 198 11.04 -50.11 16.07
CA LEU C 198 9.81 -50.87 15.98
C LEU C 198 9.83 -51.85 14.81
N GLY C 199 9.46 -53.11 15.08
CA GLY C 199 9.29 -54.10 14.02
C GLY C 199 10.39 -54.31 12.97
N THR C 200 11.65 -54.17 13.34
CA THR C 200 12.76 -54.47 12.43
C THR C 200 13.84 -55.27 13.16
N SER C 201 14.33 -56.33 12.53
CA SER C 201 15.36 -57.13 13.16
C SER C 201 16.75 -56.55 12.95
N LEU C 202 16.85 -55.34 12.41
CA LEU C 202 18.11 -54.61 12.35
C LEU C 202 19.21 -55.40 11.64
N GLU C 203 18.84 -56.12 10.57
CA GLU C 203 19.73 -57.03 9.88
C GLU C 203 20.37 -56.43 8.65
N VAL C 204 19.96 -55.21 8.24
CA VAL C 204 20.45 -54.57 7.02
C VAL C 204 21.13 -53.27 7.38
N GLU C 205 22.37 -53.13 6.95
CA GLU C 205 23.18 -51.93 7.12
C GLU C 205 23.08 -51.03 5.89
N PRO C 206 23.42 -49.74 6.02
CA PRO C 206 23.84 -49.02 7.23
C PRO C 206 22.69 -48.58 8.11
N PHE C 207 21.47 -48.99 7.76
CA PHE C 207 20.29 -48.60 8.53
C PHE C 207 20.41 -49.02 9.99
N ALA C 208 20.75 -50.29 10.25
CA ALA C 208 20.75 -50.79 11.62
C ALA C 208 21.75 -50.05 12.50
N SER C 209 22.89 -49.63 11.93
CA SER C 209 23.92 -48.90 12.66
C SER C 209 23.43 -47.54 13.16
N LEU C 210 22.32 -47.03 12.65
CA LEU C 210 21.81 -45.79 13.22
C LEU C 210 21.47 -45.93 14.70
N THR C 211 21.17 -47.16 15.16
CA THR C 211 20.93 -47.37 16.57
C THR C 211 22.06 -46.85 17.42
N GLU C 212 23.30 -46.91 16.92
CA GLU C 212 24.46 -46.46 17.68
C GLU C 212 24.73 -44.96 17.57
N ALA C 213 23.93 -44.24 16.77
CA ALA C 213 24.19 -42.83 16.52
C ALA C 213 23.64 -41.91 17.60
N VAL C 214 22.66 -42.36 18.38
CA VAL C 214 22.14 -41.55 19.47
C VAL C 214 23.21 -41.43 20.55
N ARG C 215 23.03 -40.46 21.45
CA ARG C 215 23.92 -40.24 22.58
C ARG C 215 23.64 -41.24 23.70
N SER C 216 24.61 -41.39 24.59
CA SER C 216 24.51 -42.44 25.60
C SER C 216 23.49 -42.08 26.69
N SER C 217 23.26 -40.80 26.93
CA SER C 217 22.28 -40.36 27.91
C SER C 217 20.86 -40.69 27.46
N VAL C 218 20.72 -41.37 26.34
CA VAL C 218 19.48 -41.35 25.56
C VAL C 218 18.89 -42.76 25.55
N PRO C 219 17.67 -42.93 26.02
CA PRO C 219 17.07 -44.25 26.04
C PRO C 219 16.76 -44.70 24.63
N ARG C 220 17.09 -45.95 24.34
CA ARG C 220 16.67 -46.63 23.13
C ARG C 220 15.64 -47.67 23.53
N LEU C 221 14.46 -47.62 22.92
CA LEU C 221 13.35 -48.50 23.27
C LEU C 221 12.99 -49.35 22.07
N LEU C 222 13.17 -50.65 22.21
CA LEU C 222 12.86 -51.61 21.19
C LEU C 222 11.46 -52.17 21.44
N ILE C 223 10.66 -52.25 20.39
CA ILE C 223 9.38 -52.99 20.43
C ILE C 223 9.40 -53.91 19.21
N ASN C 224 9.92 -55.13 19.42
CA ASN C 224 10.08 -56.13 18.36
C ASN C 224 9.79 -57.52 18.93
N ARG C 225 9.65 -58.49 18.03
CA ARG C 225 9.54 -59.88 18.42
C ARG C 225 10.79 -60.33 19.16
N ASP C 226 11.93 -60.33 18.49
CA ASP C 226 13.19 -60.73 19.07
C ASP C 226 14.03 -59.52 19.45
N LEU C 227 15.03 -59.75 20.30
CA LEU C 227 16.09 -58.77 20.59
C LEU C 227 17.27 -59.05 19.67
N VAL C 228 17.59 -58.09 18.81
CA VAL C 228 18.43 -58.34 17.65
C VAL C 228 19.30 -57.14 17.33
N GLY C 229 20.39 -57.43 16.62
CA GLY C 229 21.19 -56.41 16.02
C GLY C 229 22.16 -55.75 16.97
N PRO C 230 22.57 -54.52 16.64
CA PRO C 230 23.50 -53.78 17.51
C PRO C 230 22.99 -53.59 18.94
N LEU C 231 21.67 -53.72 19.19
CA LEU C 231 21.12 -53.58 20.53
C LEU C 231 21.23 -54.86 21.35
N ALA C 232 21.63 -55.96 20.73
CA ALA C 232 21.97 -57.18 21.43
C ALA C 232 23.48 -57.35 21.63
N TRP C 233 24.28 -57.03 20.61
CA TRP C 233 25.72 -57.21 20.73
C TRP C 233 26.39 -56.06 21.48
N HIS C 234 25.77 -54.89 21.53
CA HIS C 234 26.35 -53.69 22.15
C HIS C 234 25.27 -52.96 22.93
N PRO C 235 24.91 -53.45 24.11
CA PRO C 235 23.84 -52.85 24.90
C PRO C 235 24.30 -51.56 25.60
N ARG C 236 23.30 -50.80 26.04
CA ARG C 236 23.52 -49.51 26.69
C ARG C 236 22.70 -49.41 27.98
N SER C 237 23.18 -48.58 28.91
CA SER C 237 22.59 -48.49 30.24
C SER C 237 21.10 -48.21 30.22
N ARG C 238 20.68 -47.28 29.37
CA ARG C 238 19.28 -46.85 29.37
C ARG C 238 18.47 -47.52 28.26
N ASP C 239 18.80 -48.77 27.92
CA ASP C 239 18.07 -49.49 26.89
C ASP C 239 16.85 -50.13 27.47
N VAL C 240 15.76 -50.14 26.71
CA VAL C 240 14.56 -50.86 27.09
C VAL C 240 14.16 -51.75 25.92
N ALA C 241 13.95 -53.04 26.19
CA ALA C 241 13.35 -53.97 25.25
C ALA C 241 11.92 -54.24 25.67
N GLN C 242 11.07 -54.48 24.69
CA GLN C 242 9.67 -54.84 24.91
C GLN C 242 9.36 -55.98 23.93
N LEU C 243 9.73 -57.20 24.31
CA LEU C 243 9.68 -58.30 23.38
C LEU C 243 8.30 -58.93 23.34
N GLY C 244 7.89 -59.34 22.15
CA GLY C 244 6.54 -59.79 21.86
C GLY C 244 6.03 -59.13 20.60
N ASP C 245 4.76 -59.44 20.29
CA ASP C 245 4.09 -58.85 19.13
C ASP C 245 4.23 -57.34 19.13
N VAL C 246 4.46 -56.78 17.96
CA VAL C 246 4.79 -55.36 17.87
C VAL C 246 3.58 -54.52 18.28
N VAL C 247 2.38 -54.87 17.83
CA VAL C 247 1.22 -54.06 18.24
C VAL C 247 0.81 -54.34 19.69
N HIS C 248 1.12 -55.53 20.23
CA HIS C 248 0.95 -55.72 21.66
C HIS C 248 1.75 -54.62 22.36
N GLY C 249 3.06 -54.63 22.16
CA GLY C 249 3.90 -53.62 22.78
C GLY C 249 3.40 -52.20 22.56
N VAL C 250 2.95 -51.91 21.35
CA VAL C 250 2.52 -50.54 21.08
C VAL C 250 1.28 -50.18 21.90
N GLU C 251 0.31 -51.08 21.99
CA GLU C 251 -0.87 -50.74 22.78
C GLU C 251 -0.55 -50.66 24.28
N SER C 252 0.42 -51.46 24.77
CA SER C 252 0.94 -51.27 26.13
C SER C 252 1.49 -49.85 26.32
N LEU C 253 2.28 -49.37 25.36
CA LEU C 253 2.81 -48.01 25.44
C LEU C 253 1.70 -46.97 25.40
N VAL C 254 0.65 -47.19 24.61
CA VAL C 254 -0.41 -46.18 24.58
C VAL C 254 -1.14 -46.16 25.90
N GLU C 255 -1.40 -47.34 26.48
CA GLU C 255 -2.07 -47.37 27.77
C GLU C 255 -1.27 -46.62 28.81
N LEU C 256 0.01 -46.95 28.96
CA LEU C 256 0.85 -46.23 29.92
C LEU C 256 0.92 -44.73 29.63
N LEU C 257 0.87 -44.32 28.36
CA LEU C 257 0.87 -42.89 28.10
C LEU C 257 -0.48 -42.26 28.38
N GLY C 258 -1.51 -43.08 28.58
CA GLY C 258 -2.86 -42.58 28.71
C GLY C 258 -3.39 -42.02 27.43
N TRP C 259 -3.04 -42.61 26.29
CA TRP C 259 -3.53 -42.14 25.01
C TRP C 259 -4.54 -43.08 24.37
N THR C 260 -4.71 -44.31 24.88
CA THR C 260 -5.65 -45.30 24.38
C THR C 260 -6.91 -44.67 23.81
N GLU C 261 -7.51 -43.77 24.59
CA GLU C 261 -8.77 -43.16 24.19
C GLU C 261 -8.56 -42.25 22.97
N GLU C 262 -7.71 -41.23 23.11
CA GLU C 262 -7.31 -40.44 21.95
C GLU C 262 -6.95 -41.34 20.78
N MET C 263 -6.19 -42.42 21.03
CA MET C 263 -5.79 -43.35 19.99
C MET C 263 -6.98 -43.85 19.19
N ARG C 264 -7.91 -44.60 19.80
CA ARG C 264 -8.86 -45.25 18.90
C ARG C 264 -9.94 -44.27 18.41
N ASP C 265 -10.07 -43.07 19.04
CA ASP C 265 -10.80 -42.01 18.38
C ASP C 265 -10.13 -41.65 17.04
N LEU C 266 -8.80 -41.44 17.07
CA LEU C 266 -8.06 -41.16 15.85
C LEU C 266 -8.23 -42.27 14.82
N VAL C 267 -8.07 -43.53 15.25
CA VAL C 267 -8.06 -44.64 14.33
C VAL C 267 -9.40 -44.79 13.64
N GLN C 268 -10.51 -44.60 14.38
CA GLN C 268 -11.81 -44.70 13.72
C GLN C 268 -12.03 -43.55 12.76
N ARG C 269 -11.63 -42.33 13.13
CA ARG C 269 -11.81 -41.20 12.22
C ARG C 269 -11.07 -41.43 10.91
N GLU C 270 -9.84 -41.97 10.98
CA GLU C 270 -9.06 -42.18 9.76
C GLU C 270 -9.59 -43.37 8.93
N THR C 271 -9.90 -44.49 9.59
CA THR C 271 -10.47 -45.62 8.87
C THR C 271 -11.78 -45.25 8.19
N GLY C 272 -12.50 -44.26 8.74
CA GLY C 272 -13.68 -43.74 8.07
C GLY C 272 -13.35 -42.83 6.91
N LYS C 273 -12.30 -42.01 7.06
CA LYS C 273 -11.83 -41.22 5.93
C LYS C 273 -11.49 -42.10 4.73
N LEU C 274 -10.97 -43.32 4.98
CA LEU C 274 -10.69 -44.28 3.89
C LEU C 274 -11.88 -45.19 3.56
N SER D 4 23.93 28.47 -37.91
CA SER D 4 24.17 27.49 -36.87
C SER D 4 22.93 26.67 -36.53
N LEU D 5 21.75 27.06 -37.02
CA LEU D 5 20.56 26.23 -36.79
C LEU D 5 20.51 25.06 -37.76
N GLN D 6 20.84 25.32 -39.03
CA GLN D 6 21.16 24.21 -39.91
C GLN D 6 22.22 23.33 -39.27
N ASP D 7 23.15 23.92 -38.50
CA ASP D 7 24.21 23.14 -37.87
C ASP D 7 23.68 22.21 -36.79
N VAL D 8 22.74 22.68 -35.94
CA VAL D 8 22.22 21.81 -34.89
C VAL D 8 21.41 20.66 -35.50
N ALA D 9 20.53 20.98 -36.44
CA ALA D 9 19.80 19.91 -37.13
C ALA D 9 20.77 18.91 -37.75
N GLU D 10 21.72 19.42 -38.54
CA GLU D 10 22.88 18.70 -39.04
C GLU D 10 23.38 17.68 -38.05
N LEU D 11 23.59 18.12 -36.79
CA LEU D 11 24.06 17.16 -35.80
C LEU D 11 23.01 16.11 -35.45
N ILE D 12 21.72 16.45 -35.49
CA ILE D 12 20.78 15.41 -35.03
C ILE D 12 20.49 14.36 -36.13
N ARG D 13 20.46 14.74 -37.41
CA ARG D 13 20.53 13.70 -38.44
C ARG D 13 21.80 12.90 -38.32
N ALA D 14 22.90 13.56 -37.97
CA ALA D 14 24.23 12.96 -37.93
C ALA D 14 24.46 12.12 -36.69
N ARG D 15 23.42 11.89 -35.88
CA ARG D 15 23.51 11.07 -34.67
C ARG D 15 24.35 11.72 -33.57
N ALA D 16 24.56 13.04 -33.64
CA ALA D 16 25.58 13.70 -32.82
C ALA D 16 25.07 14.24 -31.48
N CYS D 17 23.75 14.40 -31.31
CA CYS D 17 23.17 14.94 -30.07
C CYS D 17 22.26 13.84 -29.50
N GLN D 18 22.84 12.92 -28.74
CA GLN D 18 22.09 11.74 -28.38
C GLN D 18 21.27 11.90 -27.11
N ARG D 19 21.59 12.85 -26.24
CA ARG D 19 20.85 13.05 -25.00
C ARG D 19 20.17 14.40 -25.02
N VAL D 20 19.10 14.51 -25.83
CA VAL D 20 18.42 15.78 -26.00
C VAL D 20 17.46 16.05 -24.84
N VAL D 21 17.55 17.24 -24.24
CA VAL D 21 16.63 17.65 -23.20
C VAL D 21 15.80 18.82 -23.71
N VAL D 22 14.51 18.78 -23.42
CA VAL D 22 13.60 19.79 -23.94
C VAL D 22 12.99 20.56 -22.78
N MET D 23 12.79 21.87 -22.98
CA MET D 23 12.14 22.77 -22.04
C MET D 23 11.00 23.48 -22.77
N VAL D 24 9.80 23.35 -22.23
CA VAL D 24 8.59 23.75 -22.90
C VAL D 24 7.76 24.64 -21.98
N GLY D 25 7.02 25.59 -22.58
CA GLY D 25 6.21 26.55 -21.85
C GLY D 25 4.87 26.81 -22.52
N ALA D 26 4.14 27.82 -22.02
CA ALA D 26 2.76 28.06 -22.43
C ALA D 26 2.61 28.28 -23.94
N GLY D 27 3.62 28.88 -24.58
CA GLY D 27 3.55 29.14 -26.01
C GLY D 27 3.18 27.89 -26.80
N ILE D 28 3.87 26.78 -26.52
CA ILE D 28 3.67 25.53 -27.26
C ILE D 28 2.20 25.13 -27.32
N SER D 29 1.42 25.47 -26.30
CA SER D 29 0.06 24.96 -26.23
C SER D 29 -1.01 25.97 -26.61
N THR D 30 -0.64 27.23 -26.97
CA THR D 30 -1.70 28.11 -27.46
C THR D 30 -2.21 27.71 -28.86
N PRO D 31 -1.40 27.07 -29.73
CA PRO D 31 -1.96 26.53 -30.99
C PRO D 31 -3.06 25.49 -30.80
N SER D 32 -3.24 24.97 -29.59
CA SER D 32 -4.34 24.05 -29.35
C SER D 32 -5.56 24.75 -28.77
N GLY D 33 -5.36 25.92 -28.18
CA GLY D 33 -6.42 26.64 -27.51
C GLY D 33 -6.18 26.87 -26.03
N ILE D 34 -5.08 26.35 -25.46
CA ILE D 34 -4.86 26.48 -24.02
C ILE D 34 -4.50 27.92 -23.69
N PRO D 35 -5.16 28.53 -22.70
CA PRO D 35 -4.89 29.95 -22.38
C PRO D 35 -3.52 30.13 -21.72
N ASP D 36 -2.88 31.26 -22.04
CA ASP D 36 -1.58 31.64 -21.52
C ASP D 36 -1.79 32.73 -20.48
N PHE D 37 -1.75 32.36 -19.19
CA PHE D 37 -1.95 33.33 -18.11
C PHE D 37 -0.60 33.91 -17.68
N ARG D 38 -0.05 34.75 -18.55
CA ARG D 38 1.22 35.40 -18.25
C ARG D 38 1.19 36.83 -18.80
N SER D 39 2.13 37.63 -18.33
CA SER D 39 2.41 38.94 -18.91
C SER D 39 3.90 39.24 -18.72
N TYR D 51 -12.45 35.13 -18.36
CA TYR D 51 -12.79 34.49 -17.07
C TYR D 51 -13.34 35.53 -16.11
N ASP D 52 -12.48 35.94 -15.17
CA ASP D 52 -12.65 37.16 -14.40
C ASP D 52 -11.53 37.30 -13.36
N LEU D 53 -10.38 37.79 -13.78
CA LEU D 53 -9.25 37.95 -12.89
C LEU D 53 -8.86 39.42 -12.86
N PRO D 54 -8.31 39.90 -11.74
CA PRO D 54 -7.83 41.30 -11.70
C PRO D 54 -6.62 41.55 -12.60
N TYR D 55 -6.08 40.49 -13.21
CA TYR D 55 -4.91 40.40 -14.08
C TYR D 55 -4.61 38.91 -14.23
N PRO D 56 -3.97 38.49 -15.33
CA PRO D 56 -3.72 37.05 -15.56
C PRO D 56 -3.05 36.28 -14.42
N GLU D 57 -1.80 36.63 -14.09
CA GLU D 57 -0.97 35.90 -13.12
C GLU D 57 -1.69 35.61 -11.81
N ALA D 58 -2.89 36.15 -11.63
CA ALA D 58 -3.65 35.96 -10.40
C ALA D 58 -4.14 34.52 -10.26
N ILE D 59 -4.68 33.94 -11.34
CA ILE D 59 -5.33 32.62 -11.26
C ILE D 59 -4.41 31.52 -10.73
N PHE D 60 -3.13 31.81 -10.52
CA PHE D 60 -2.18 30.86 -9.95
C PHE D 60 -1.54 31.40 -8.68
N GLU D 61 -2.16 32.38 -8.04
CA GLU D 61 -1.69 32.90 -6.77
C GLU D 61 -2.60 32.44 -5.64
N LEU D 62 -1.98 32.08 -4.51
CA LEU D 62 -2.75 31.53 -3.39
C LEU D 62 -3.74 32.52 -2.80
N PRO D 63 -3.34 33.76 -2.43
CA PRO D 63 -4.32 34.70 -1.87
C PRO D 63 -5.60 34.87 -2.69
N PHE D 64 -5.44 35.07 -4.00
CA PHE D 64 -6.62 35.21 -4.86
C PHE D 64 -7.41 33.92 -4.92
N PHE D 65 -6.73 32.77 -4.85
CA PHE D 65 -7.46 31.51 -4.82
C PHE D 65 -8.31 31.43 -3.58
N PHE D 66 -7.86 32.07 -2.52
CA PHE D 66 -8.65 32.07 -1.30
C PHE D 66 -9.81 33.04 -1.39
N HIS D 67 -9.57 34.25 -1.90
CA HIS D 67 -10.67 35.20 -2.01
C HIS D 67 -11.67 34.79 -3.09
N ASN D 68 -11.23 34.10 -4.13
CA ASN D 68 -12.15 33.69 -5.18
C ASN D 68 -11.56 32.54 -5.97
N PRO D 69 -11.87 31.28 -5.60
CA PRO D 69 -11.37 30.15 -6.38
C PRO D 69 -12.17 29.85 -7.64
N LYS D 70 -13.29 30.53 -7.87
CA LYS D 70 -14.13 30.17 -9.03
C LYS D 70 -13.40 30.23 -10.38
N PRO D 71 -12.56 31.25 -10.69
CA PRO D 71 -11.89 31.25 -12.00
C PRO D 71 -10.90 30.13 -12.19
N PHE D 72 -10.15 29.80 -11.15
CA PHE D 72 -9.23 28.68 -11.29
C PHE D 72 -9.99 27.40 -11.65
N PHE D 73 -11.08 27.12 -10.94
CA PHE D 73 -11.85 25.91 -11.22
C PHE D 73 -12.61 26.00 -12.55
N THR D 74 -12.88 27.22 -13.04
CA THR D 74 -13.30 27.37 -14.43
C THR D 74 -12.24 26.79 -15.35
N LEU D 75 -10.99 27.25 -15.18
CA LEU D 75 -9.89 26.71 -15.97
C LEU D 75 -9.78 25.19 -15.84
N ALA D 76 -9.82 24.71 -14.61
CA ALA D 76 -9.65 23.29 -14.34
C ALA D 76 -10.75 22.47 -14.98
N LYS D 77 -11.97 23.01 -15.01
CA LYS D 77 -13.05 22.36 -15.72
C LYS D 77 -12.79 22.36 -17.23
N GLU D 78 -12.20 23.45 -17.76
CA GLU D 78 -11.90 23.48 -19.19
C GLU D 78 -10.82 22.46 -19.55
N LEU D 79 -9.68 22.47 -18.83
CA LEU D 79 -8.54 21.61 -19.17
C LEU D 79 -8.72 20.18 -18.73
N TYR D 80 -9.97 19.74 -18.68
CA TYR D 80 -10.29 18.35 -18.50
C TYR D 80 -9.75 17.55 -19.68
N PRO D 81 -8.90 16.55 -19.45
CA PRO D 81 -8.38 15.75 -20.57
C PRO D 81 -9.48 15.31 -21.53
N GLY D 82 -9.09 15.10 -22.78
CA GLY D 82 -10.03 14.77 -23.82
C GLY D 82 -10.77 15.96 -24.40
N ASN D 83 -10.59 17.14 -23.83
CA ASN D 83 -11.21 18.35 -24.35
C ASN D 83 -10.39 18.98 -25.47
N TYR D 84 -9.07 18.92 -25.35
CA TYR D 84 -8.16 19.58 -26.29
C TYR D 84 -7.27 18.53 -26.93
N LYS D 85 -6.76 18.86 -28.10
CA LYS D 85 -5.84 18.00 -28.84
C LYS D 85 -4.46 18.64 -28.92
N PRO D 86 -3.42 17.83 -29.11
CA PRO D 86 -2.06 18.37 -29.24
C PRO D 86 -1.80 18.97 -30.62
N ASN D 87 -0.69 19.70 -30.72
CA ASN D 87 -0.32 20.40 -31.94
C ASN D 87 1.02 19.90 -32.45
N VAL D 88 1.57 20.59 -33.46
CA VAL D 88 2.77 20.12 -34.13
C VAL D 88 3.92 19.95 -33.15
N THR D 89 4.00 20.81 -32.13
CA THR D 89 5.17 20.79 -31.26
C THR D 89 5.24 19.52 -30.44
N HIS D 90 4.12 19.17 -29.81
CA HIS D 90 4.05 17.93 -29.05
C HIS D 90 4.44 16.75 -29.91
N TYR D 91 3.91 16.69 -31.14
CA TYR D 91 4.14 15.53 -32.00
C TYR D 91 5.58 15.48 -32.51
N PHE D 92 6.21 16.63 -32.76
CA PHE D 92 7.67 16.67 -32.89
C PHE D 92 8.34 15.99 -31.71
N LEU D 93 8.04 16.45 -30.49
CA LEU D 93 8.62 15.84 -29.29
C LEU D 93 8.38 14.33 -29.23
N ARG D 94 7.15 13.89 -29.53
CA ARG D 94 6.85 12.47 -29.64
C ARG D 94 7.80 11.79 -30.60
N LEU D 95 8.09 12.44 -31.73
CA LEU D 95 8.98 11.86 -32.73
C LEU D 95 10.41 11.74 -32.20
N LEU D 96 10.98 12.83 -31.68
CA LEU D 96 12.33 12.73 -31.09
C LEU D 96 12.42 11.59 -30.08
N HIS D 97 11.33 11.35 -29.32
CA HIS D 97 11.33 10.22 -28.39
C HIS D 97 11.25 8.88 -29.12
N ASP D 98 10.45 8.80 -30.18
CA ASP D 98 10.29 7.59 -30.99
C ASP D 98 11.54 7.20 -31.76
N LYS D 99 12.51 8.10 -31.89
CA LYS D 99 13.79 7.84 -32.54
C LYS D 99 14.90 7.60 -31.54
N GLY D 100 14.58 7.63 -30.25
CA GLY D 100 15.54 7.32 -29.21
C GLY D 100 16.57 8.39 -29.03
N LEU D 101 16.12 9.63 -28.85
CA LEU D 101 17.01 10.76 -28.75
C LEU D 101 16.56 11.77 -27.68
N LEU D 102 15.47 11.50 -26.96
CA LEU D 102 14.96 12.39 -25.93
C LEU D 102 15.40 11.86 -24.58
N LEU D 103 16.15 12.67 -23.84
CA LEU D 103 16.61 12.24 -22.54
C LEU D 103 15.56 12.50 -21.47
N ARG D 104 15.00 13.71 -21.42
CA ARG D 104 13.80 14.00 -20.63
C ARG D 104 13.20 15.32 -21.09
N LEU D 105 11.87 15.41 -20.97
CA LEU D 105 11.09 16.57 -21.43
C LEU D 105 10.50 17.30 -20.23
N TYR D 106 10.93 18.54 -20.03
CA TYR D 106 10.47 19.34 -18.90
C TYR D 106 9.43 20.35 -19.39
N THR D 107 8.23 20.30 -18.80
CA THR D 107 7.11 21.14 -19.20
C THR D 107 6.55 21.92 -18.00
N GLN D 108 5.99 23.10 -18.27
CA GLN D 108 5.29 23.93 -17.31
C GLN D 108 3.80 23.94 -17.55
N ASN D 109 3.27 22.93 -18.23
CA ASN D 109 1.91 23.01 -18.69
C ASN D 109 0.99 22.07 -17.91
N ILE D 110 -0.27 22.49 -17.88
CA ILE D 110 -1.29 21.89 -17.04
C ILE D 110 -2.24 21.02 -17.85
N ASP D 111 -2.16 21.10 -19.18
CA ASP D 111 -3.06 20.40 -20.08
C ASP D 111 -2.65 18.96 -20.32
N GLY D 112 -1.50 18.53 -19.79
CA GLY D 112 -1.04 17.17 -19.96
C GLY D 112 -0.93 16.71 -21.40
N LEU D 113 -0.88 17.65 -22.35
CA LEU D 113 -0.93 17.27 -23.77
C LEU D 113 0.31 16.48 -24.20
N GLU D 114 1.48 16.79 -23.64
CA GLU D 114 2.66 15.96 -23.90
C GLU D 114 2.37 14.50 -23.62
N ARG D 115 1.47 14.21 -22.66
CA ARG D 115 1.13 12.82 -22.42
C ARG D 115 0.04 12.32 -23.35
N VAL D 116 -0.93 13.19 -23.67
CA VAL D 116 -1.91 12.81 -24.69
C VAL D 116 -1.20 12.55 -26.01
N SER D 117 -0.06 13.20 -26.23
CA SER D 117 0.64 13.17 -27.51
C SER D 117 1.34 11.85 -27.79
N GLY D 118 1.52 11.01 -26.78
CA GLY D 118 2.18 9.74 -26.98
C GLY D 118 3.50 9.58 -26.26
N ILE D 119 3.96 10.60 -25.56
CA ILE D 119 5.14 10.47 -24.72
C ILE D 119 4.77 9.81 -23.40
N PRO D 120 5.56 8.85 -22.93
CA PRO D 120 5.27 8.21 -21.66
C PRO D 120 5.69 9.06 -20.47
N ALA D 121 5.04 8.81 -19.34
CA ALA D 121 5.37 9.54 -18.13
C ALA D 121 6.81 9.30 -17.68
N SER D 122 7.40 8.17 -18.08
CA SER D 122 8.78 7.85 -17.71
C SER D 122 9.76 8.94 -18.14
N LYS D 123 9.42 9.65 -19.24
CA LYS D 123 10.24 10.68 -19.85
C LYS D 123 9.75 12.10 -19.59
N LEU D 124 8.52 12.27 -19.11
CA LEU D 124 8.00 13.59 -18.79
C LEU D 124 8.46 14.06 -17.41
N VAL D 125 8.42 15.38 -17.22
CA VAL D 125 8.56 16.02 -15.91
C VAL D 125 7.60 17.19 -15.87
N GLU D 126 6.39 16.97 -15.33
CA GLU D 126 5.37 18.01 -15.31
C GLU D 126 5.67 18.96 -14.16
N ALA D 127 6.72 19.77 -14.37
CA ALA D 127 7.42 20.43 -13.26
C ALA D 127 6.61 21.53 -12.58
N HIS D 128 5.46 21.90 -13.13
CA HIS D 128 4.57 22.84 -12.47
C HIS D 128 3.26 22.20 -12.00
N GLY D 129 3.17 20.87 -11.95
CA GLY D 129 2.07 20.22 -11.27
C GLY D 129 1.23 19.33 -12.18
N THR D 130 0.14 18.82 -11.60
CA THR D 130 -0.75 17.94 -12.34
C THR D 130 -2.14 17.95 -11.71
N PHE D 131 -3.14 17.66 -12.52
CA PHE D 131 -4.52 17.48 -12.09
C PHE D 131 -4.79 16.07 -11.63
N ALA D 132 -3.74 15.29 -11.42
CA ALA D 132 -3.89 13.89 -11.02
C ALA D 132 -3.97 13.76 -9.54
N SER D 133 -3.50 14.76 -8.81
CA SER D 133 -3.52 14.76 -7.36
C SER D 133 -4.14 16.06 -6.89
N ALA D 134 -4.54 16.05 -5.64
CA ALA D 134 -5.15 17.21 -5.02
C ALA D 134 -4.82 17.21 -3.53
N THR D 135 -4.57 18.40 -3.02
CA THR D 135 -4.28 18.55 -1.59
C THR D 135 -5.28 19.53 -1.00
N CYS D 136 -5.79 19.20 0.20
CA CYS D 136 -6.66 20.08 0.94
C CYS D 136 -5.89 21.30 1.43
N THR D 137 -6.36 22.51 1.05
CA THR D 137 -5.67 23.74 1.42
C THR D 137 -5.49 23.88 2.93
N VAL D 138 -6.45 23.37 3.71
CA VAL D 138 -6.48 23.58 5.15
C VAL D 138 -5.75 22.47 5.90
N CYS D 139 -6.13 21.21 5.66
CA CYS D 139 -5.64 20.11 6.49
C CYS D 139 -4.52 19.29 5.84
N GLN D 140 -4.24 19.52 4.54
CA GLN D 140 -3.09 19.00 3.80
C GLN D 140 -3.17 17.50 3.55
N ARG D 141 -4.35 16.95 3.46
CA ARG D 141 -4.40 15.54 3.17
C ARG D 141 -4.25 15.29 1.66
N PRO D 142 -3.70 14.15 1.27
CA PRO D 142 -3.57 13.87 -0.16
C PRO D 142 -4.85 13.27 -0.71
N PHE D 143 -5.12 13.55 -1.98
CA PHE D 143 -6.29 12.99 -2.65
C PHE D 143 -5.95 12.50 -4.04
N PRO D 144 -6.57 11.41 -4.45
CA PRO D 144 -6.63 11.09 -5.89
C PRO D 144 -7.38 12.17 -6.65
N GLY D 145 -6.73 12.69 -7.70
CA GLY D 145 -7.34 13.72 -8.51
C GLY D 145 -8.76 13.38 -8.95
N GLU D 146 -9.02 12.11 -9.24
CA GLU D 146 -10.34 11.73 -9.72
C GLU D 146 -11.41 11.91 -8.65
N ASP D 147 -11.00 11.87 -7.38
CA ASP D 147 -11.95 12.11 -6.31
C ASP D 147 -12.54 13.52 -6.33
N ILE D 148 -12.00 14.44 -7.12
CA ILE D 148 -12.64 15.75 -7.23
C ILE D 148 -13.25 15.98 -8.61
N ARG D 149 -13.15 15.02 -9.51
CA ARG D 149 -13.45 15.34 -10.90
C ARG D 149 -14.89 15.79 -11.04
N ALA D 150 -15.81 14.98 -10.54
CA ALA D 150 -17.24 15.33 -10.59
C ALA D 150 -17.48 16.75 -10.10
N ASP D 151 -16.90 17.11 -8.97
CA ASP D 151 -17.13 18.43 -8.40
C ASP D 151 -16.73 19.51 -9.39
N VAL D 152 -15.51 19.43 -9.90
CA VAL D 152 -15.04 20.45 -10.83
C VAL D 152 -15.94 20.49 -12.06
N MET D 153 -16.35 19.30 -12.53
CA MET D 153 -17.15 19.26 -13.74
C MET D 153 -18.56 19.75 -13.52
N ALA D 154 -18.97 19.97 -12.27
CA ALA D 154 -20.29 20.51 -11.99
C ALA D 154 -20.19 21.90 -11.36
N ASP D 155 -19.09 22.61 -11.60
CA ASP D 155 -18.97 24.03 -11.25
C ASP D 155 -18.98 24.24 -9.74
N ARG D 156 -18.57 23.20 -9.01
CA ARG D 156 -18.67 23.14 -7.55
C ARG D 156 -17.27 23.15 -6.96
N VAL D 157 -17.00 24.13 -6.10
CA VAL D 157 -15.69 24.21 -5.47
C VAL D 157 -15.59 23.06 -4.49
N PRO D 158 -14.64 22.15 -4.70
CA PRO D 158 -14.66 20.89 -3.95
C PRO D 158 -14.10 21.07 -2.56
N ARG D 159 -14.73 20.43 -1.59
CA ARG D 159 -14.32 20.58 -0.21
C ARG D 159 -13.92 19.21 0.35
N CYS D 160 -13.07 19.25 1.40
CA CYS D 160 -12.49 18.10 2.08
C CYS D 160 -13.51 17.46 3.03
N PRO D 161 -13.58 16.12 3.08
CA PRO D 161 -14.56 15.45 3.95
C PRO D 161 -14.15 15.39 5.41
N VAL D 162 -12.90 15.71 5.73
CA VAL D 162 -12.41 15.74 7.11
C VAL D 162 -12.61 17.11 7.74
N CYS D 163 -12.20 18.18 7.04
CA CYS D 163 -12.03 19.50 7.62
C CYS D 163 -12.85 20.58 6.93
N THR D 164 -13.37 20.34 5.72
CA THR D 164 -14.23 21.26 4.96
C THR D 164 -13.47 22.37 4.23
N GLY D 165 -12.15 22.47 4.40
CA GLY D 165 -11.38 23.32 3.50
C GLY D 165 -11.55 22.90 2.05
N VAL D 166 -11.36 23.85 1.13
CA VAL D 166 -11.41 23.44 -0.28
C VAL D 166 -10.14 22.68 -0.62
N VAL D 167 -10.29 21.59 -1.34
CA VAL D 167 -9.16 20.80 -1.81
C VAL D 167 -8.74 21.31 -3.19
N LYS D 168 -7.46 21.64 -3.32
CA LYS D 168 -6.91 22.29 -4.50
C LYS D 168 -6.04 21.32 -5.28
N PRO D 169 -6.32 21.12 -6.56
CA PRO D 169 -5.48 20.25 -7.38
C PRO D 169 -4.01 20.62 -7.29
N ASP D 170 -3.14 19.64 -7.57
CA ASP D 170 -1.75 19.73 -7.15
C ASP D 170 -0.89 20.54 -8.10
N ILE D 171 -1.52 21.53 -8.73
CA ILE D 171 -0.79 22.49 -9.54
C ILE D 171 0.09 23.33 -8.63
N VAL D 172 1.31 23.59 -9.06
CA VAL D 172 2.20 24.45 -8.30
C VAL D 172 1.81 25.91 -8.53
N PHE D 173 1.25 26.55 -7.49
CA PHE D 173 0.93 27.97 -7.51
C PHE D 173 2.18 28.79 -7.20
N PHE D 174 2.12 30.09 -7.50
CA PHE D 174 3.19 31.00 -7.07
C PHE D 174 3.33 30.95 -5.55
N GLY D 175 4.57 30.77 -5.08
CA GLY D 175 4.85 30.64 -3.68
C GLY D 175 4.88 29.23 -3.15
N GLU D 176 4.37 28.28 -3.90
CA GLU D 176 4.40 26.86 -3.58
C GLU D 176 5.66 26.22 -4.15
N PRO D 177 6.19 25.18 -3.49
CA PRO D 177 7.41 24.52 -3.98
C PRO D 177 7.13 23.53 -5.09
N LEU D 178 8.17 23.27 -5.89
CA LEU D 178 8.07 22.41 -7.07
C LEU D 178 7.99 20.94 -6.65
N PRO D 179 7.60 20.06 -7.58
CA PRO D 179 7.55 18.62 -7.27
C PRO D 179 8.93 18.04 -6.95
N GLN D 180 8.93 16.90 -6.28
CA GLN D 180 10.21 16.24 -6.04
C GLN D 180 10.83 15.77 -7.34
N ARG D 181 10.00 15.43 -8.33
CA ARG D 181 10.52 14.88 -9.58
C ARG D 181 11.47 15.86 -10.27
N PHE D 182 11.34 17.16 -9.97
CA PHE D 182 12.23 18.19 -10.49
C PHE D 182 13.71 17.85 -10.23
N LEU D 183 14.00 17.19 -9.10
CA LEU D 183 15.39 16.85 -8.77
C LEU D 183 16.04 15.94 -9.79
N LEU D 184 15.24 15.29 -10.66
CA LEU D 184 15.82 14.56 -11.79
C LEU D 184 16.84 15.39 -12.55
N HIS D 185 16.68 16.72 -12.55
CA HIS D 185 17.56 17.56 -13.35
C HIS D 185 19.02 17.38 -12.99
N VAL D 186 19.33 17.05 -11.72
CA VAL D 186 20.75 16.94 -11.36
C VAL D 186 21.44 15.84 -12.15
N VAL D 187 20.69 14.85 -12.64
CA VAL D 187 21.30 13.81 -13.46
C VAL D 187 21.10 14.14 -14.93
N ASP D 188 20.00 14.83 -15.24
CA ASP D 188 19.57 14.95 -16.63
C ASP D 188 20.38 15.99 -17.40
N PHE D 189 20.73 17.10 -16.76
CA PHE D 189 21.31 18.22 -17.49
C PHE D 189 22.83 18.11 -17.50
N PRO D 190 23.47 17.68 -16.40
CA PRO D 190 24.88 17.27 -16.50
C PRO D 190 25.14 16.18 -17.53
N MET D 191 24.09 15.60 -18.11
CA MET D 191 24.23 14.53 -19.10
C MET D 191 23.78 14.91 -20.50
N ALA D 192 23.07 16.03 -20.65
CA ALA D 192 22.42 16.29 -21.92
C ALA D 192 23.44 16.68 -22.99
N ASP D 193 23.12 16.36 -24.23
CA ASP D 193 23.97 16.68 -25.37
C ASP D 193 23.41 17.80 -26.22
N LEU D 194 22.13 18.11 -26.07
CA LEU D 194 21.49 19.24 -26.72
C LEU D 194 20.35 19.71 -25.83
N LEU D 195 20.14 21.01 -25.81
CA LEU D 195 19.04 21.60 -25.06
C LEU D 195 18.14 22.35 -26.01
N LEU D 196 16.92 21.87 -26.17
CA LEU D 196 15.88 22.63 -26.84
C LEU D 196 15.14 23.45 -25.81
N ILE D 197 14.76 24.67 -26.17
CA ILE D 197 14.03 25.57 -25.29
C ILE D 197 12.95 26.22 -26.14
N LEU D 198 11.68 25.97 -25.80
CA LEU D 198 10.57 26.25 -26.69
C LEU D 198 9.45 26.96 -25.95
N GLY D 199 8.87 27.97 -26.62
CA GLY D 199 7.62 28.57 -26.17
C GLY D 199 7.60 29.00 -24.72
N THR D 200 8.74 29.49 -24.23
CA THR D 200 8.90 29.85 -22.83
C THR D 200 9.50 31.24 -22.79
N SER D 201 8.93 32.09 -21.94
CA SER D 201 9.51 33.41 -21.72
C SER D 201 10.60 33.39 -20.67
N LEU D 202 11.00 32.19 -20.22
CA LEU D 202 11.76 31.94 -19.00
C LEU D 202 11.44 32.93 -17.88
N GLU D 203 10.14 33.25 -17.71
CA GLU D 203 9.69 34.27 -16.75
C GLU D 203 9.73 33.82 -15.30
N VAL D 204 9.79 32.52 -15.02
CA VAL D 204 9.60 32.03 -13.67
C VAL D 204 10.71 31.03 -13.36
N GLU D 205 11.12 31.00 -12.11
CA GLU D 205 12.15 30.08 -11.63
C GLU D 205 11.60 29.13 -10.56
N PRO D 206 12.31 28.03 -10.24
CA PRO D 206 13.64 27.60 -10.71
C PRO D 206 13.65 27.04 -12.15
N PHE D 207 12.55 27.21 -12.89
CA PHE D 207 12.52 26.72 -14.27
C PHE D 207 13.29 27.59 -15.25
N ALA D 208 13.82 28.75 -14.83
CA ALA D 208 14.74 29.45 -15.71
C ALA D 208 16.13 28.84 -15.63
N SER D 209 16.64 28.67 -14.41
CA SER D 209 17.97 28.13 -14.11
C SER D 209 18.37 26.92 -14.95
N LEU D 210 17.38 26.16 -15.42
CA LEU D 210 17.66 24.95 -16.19
C LEU D 210 18.56 25.23 -17.38
N THR D 211 18.36 26.37 -18.04
CA THR D 211 19.13 26.63 -19.24
C THR D 211 20.62 26.72 -18.94
N GLU D 212 20.98 27.15 -17.74
CA GLU D 212 22.39 27.22 -17.37
C GLU D 212 22.88 25.92 -16.73
N ALA D 213 22.06 24.86 -16.72
CA ALA D 213 22.36 23.63 -16.01
C ALA D 213 22.97 22.55 -16.89
N VAL D 214 22.78 22.65 -18.21
CA VAL D 214 23.59 21.96 -19.20
C VAL D 214 25.05 22.38 -19.04
N ARG D 215 26.00 21.66 -19.66
CA ARG D 215 27.41 22.00 -19.51
C ARG D 215 27.97 22.60 -20.79
N SER D 216 29.11 23.29 -20.66
CA SER D 216 29.55 24.31 -21.61
C SER D 216 29.30 23.95 -23.07
N SER D 217 29.68 22.73 -23.47
CA SER D 217 29.72 22.38 -24.90
C SER D 217 28.37 22.13 -25.53
N VAL D 218 27.28 22.13 -24.78
CA VAL D 218 25.97 21.73 -25.33
C VAL D 218 25.38 22.95 -26.05
N PRO D 219 24.86 22.76 -27.27
CA PRO D 219 24.07 23.82 -27.90
C PRO D 219 22.78 24.06 -27.13
N ARG D 220 22.31 25.31 -27.15
CA ARG D 220 21.00 25.68 -26.65
C ARG D 220 20.24 26.36 -27.78
N LEU D 221 19.15 25.75 -28.23
CA LEU D 221 18.42 26.25 -29.38
C LEU D 221 17.04 26.72 -28.96
N LEU D 222 16.85 28.04 -28.97
CA LEU D 222 15.63 28.69 -28.54
C LEU D 222 14.69 28.93 -29.71
N ILE D 223 13.41 28.59 -29.54
CA ILE D 223 12.35 28.92 -30.49
C ILE D 223 11.23 29.60 -29.70
N ASN D 224 11.27 30.93 -29.61
CA ASN D 224 10.13 31.74 -29.17
C ASN D 224 9.99 32.92 -30.14
N ARG D 225 9.00 33.79 -29.90
CA ARG D 225 8.96 35.01 -30.71
C ARG D 225 9.65 36.18 -30.04
N ASP D 226 9.89 36.10 -28.74
CA ASP D 226 10.93 36.90 -28.10
C ASP D 226 12.17 36.03 -27.95
N LEU D 227 13.32 36.66 -27.68
CA LEU D 227 14.52 35.96 -27.21
C LEU D 227 14.83 36.54 -25.83
N VAL D 228 14.38 35.85 -24.78
CA VAL D 228 14.45 36.34 -23.41
C VAL D 228 15.18 35.34 -22.51
N GLY D 229 15.50 35.81 -21.31
CA GLY D 229 16.00 34.98 -20.26
C GLY D 229 17.50 34.87 -20.26
N PRO D 230 18.01 33.79 -19.67
CA PRO D 230 19.47 33.59 -19.62
C PRO D 230 20.13 33.45 -20.99
N LEU D 231 19.37 33.15 -22.04
CA LEU D 231 19.92 33.11 -23.38
C LEU D 231 19.98 34.49 -24.03
N ALA D 232 19.30 35.48 -23.45
CA ALA D 232 19.40 36.86 -23.91
C ALA D 232 20.49 37.63 -23.17
N TRP D 233 20.68 37.36 -21.89
CA TRP D 233 21.54 38.21 -21.10
C TRP D 233 22.96 37.67 -20.94
N HIS D 234 23.15 36.36 -21.06
CA HIS D 234 24.51 35.79 -21.08
C HIS D 234 24.57 34.58 -22.03
N PRO D 235 24.75 34.83 -23.37
CA PRO D 235 24.83 33.69 -24.31
C PRO D 235 26.07 32.83 -24.17
N ARG D 236 26.17 31.77 -24.98
CA ARG D 236 27.43 31.08 -25.19
C ARG D 236 27.59 30.82 -26.69
N SER D 237 28.84 30.54 -27.09
CA SER D 237 29.13 30.27 -28.49
C SER D 237 28.14 29.28 -29.09
N ARG D 238 27.64 28.36 -28.26
CA ARG D 238 26.89 27.19 -28.69
C ARG D 238 25.43 27.49 -28.95
N ASP D 239 25.01 28.74 -28.77
CA ASP D 239 23.58 29.00 -28.68
C ASP D 239 23.05 29.52 -29.99
N VAL D 240 21.88 29.02 -30.35
CA VAL D 240 21.19 29.32 -31.59
C VAL D 240 19.81 29.85 -31.25
N ALA D 241 19.37 30.89 -31.95
CA ALA D 241 18.00 31.36 -31.80
C ALA D 241 17.17 30.96 -33.02
N GLN D 242 15.85 31.03 -32.86
CA GLN D 242 14.93 30.83 -33.98
C GLN D 242 13.67 31.64 -33.66
N LEU D 243 13.77 32.94 -33.85
CA LEU D 243 12.66 33.83 -33.55
C LEU D 243 11.55 33.64 -34.57
N GLY D 244 10.32 33.91 -34.13
CA GLY D 244 9.17 33.85 -35.00
C GLY D 244 8.06 33.05 -34.39
N ASP D 245 6.99 32.90 -35.15
CA ASP D 245 5.95 31.97 -34.76
C ASP D 245 6.59 30.61 -34.50
N VAL D 246 6.20 29.98 -33.39
CA VAL D 246 6.94 28.82 -32.89
C VAL D 246 6.55 27.52 -33.57
N VAL D 247 5.29 27.36 -33.97
CA VAL D 247 4.99 26.30 -34.93
C VAL D 247 5.77 26.54 -36.23
N HIS D 248 5.93 27.80 -36.64
CA HIS D 248 6.73 28.10 -37.83
C HIS D 248 8.16 27.62 -37.65
N GLY D 249 8.81 27.99 -36.55
CA GLY D 249 10.19 27.60 -36.35
C GLY D 249 10.35 26.10 -36.15
N VAL D 250 9.39 25.47 -35.48
CA VAL D 250 9.50 24.04 -35.27
C VAL D 250 9.32 23.28 -36.58
N GLU D 251 8.38 23.70 -37.44
CA GLU D 251 8.28 23.07 -38.76
C GLU D 251 9.52 23.35 -39.62
N SER D 252 10.14 24.52 -39.46
CA SER D 252 11.43 24.77 -40.12
C SER D 252 12.46 23.73 -39.71
N LEU D 253 12.52 23.41 -38.43
CA LEU D 253 13.45 22.37 -37.97
C LEU D 253 13.04 20.99 -38.49
N VAL D 254 11.74 20.69 -38.49
CA VAL D 254 11.28 19.36 -38.91
C VAL D 254 11.61 19.11 -40.38
N GLU D 255 11.55 20.16 -41.21
CA GLU D 255 11.93 19.96 -42.61
C GLU D 255 13.44 20.07 -42.82
N LEU D 256 14.12 20.88 -42.03
CA LEU D 256 15.57 20.89 -42.09
C LEU D 256 16.15 19.54 -41.67
N LEU D 257 15.34 18.70 -41.03
CA LEU D 257 15.77 17.33 -40.76
C LEU D 257 15.29 16.31 -41.79
N GLY D 258 14.25 16.62 -42.56
CA GLY D 258 13.69 15.62 -43.45
C GLY D 258 12.84 14.60 -42.74
N TRP D 259 12.28 14.95 -41.59
CA TRP D 259 11.29 14.09 -40.96
C TRP D 259 9.87 14.54 -41.24
N THR D 260 9.70 15.65 -41.97
CA THR D 260 8.37 16.12 -42.36
C THR D 260 7.40 14.99 -42.69
N GLU D 261 7.78 14.07 -43.60
CA GLU D 261 6.86 13.03 -44.05
C GLU D 261 6.43 12.12 -42.89
N GLU D 262 7.42 11.58 -42.17
CA GLU D 262 7.18 10.86 -40.92
C GLU D 262 6.23 11.63 -40.03
N MET D 263 6.47 12.94 -39.90
CA MET D 263 5.76 13.78 -38.95
C MET D 263 4.26 13.83 -39.24
N ARG D 264 3.87 14.17 -40.46
CA ARG D 264 2.42 14.22 -40.56
C ARG D 264 1.77 12.90 -40.96
N ASP D 265 2.53 11.84 -41.30
CA ASP D 265 1.91 10.51 -41.19
C ASP D 265 1.52 10.24 -39.74
N LEU D 266 2.41 10.57 -38.81
CA LEU D 266 2.10 10.45 -37.39
C LEU D 266 0.86 11.24 -37.02
N VAL D 267 0.81 12.51 -37.45
CA VAL D 267 -0.33 13.35 -37.08
C VAL D 267 -1.61 12.83 -37.70
N GLN D 268 -1.56 12.35 -38.95
CA GLN D 268 -2.73 11.72 -39.57
C GLN D 268 -3.25 10.57 -38.70
N ARG D 269 -2.37 9.61 -38.40
CA ARG D 269 -2.83 8.43 -37.67
C ARG D 269 -3.28 8.78 -36.25
N GLU D 270 -2.66 9.79 -35.64
CA GLU D 270 -2.93 10.10 -34.24
C GLU D 270 -4.08 11.09 -34.05
N THR D 271 -4.49 11.83 -35.08
CA THR D 271 -5.74 12.57 -34.98
C THR D 271 -6.92 11.74 -35.44
N GLY D 272 -6.71 10.81 -36.37
CA GLY D 272 -7.71 9.77 -36.58
C GLY D 272 -7.93 8.96 -35.32
N LYS D 273 -6.88 8.77 -34.52
CA LYS D 273 -6.99 8.29 -33.15
C LYS D 273 -8.02 9.06 -32.34
N LEU D 274 -7.78 10.37 -32.17
CA LEU D 274 -8.57 11.21 -31.27
C LEU D 274 -9.79 11.78 -31.98
N LYS E 2 -25.72 45.58 26.01
CA LYS E 2 -24.29 45.48 26.31
C LYS E 2 -23.94 44.16 27.00
N LEU E 3 -23.03 43.40 26.38
CA LEU E 3 -22.83 41.99 26.69
C LEU E 3 -21.89 41.75 27.87
N SER E 4 -22.10 40.61 28.53
CA SER E 4 -21.35 40.19 29.71
C SER E 4 -20.55 38.94 29.42
N LEU E 5 -19.57 38.65 30.30
CA LEU E 5 -18.85 37.37 30.22
C LEU E 5 -19.80 36.20 30.34
N GLN E 6 -20.81 36.31 31.19
CA GLN E 6 -21.76 35.23 31.32
C GLN E 6 -22.68 35.16 30.11
N ASP E 7 -23.02 36.30 29.52
CA ASP E 7 -23.75 36.29 28.25
C ASP E 7 -23.01 35.42 27.23
N VAL E 8 -21.70 35.64 27.09
CA VAL E 8 -20.89 34.88 26.14
C VAL E 8 -20.85 33.40 26.52
N ALA E 9 -20.62 33.11 27.81
CA ALA E 9 -20.61 31.72 28.27
C ALA E 9 -21.91 31.00 27.94
N GLU E 10 -23.05 31.65 28.20
CA GLU E 10 -24.34 31.03 27.91
C GLU E 10 -24.53 30.90 26.41
N LEU E 11 -23.94 31.80 25.63
CA LEU E 11 -23.95 31.63 24.18
C LEU E 11 -23.27 30.32 23.80
N ILE E 12 -22.15 30.01 24.46
CA ILE E 12 -21.48 28.74 24.20
C ILE E 12 -22.38 27.57 24.59
N ARG E 13 -22.91 27.60 25.81
CA ARG E 13 -23.61 26.43 26.33
C ARG E 13 -24.92 26.16 25.59
N ALA E 14 -25.47 27.16 24.93
CA ALA E 14 -26.64 26.96 24.08
C ALA E 14 -26.28 26.55 22.68
N ARG E 15 -24.97 26.47 22.37
CA ARG E 15 -24.49 26.15 21.04
C ARG E 15 -25.04 27.15 20.01
N ALA E 16 -25.33 28.35 20.48
CA ALA E 16 -25.51 29.51 19.60
C ALA E 16 -24.23 29.99 18.98
N CYS E 17 -23.12 29.32 19.27
CA CYS E 17 -21.77 29.78 18.91
C CYS E 17 -20.87 28.56 18.76
N GLN E 18 -20.74 28.09 17.52
CA GLN E 18 -20.06 26.85 17.20
C GLN E 18 -18.95 27.04 16.18
N ARG E 19 -18.66 28.28 15.80
CA ARG E 19 -17.50 28.64 14.97
C ARG E 19 -16.65 29.63 15.75
N VAL E 20 -16.06 29.14 16.83
CA VAL E 20 -15.24 30.00 17.67
C VAL E 20 -13.88 30.16 17.01
N VAL E 21 -13.47 31.40 16.81
CA VAL E 21 -12.14 31.74 16.33
C VAL E 21 -11.38 32.34 17.49
N VAL E 22 -10.20 31.78 17.76
CA VAL E 22 -9.40 32.20 18.90
C VAL E 22 -8.13 32.85 18.36
N MET E 23 -7.76 34.00 18.94
CA MET E 23 -6.46 34.65 18.74
C MET E 23 -5.73 34.69 20.07
N VAL E 24 -4.48 34.21 20.09
CA VAL E 24 -3.72 34.15 21.33
C VAL E 24 -2.32 34.71 21.12
N GLY E 25 -1.74 35.20 22.22
CA GLY E 25 -0.37 35.70 22.28
C GLY E 25 0.44 35.18 23.46
N ALA E 26 1.51 35.90 23.83
CA ALA E 26 2.45 35.34 24.78
C ALA E 26 1.87 35.25 26.18
N GLY E 27 0.80 36.00 26.47
CA GLY E 27 0.24 35.99 27.81
C GLY E 27 -0.26 34.61 28.21
N ILE E 28 -0.96 33.93 27.30
CA ILE E 28 -1.45 32.59 27.57
C ILE E 28 -0.35 31.57 27.85
N SER E 29 0.92 31.93 27.61
CA SER E 29 2.04 31.00 27.75
C SER E 29 2.95 31.32 28.92
N THR E 30 2.92 32.55 29.44
CA THR E 30 3.73 32.87 30.62
C THR E 30 3.41 32.00 31.85
N PRO E 31 2.20 31.44 32.05
CA PRO E 31 1.97 30.57 33.21
C PRO E 31 2.69 29.23 33.13
N SER E 32 3.17 28.82 31.96
CA SER E 32 3.87 27.55 31.86
C SER E 32 5.35 27.66 32.19
N GLY E 33 5.85 28.88 32.46
CA GLY E 33 7.26 29.13 32.71
C GLY E 33 8.03 29.75 31.56
N ILE E 34 7.47 29.79 30.35
CA ILE E 34 8.11 30.46 29.20
C ILE E 34 8.49 31.88 29.62
N PRO E 35 9.77 32.20 29.72
CA PRO E 35 10.15 33.52 30.23
C PRO E 35 9.86 34.59 29.20
N ASP E 36 9.43 35.73 29.69
CA ASP E 36 9.28 36.94 28.90
C ASP E 36 10.67 37.52 28.72
N PHE E 37 11.28 37.29 27.56
CA PHE E 37 12.62 37.82 27.32
C PHE E 37 12.62 39.34 27.41
N ARG E 38 11.45 39.95 27.26
CA ARG E 38 11.35 41.39 27.41
C ARG E 38 11.45 41.81 28.87
N SER E 39 10.84 40.99 29.82
CA SER E 39 10.66 41.34 31.23
C SER E 39 11.93 40.99 32.01
N PRO E 40 12.51 41.94 32.75
CA PRO E 40 13.74 41.66 33.52
C PRO E 40 13.46 40.70 34.66
N GLY E 41 14.55 40.20 35.24
CA GLY E 41 14.44 39.12 36.20
C GLY E 41 14.76 37.75 35.62
N SER E 42 14.02 37.33 34.58
CA SER E 42 14.22 36.00 34.00
C SER E 42 15.69 35.78 33.63
N GLY E 43 16.10 34.52 33.67
CA GLY E 43 17.46 34.19 33.27
C GLY E 43 17.70 34.45 31.80
N LEU E 44 16.66 34.32 30.97
CA LEU E 44 16.78 34.60 29.55
C LEU E 44 17.06 36.09 29.30
N TYR E 45 16.43 36.98 30.09
CA TYR E 45 16.74 38.41 30.05
C TYR E 45 18.22 38.67 30.37
N SER E 46 18.72 38.03 31.42
CA SER E 46 20.12 38.20 31.81
C SER E 46 21.08 37.64 30.76
N ASN E 47 20.66 36.63 30.02
CA ASN E 47 21.61 36.11 29.05
C ASN E 47 21.57 36.92 27.77
N LEU E 48 20.41 37.45 27.40
CA LEU E 48 20.37 38.41 26.31
C LEU E 48 21.15 39.67 26.63
N GLN E 49 21.17 40.06 27.92
CA GLN E 49 21.90 41.25 28.36
C GLN E 49 23.39 41.23 28.07
N GLN E 50 23.97 40.06 27.80
CA GLN E 50 25.40 40.03 27.49
C GLN E 50 25.68 40.52 26.08
N TYR E 51 24.67 40.59 25.21
CA TYR E 51 24.83 40.96 23.81
C TYR E 51 24.41 42.40 23.56
N ASP E 52 25.16 43.10 22.71
CA ASP E 52 24.90 44.50 22.43
C ASP E 52 23.63 44.67 21.61
N LEU E 53 22.49 44.28 22.17
CA LEU E 53 21.23 44.29 21.45
C LEU E 53 20.56 45.65 21.61
N PRO E 54 20.29 46.39 20.51
CA PRO E 54 19.91 47.79 20.65
C PRO E 54 18.45 48.02 21.03
N TYR E 55 17.57 47.02 20.84
CA TYR E 55 16.17 47.06 21.25
C TYR E 55 15.59 45.66 21.10
N PRO E 56 14.86 45.14 22.10
CA PRO E 56 14.44 43.72 22.07
C PRO E 56 13.92 43.22 20.72
N GLU E 57 13.19 44.08 19.99
CA GLU E 57 12.55 43.63 18.76
C GLU E 57 13.56 43.33 17.67
N ALA E 58 14.79 43.85 17.80
CA ALA E 58 15.88 43.48 16.91
C ALA E 58 16.17 41.98 16.92
N ILE E 59 15.90 41.26 18.02
CA ILE E 59 16.05 39.80 18.03
C ILE E 59 15.27 39.17 16.88
N PHE E 60 14.11 39.73 16.55
CA PHE E 60 13.25 39.20 15.51
C PHE E 60 13.36 39.99 14.21
N GLU E 61 14.49 40.67 13.99
CA GLU E 61 14.74 41.45 12.76
C GLU E 61 15.87 40.83 11.95
N LEU E 62 15.74 40.90 10.62
CA LEU E 62 16.69 40.27 9.70
C LEU E 62 18.00 41.02 9.63
N PRO E 63 18.03 42.36 9.48
CA PRO E 63 19.30 43.07 9.55
C PRO E 63 20.13 42.67 10.76
N PHE E 64 19.58 42.82 11.97
CA PHE E 64 20.39 42.47 13.13
C PHE E 64 20.71 40.98 13.17
N PHE E 65 19.82 40.14 12.65
CA PHE E 65 20.11 38.71 12.65
C PHE E 65 21.36 38.42 11.84
N PHE E 66 21.44 39.03 10.64
CA PHE E 66 22.62 38.85 9.79
C PHE E 66 23.86 39.39 10.47
N HIS E 67 23.73 40.51 11.17
CA HIS E 67 24.86 41.00 11.97
C HIS E 67 25.26 39.96 13.01
N ASN E 68 24.49 39.81 14.10
CA ASN E 68 24.76 38.77 15.09
C ASN E 68 23.59 37.83 15.27
N PRO E 69 23.69 36.57 14.79
CA PRO E 69 22.60 35.62 15.00
C PRO E 69 22.56 35.01 16.40
N LYS E 70 23.60 35.21 17.21
CA LYS E 70 23.67 34.54 18.51
C LYS E 70 22.53 34.90 19.48
N PRO E 71 22.07 36.15 19.59
CA PRO E 71 20.97 36.44 20.53
C PRO E 71 19.69 35.70 20.20
N PHE E 72 19.31 35.71 18.92
CA PHE E 72 18.19 34.92 18.49
C PHE E 72 18.35 33.46 18.91
N PHE E 73 19.56 32.90 18.74
CA PHE E 73 19.73 31.46 18.97
C PHE E 73 19.73 31.09 20.44
N THR E 74 20.17 31.98 21.34
CA THR E 74 19.95 31.75 22.76
C THR E 74 18.45 31.79 23.10
N LEU E 75 17.72 32.78 22.55
CA LEU E 75 16.27 32.76 22.74
C LEU E 75 15.63 31.49 22.17
N ALA E 76 16.25 30.89 21.15
CA ALA E 76 15.70 29.65 20.60
C ALA E 76 15.96 28.47 21.53
N LYS E 77 17.20 28.34 22.01
CA LYS E 77 17.53 27.30 22.99
C LYS E 77 16.50 27.32 24.10
N GLU E 78 16.30 28.49 24.71
CA GLU E 78 15.36 28.60 25.83
C GLU E 78 13.93 28.24 25.44
N LEU E 79 13.60 28.26 24.15
CA LEU E 79 12.22 28.10 23.71
C LEU E 79 11.95 26.83 22.93
N TYR E 80 12.97 26.03 22.63
CA TYR E 80 12.73 24.82 21.86
C TYR E 80 11.89 23.85 22.67
N PRO E 81 10.84 23.27 22.09
CA PRO E 81 9.97 22.35 22.84
C PRO E 81 10.73 21.21 23.48
N GLY E 82 10.12 20.66 24.53
CA GLY E 82 10.75 19.64 25.36
C GLY E 82 10.67 20.01 26.82
N ASN E 83 10.84 21.30 27.11
CA ASN E 83 11.04 21.75 28.50
C ASN E 83 9.75 22.09 29.21
N TYR E 84 8.71 22.55 28.51
CA TYR E 84 7.52 23.08 29.16
C TYR E 84 6.25 22.41 28.65
N LYS E 85 5.28 22.29 29.54
CA LYS E 85 4.00 21.63 29.35
C LYS E 85 2.88 22.66 29.36
N PRO E 86 1.79 22.42 28.61
CA PRO E 86 0.76 23.45 28.45
C PRO E 86 -0.03 23.67 29.73
N ASN E 87 -0.60 24.87 29.84
CA ASN E 87 -1.29 25.20 31.07
C ASN E 87 -2.81 25.22 30.82
N VAL E 88 -3.52 25.89 31.73
CA VAL E 88 -4.97 25.78 31.75
C VAL E 88 -5.60 26.41 30.51
N THR E 89 -5.02 27.50 30.02
CA THR E 89 -5.56 28.18 28.83
C THR E 89 -5.48 27.30 27.59
N HIS E 90 -4.39 26.54 27.48
CA HIS E 90 -4.23 25.61 26.36
C HIS E 90 -5.25 24.48 26.40
N TYR E 91 -5.37 23.83 27.56
CA TYR E 91 -6.34 22.75 27.63
C TYR E 91 -7.78 23.27 27.55
N PHE E 92 -8.03 24.51 27.96
CA PHE E 92 -9.34 25.10 27.73
C PHE E 92 -9.66 25.14 26.23
N LEU E 93 -8.71 25.68 25.43
CA LEU E 93 -8.89 25.67 23.98
C LEU E 93 -9.02 24.25 23.43
N ARG E 94 -8.26 23.30 24.00
CA ARG E 94 -8.38 21.89 23.61
C ARG E 94 -9.79 21.37 23.79
N LEU E 95 -10.36 21.63 24.97
CA LEU E 95 -11.75 21.25 25.25
C LEU E 95 -12.69 21.87 24.22
N LEU E 96 -12.49 23.16 23.95
CA LEU E 96 -13.28 23.87 22.97
C LEU E 96 -13.25 23.18 21.60
N HIS E 97 -12.10 22.60 21.26
CA HIS E 97 -11.99 21.76 20.07
C HIS E 97 -12.81 20.47 20.23
N ASP E 98 -12.48 19.67 21.26
CA ASP E 98 -13.21 18.44 21.53
C ASP E 98 -14.73 18.63 21.51
N LYS E 99 -15.21 19.76 22.01
CA LYS E 99 -16.64 19.98 22.01
C LYS E 99 -17.16 20.41 20.65
N GLY E 100 -16.30 20.49 19.63
CA GLY E 100 -16.74 20.74 18.27
C GLY E 100 -17.11 22.18 17.96
N LEU E 101 -16.46 23.14 18.61
CA LEU E 101 -16.79 24.55 18.47
C LEU E 101 -15.62 25.38 17.97
N LEU E 102 -14.39 24.85 18.04
CA LEU E 102 -13.21 25.59 17.59
C LEU E 102 -13.15 25.54 16.06
N LEU E 103 -13.13 26.72 15.44
CA LEU E 103 -13.05 26.84 13.99
C LEU E 103 -11.62 27.03 13.53
N ARG E 104 -10.86 27.79 14.30
CA ARG E 104 -9.43 27.94 14.06
C ARG E 104 -8.82 28.62 15.28
N LEU E 105 -7.58 28.24 15.59
CA LEU E 105 -6.82 28.88 16.65
C LEU E 105 -5.61 29.56 16.02
N TYR E 106 -5.63 30.90 15.95
CA TYR E 106 -4.53 31.68 15.41
C TYR E 106 -3.65 32.11 16.57
N THR E 107 -2.36 31.79 16.49
CA THR E 107 -1.44 32.17 17.56
C THR E 107 -0.29 33.02 17.03
N GLN E 108 0.32 33.78 17.93
CA GLN E 108 1.64 34.35 17.68
C GLN E 108 2.74 33.67 18.48
N ASN E 109 2.44 32.58 19.19
CA ASN E 109 3.45 32.00 20.05
C ASN E 109 4.28 31.04 19.26
N ILE E 110 5.55 30.94 19.62
CA ILE E 110 6.40 29.94 18.99
C ILE E 110 6.86 28.90 20.00
N ASP E 111 6.11 28.74 21.10
CA ASP E 111 6.43 27.69 22.06
C ASP E 111 5.91 26.34 21.60
N GLY E 112 5.03 26.32 20.60
CA GLY E 112 4.44 25.08 20.11
C GLY E 112 3.53 24.35 21.07
N LEU E 113 2.98 25.04 22.07
CA LEU E 113 2.17 24.38 23.11
C LEU E 113 0.73 24.14 22.72
N GLU E 114 0.22 24.88 21.73
CA GLU E 114 -1.09 24.57 21.19
C GLU E 114 -1.14 23.17 20.59
N ARG E 115 0.00 22.68 20.10
CA ARG E 115 0.07 21.33 19.52
C ARG E 115 0.08 20.28 20.62
N VAL E 116 1.03 20.37 21.55
CA VAL E 116 1.15 19.41 22.63
C VAL E 116 -0.14 19.33 23.44
N SER E 117 -0.91 20.42 23.47
CA SER E 117 -2.23 20.38 24.09
C SER E 117 -3.12 19.34 23.42
N GLY E 118 -2.71 18.87 22.23
CA GLY E 118 -3.47 17.90 21.50
C GLY E 118 -4.46 18.47 20.53
N ILE E 119 -4.32 19.74 20.17
CA ILE E 119 -5.12 20.30 19.08
C ILE E 119 -4.59 19.75 17.76
N PRO E 120 -5.45 19.39 16.81
CA PRO E 120 -4.96 18.94 15.53
C PRO E 120 -4.27 20.09 14.80
N ALA E 121 -3.25 19.74 14.00
CA ALA E 121 -2.53 20.77 13.27
C ALA E 121 -3.44 21.54 12.33
N SER E 122 -4.54 20.92 11.89
CA SER E 122 -5.41 21.52 10.89
C SER E 122 -6.24 22.67 11.45
N LYS E 123 -6.66 22.57 12.72
CA LYS E 123 -7.37 23.67 13.36
C LYS E 123 -6.40 24.76 13.82
N LEU E 124 -5.11 24.49 13.75
CA LEU E 124 -4.06 25.35 14.26
C LEU E 124 -3.40 26.12 13.11
N VAL E 125 -3.04 27.39 13.37
CA VAL E 125 -2.41 28.26 12.38
C VAL E 125 -1.43 29.19 13.10
N GLU E 126 -0.14 28.84 13.03
CA GLU E 126 0.92 29.53 13.78
C GLU E 126 1.44 30.69 12.95
N ALA E 127 0.80 31.84 13.14
CA ALA E 127 0.97 32.98 12.23
C ALA E 127 2.38 33.59 12.28
N HIS E 128 3.17 33.30 13.31
CA HIS E 128 4.52 33.86 13.42
C HIS E 128 5.58 32.80 13.24
N GLY E 129 5.19 31.63 12.74
CA GLY E 129 6.13 30.61 12.36
C GLY E 129 6.24 29.53 13.40
N THR E 130 7.30 28.74 13.24
CA THR E 130 7.48 27.51 13.96
C THR E 130 8.94 27.11 13.96
N PHE E 131 9.33 26.37 14.99
CA PHE E 131 10.64 25.73 15.05
C PHE E 131 10.69 24.40 14.30
N ALA E 132 9.56 23.96 13.73
CA ALA E 132 9.49 22.64 13.11
C ALA E 132 10.39 22.52 11.88
N SER E 133 10.55 23.62 11.12
CA SER E 133 11.31 23.63 9.87
C SER E 133 12.32 24.76 9.88
N ALA E 134 13.39 24.59 9.12
CA ALA E 134 14.35 25.66 8.96
C ALA E 134 14.40 26.07 7.50
N THR E 135 15.12 27.17 7.24
CA THR E 135 15.28 27.72 5.91
C THR E 135 16.58 28.52 5.91
N CYS E 136 17.29 28.51 4.78
CA CYS E 136 18.60 29.14 4.67
C CYS E 136 18.48 30.66 4.55
N THR E 137 19.30 31.38 5.35
CA THR E 137 19.40 32.84 5.25
C THR E 137 19.49 33.30 3.80
N VAL E 138 20.25 32.56 2.98
CA VAL E 138 20.76 33.06 1.70
C VAL E 138 20.15 32.31 0.51
N CYS E 139 20.31 30.99 0.46
CA CYS E 139 19.89 30.19 -0.70
C CYS E 139 18.47 29.66 -0.60
N GLN E 140 17.91 29.63 0.62
CA GLN E 140 16.51 29.28 0.87
C GLN E 140 16.21 27.81 0.54
N ARG E 141 17.06 26.90 1.00
CA ARG E 141 16.79 25.49 0.79
C ARG E 141 16.30 24.88 2.10
N PRO E 142 15.05 24.44 2.15
CA PRO E 142 14.50 23.93 3.40
C PRO E 142 15.25 22.71 3.95
N PHE E 143 15.32 22.66 5.28
CA PHE E 143 15.91 21.58 6.06
C PHE E 143 14.99 21.23 7.21
N PRO E 144 15.06 20.00 7.71
CA PRO E 144 14.17 19.61 8.82
C PRO E 144 14.70 20.16 10.15
N GLY E 145 13.79 20.79 10.91
CA GLY E 145 14.12 21.53 12.12
C GLY E 145 15.04 20.84 13.11
N GLU E 146 15.03 19.52 13.12
CA GLU E 146 15.75 18.76 14.13
C GLU E 146 17.26 18.81 13.92
N ASP E 147 17.72 18.94 12.67
CA ASP E 147 19.16 19.09 12.43
C ASP E 147 19.67 20.36 13.11
N ILE E 148 19.02 21.49 12.79
CA ILE E 148 19.42 22.76 13.37
C ILE E 148 19.22 22.74 14.88
N ARG E 149 18.22 21.99 15.37
CA ARG E 149 17.98 21.91 16.82
C ARG E 149 19.14 21.24 17.53
N ALA E 150 19.49 20.03 17.10
CA ALA E 150 20.59 19.30 17.70
C ALA E 150 21.81 20.21 17.79
N ASP E 151 22.13 20.90 16.69
CA ASP E 151 23.32 21.74 16.75
C ASP E 151 23.07 23.09 17.43
N VAL E 152 21.83 23.45 17.74
CA VAL E 152 21.58 24.66 18.50
C VAL E 152 21.83 24.42 19.98
N MET E 153 21.44 23.25 20.48
CA MET E 153 21.74 22.97 21.88
C MET E 153 23.25 22.88 22.13
N ALA E 154 24.05 22.60 21.10
CA ALA E 154 25.51 22.60 21.20
C ALA E 154 26.15 23.98 21.03
N ASP E 155 25.38 25.00 20.63
CA ASP E 155 25.81 26.38 20.41
C ASP E 155 26.65 26.56 19.15
N ARG E 156 26.74 25.55 18.30
CA ARG E 156 27.28 25.73 16.95
C ARG E 156 26.15 26.30 16.09
N VAL E 157 26.23 27.59 15.79
CA VAL E 157 25.27 28.26 14.91
C VAL E 157 25.15 27.48 13.61
N PRO E 158 23.98 26.92 13.31
CA PRO E 158 23.89 25.93 12.23
C PRO E 158 24.16 26.58 10.88
N ARG E 159 24.88 25.90 10.03
CA ARG E 159 25.10 26.51 8.73
C ARG E 159 25.07 25.49 7.61
N CYS E 160 24.18 25.76 6.65
CA CYS E 160 23.80 25.15 5.39
C CYS E 160 24.90 24.27 4.79
N PRO E 161 24.71 22.96 4.72
CA PRO E 161 25.66 22.11 4.01
C PRO E 161 25.57 22.17 2.49
N VAL E 162 24.76 23.04 1.89
CA VAL E 162 24.93 23.38 0.49
C VAL E 162 25.54 24.77 0.27
N CYS E 163 25.67 25.60 1.33
CA CYS E 163 26.40 26.85 1.19
C CYS E 163 27.07 27.44 2.44
N THR E 164 26.98 26.78 3.59
CA THR E 164 27.35 27.34 4.90
C THR E 164 26.88 28.79 5.05
N GLY E 165 25.61 29.06 4.73
CA GLY E 165 24.95 30.26 5.23
C GLY E 165 23.99 29.88 6.33
N VAL E 166 23.79 30.80 7.27
CA VAL E 166 23.11 30.46 8.50
C VAL E 166 21.73 29.89 8.18
N VAL E 167 21.27 28.98 9.03
CA VAL E 167 19.96 28.38 8.88
C VAL E 167 19.10 28.87 10.03
N LYS E 168 17.87 29.27 9.72
CA LYS E 168 17.03 29.96 10.67
C LYS E 168 15.75 29.15 10.85
N PRO E 169 15.36 28.84 12.09
CA PRO E 169 14.02 28.30 12.34
C PRO E 169 12.99 29.19 11.68
N ASP E 170 11.91 28.60 11.20
CA ASP E 170 10.97 29.40 10.42
C ASP E 170 10.08 30.24 11.32
N ILE E 171 10.71 30.97 12.26
CA ILE E 171 10.06 32.05 12.98
C ILE E 171 9.95 33.26 12.08
N VAL E 172 8.79 33.90 12.08
CA VAL E 172 8.54 35.04 11.21
C VAL E 172 9.14 36.30 11.82
N PHE E 173 10.00 36.96 11.08
CA PHE E 173 10.71 38.10 11.62
C PHE E 173 10.01 39.40 11.28
N PHE E 174 10.39 40.46 11.96
CA PHE E 174 9.93 41.78 11.58
C PHE E 174 10.51 42.17 10.22
N GLY E 175 9.63 42.49 9.28
CA GLY E 175 10.03 42.70 7.91
C GLY E 175 10.02 41.45 7.07
N GLU E 176 9.33 40.42 7.50
CA GLU E 176 9.06 39.25 6.69
C GLU E 176 7.57 39.15 6.42
N PRO E 177 7.16 38.35 5.45
CA PRO E 177 5.74 38.00 5.31
C PRO E 177 5.38 36.78 6.15
N LEU E 178 4.09 36.70 6.45
CA LEU E 178 3.60 35.61 7.28
C LEU E 178 3.46 34.33 6.45
N PRO E 179 3.52 33.15 7.08
CA PRO E 179 3.32 31.91 6.33
C PRO E 179 2.03 31.95 5.53
N GLN E 180 2.05 31.31 4.37
CA GLN E 180 0.86 31.27 3.51
C GLN E 180 -0.37 30.84 4.30
N ARG E 181 -0.18 30.04 5.35
CA ARG E 181 -1.31 29.50 6.07
C ARG E 181 -2.14 30.59 6.74
N PHE E 182 -1.51 31.72 7.07
CA PHE E 182 -2.25 32.87 7.57
C PHE E 182 -3.41 33.22 6.65
N LEU E 183 -3.25 32.99 5.35
CA LEU E 183 -4.29 33.25 4.34
C LEU E 183 -5.63 32.69 4.73
N LEU E 184 -5.66 31.66 5.59
CA LEU E 184 -6.92 31.07 5.99
C LEU E 184 -7.89 32.10 6.53
N HIS E 185 -7.38 33.21 7.07
CA HIS E 185 -8.29 34.19 7.66
C HIS E 185 -9.33 34.65 6.64
N VAL E 186 -8.97 34.72 5.36
CA VAL E 186 -9.92 35.15 4.34
C VAL E 186 -11.16 34.28 4.31
N VAL E 187 -11.05 32.98 4.60
CA VAL E 187 -12.25 32.15 4.65
C VAL E 187 -12.85 32.11 6.05
N ASP E 188 -12.02 32.30 7.08
CA ASP E 188 -12.40 31.99 8.46
C ASP E 188 -13.19 33.12 9.10
N PHE E 189 -12.52 34.24 9.34
CA PHE E 189 -13.14 35.38 10.01
C PHE E 189 -14.47 35.79 9.42
N PRO E 190 -14.71 35.67 8.11
CA PRO E 190 -16.09 35.79 7.62
C PRO E 190 -17.07 34.86 8.31
N MET E 191 -16.70 33.61 8.57
CA MET E 191 -17.63 32.61 9.09
C MET E 191 -17.82 32.69 10.60
N ALA E 192 -16.86 33.27 11.32
CA ALA E 192 -16.88 33.26 12.78
C ALA E 192 -18.24 33.71 13.32
N ASP E 193 -18.63 33.11 14.44
CA ASP E 193 -19.81 33.57 15.16
C ASP E 193 -19.47 33.94 16.59
N LEU E 194 -18.21 33.81 17.00
CA LEU E 194 -17.64 34.61 18.07
C LEU E 194 -16.13 34.55 17.99
N LEU E 195 -15.48 35.66 18.31
CA LEU E 195 -14.03 35.78 18.35
C LEU E 195 -13.52 35.84 19.80
N LEU E 196 -12.45 35.11 20.10
CA LEU E 196 -11.79 35.13 21.40
C LEU E 196 -10.38 35.66 21.30
N ILE E 197 -9.98 36.53 22.24
CA ILE E 197 -8.65 37.11 22.30
C ILE E 197 -8.08 36.87 23.69
N LEU E 198 -6.89 36.29 23.75
CA LEU E 198 -6.35 35.81 25.02
C LEU E 198 -4.85 36.05 25.06
N GLY E 199 -4.39 36.70 26.12
CA GLY E 199 -2.97 36.72 26.45
C GLY E 199 -2.11 37.46 25.46
N THR E 200 -2.62 38.52 24.86
CA THR E 200 -1.86 39.20 23.82
C THR E 200 -2.06 40.70 23.90
N SER E 201 -1.03 41.43 23.50
CA SER E 201 -1.09 42.88 23.49
C SER E 201 -1.51 43.44 22.14
N LEU E 202 -1.55 42.62 21.09
CA LEU E 202 -1.95 43.09 19.76
C LEU E 202 -1.05 44.22 19.28
N GLU E 203 0.25 44.11 19.56
CA GLU E 203 1.22 45.12 19.17
C GLU E 203 1.86 44.87 17.81
N VAL E 204 1.66 43.70 17.22
CA VAL E 204 2.23 43.34 15.93
C VAL E 204 1.10 43.15 14.93
N GLU E 205 1.28 43.70 13.71
CA GLU E 205 0.40 43.56 12.56
C GLU E 205 1.07 42.66 11.53
N PRO E 206 0.29 41.99 10.65
CA PRO E 206 -1.14 42.12 10.39
C PRO E 206 -2.02 41.26 11.28
N PHE E 207 -1.45 40.73 12.35
CA PHE E 207 -2.21 39.85 13.23
C PHE E 207 -3.35 40.60 13.91
N ALA E 208 -3.03 41.74 14.52
CA ALA E 208 -4.02 42.55 15.23
C ALA E 208 -5.24 42.86 14.35
N SER E 209 -5.01 43.35 13.13
CA SER E 209 -6.09 43.73 12.23
C SER E 209 -7.19 42.67 12.14
N LEU E 210 -6.88 41.40 12.44
CA LEU E 210 -7.86 40.33 12.35
C LEU E 210 -9.07 40.56 13.25
N THR E 211 -8.87 41.27 14.36
CA THR E 211 -10.00 41.58 15.23
C THR E 211 -11.08 42.38 14.52
N GLU E 212 -10.75 43.02 13.39
CA GLU E 212 -11.69 43.78 12.59
C GLU E 212 -12.34 42.96 11.49
N ALA E 213 -11.73 41.84 11.09
CA ALA E 213 -12.21 41.05 9.97
C ALA E 213 -13.36 40.13 10.33
N VAL E 214 -13.74 40.06 11.61
CA VAL E 214 -15.00 39.44 11.95
C VAL E 214 -16.12 40.36 11.51
N ARG E 215 -17.30 39.78 11.30
CA ARG E 215 -18.44 40.62 10.98
C ARG E 215 -18.86 41.39 12.22
N SER E 216 -19.68 42.42 12.01
CA SER E 216 -20.11 43.27 13.11
C SER E 216 -20.93 42.48 14.12
N SER E 217 -21.81 41.61 13.62
CA SER E 217 -22.71 40.83 14.45
C SER E 217 -21.98 40.01 15.51
N VAL E 218 -20.73 39.65 15.30
CA VAL E 218 -20.16 38.60 16.15
C VAL E 218 -19.45 39.20 17.37
N PRO E 219 -19.64 38.61 18.55
CA PRO E 219 -18.98 39.13 19.75
C PRO E 219 -17.48 38.86 19.73
N ARG E 220 -16.73 39.83 20.23
CA ARG E 220 -15.31 39.68 20.48
C ARG E 220 -15.06 39.83 21.98
N LEU E 221 -14.53 38.77 22.61
CA LEU E 221 -14.33 38.73 24.06
C LEU E 221 -12.84 38.64 24.37
N LEU E 222 -12.34 39.66 25.04
CA LEU E 222 -10.94 39.82 25.43
C LEU E 222 -10.68 39.28 26.84
N ILE E 223 -9.72 38.37 26.99
CA ILE E 223 -9.30 37.86 28.30
C ILE E 223 -7.82 38.24 28.45
N ASN E 224 -7.54 39.34 29.14
CA ASN E 224 -6.20 39.91 29.22
C ASN E 224 -6.12 40.79 30.46
N ARG E 225 -4.90 41.22 30.81
CA ARG E 225 -4.81 42.10 31.98
C ARG E 225 -5.21 43.53 31.62
N ASP E 226 -4.76 44.02 30.47
CA ASP E 226 -5.08 45.34 29.96
C ASP E 226 -6.10 45.26 28.83
N LEU E 227 -6.91 46.32 28.68
CA LEU E 227 -7.78 46.45 27.51
C LEU E 227 -6.94 46.96 26.35
N VAL E 228 -6.99 46.24 25.22
CA VAL E 228 -5.86 46.21 24.31
C VAL E 228 -6.35 46.38 22.87
N GLY E 229 -5.47 46.99 22.06
CA GLY E 229 -5.59 46.92 20.62
C GLY E 229 -6.80 47.59 20.00
N PRO E 230 -7.20 47.09 18.82
CA PRO E 230 -8.39 47.65 18.14
C PRO E 230 -9.65 47.67 18.97
N LEU E 231 -9.81 46.70 19.88
CA LEU E 231 -10.97 46.67 20.78
C LEU E 231 -11.06 47.93 21.63
N ALA E 232 -9.97 48.69 21.72
CA ALA E 232 -9.91 50.03 22.28
C ALA E 232 -10.15 51.10 21.21
N TRP E 233 -9.48 50.99 20.06
CA TRP E 233 -9.57 52.02 19.03
C TRP E 233 -10.98 52.09 18.45
N HIS E 234 -11.45 50.99 17.86
CA HIS E 234 -12.76 50.92 17.23
C HIS E 234 -13.62 49.88 17.95
N PRO E 235 -14.17 50.23 19.11
CA PRO E 235 -15.06 49.29 19.84
C PRO E 235 -16.32 48.96 19.06
N ARG E 236 -16.96 47.87 19.46
CA ARG E 236 -18.21 47.42 18.87
C ARG E 236 -19.14 46.97 20.00
N SER E 237 -20.45 47.11 19.76
CA SER E 237 -21.43 46.93 20.84
C SER E 237 -21.22 45.59 21.55
N ARG E 238 -21.14 44.51 20.77
CA ARG E 238 -21.14 43.18 21.35
C ARG E 238 -19.75 42.77 21.83
N ASP E 239 -18.94 43.74 22.26
CA ASP E 239 -17.62 43.44 22.80
C ASP E 239 -17.67 43.25 24.32
N VAL E 240 -16.74 42.44 24.82
CA VAL E 240 -16.67 42.06 26.23
C VAL E 240 -15.22 41.92 26.63
N ALA E 241 -14.86 42.49 27.77
CA ALA E 241 -13.48 42.37 28.27
C ALA E 241 -13.49 41.84 29.69
N GLN E 242 -12.88 40.64 29.88
CA GLN E 242 -12.56 40.11 31.22
C GLN E 242 -11.10 40.42 31.54
N LEU E 243 -10.91 41.59 32.12
CA LEU E 243 -9.59 42.06 32.51
C LEU E 243 -9.17 41.45 33.85
N GLY E 244 -7.96 40.90 33.88
CA GLY E 244 -7.42 40.22 35.04
C GLY E 244 -6.34 39.27 34.58
N ASP E 245 -5.82 38.51 35.54
CA ASP E 245 -4.97 37.39 35.18
C ASP E 245 -5.67 36.60 34.08
N VAL E 246 -4.90 36.15 33.08
CA VAL E 246 -5.53 35.39 32.01
C VAL E 246 -5.95 34.02 32.53
N VAL E 247 -5.13 33.40 33.39
CA VAL E 247 -5.55 32.15 34.02
C VAL E 247 -6.82 32.36 34.80
N HIS E 248 -6.87 33.41 35.62
CA HIS E 248 -8.06 33.60 36.45
C HIS E 248 -9.29 33.79 35.58
N GLY E 249 -9.21 34.67 34.57
CA GLY E 249 -10.36 34.91 33.71
C GLY E 249 -10.77 33.70 32.91
N VAL E 250 -9.79 32.89 32.50
CA VAL E 250 -10.12 31.66 31.80
C VAL E 250 -10.81 30.68 32.74
N GLU E 251 -10.23 30.45 33.92
CA GLU E 251 -10.85 29.57 34.90
C GLU E 251 -12.26 30.05 35.25
N SER E 252 -12.48 31.37 35.25
CA SER E 252 -13.81 31.93 35.46
C SER E 252 -14.75 31.53 34.33
N LEU E 253 -14.29 31.69 33.10
CA LEU E 253 -15.11 31.28 31.97
C LEU E 253 -15.43 29.80 32.06
N VAL E 254 -14.44 29.00 32.43
CA VAL E 254 -14.56 27.54 32.47
C VAL E 254 -15.62 27.15 33.49
N GLU E 255 -15.57 27.75 34.67
CA GLU E 255 -16.58 27.47 35.69
C GLU E 255 -17.96 27.92 35.20
N LEU E 256 -18.03 29.10 34.61
CA LEU E 256 -19.32 29.61 34.13
C LEU E 256 -19.94 28.69 33.08
N LEU E 257 -19.11 28.01 32.26
CA LEU E 257 -19.59 27.09 31.22
C LEU E 257 -19.94 25.72 31.76
N GLY E 258 -19.53 25.39 32.97
CA GLY E 258 -19.80 24.09 33.54
C GLY E 258 -18.76 23.04 33.28
N TRP E 259 -17.52 23.43 32.97
CA TRP E 259 -16.53 22.47 32.53
C TRP E 259 -15.45 22.19 33.56
N THR E 260 -15.57 22.70 34.79
CA THR E 260 -14.43 22.66 35.70
C THR E 260 -13.98 21.23 35.97
N GLU E 261 -14.93 20.33 36.22
CA GLU E 261 -14.49 18.95 36.41
C GLU E 261 -13.95 18.36 35.12
N GLU E 262 -14.59 18.66 33.99
CA GLU E 262 -14.05 18.21 32.70
C GLU E 262 -12.63 18.72 32.51
N MET E 263 -12.39 19.99 32.84
CA MET E 263 -11.05 20.54 32.73
C MET E 263 -10.07 19.78 33.59
N ARG E 264 -10.44 19.48 34.85
CA ARG E 264 -9.54 18.75 35.73
C ARG E 264 -9.25 17.36 35.20
N ASP E 265 -10.26 16.69 34.66
CA ASP E 265 -10.05 15.33 34.16
C ASP E 265 -9.16 15.35 32.92
N LEU E 266 -9.44 16.24 31.98
CA LEU E 266 -8.57 16.42 30.84
C LEU E 266 -7.14 16.71 31.27
N VAL E 267 -6.94 17.65 32.20
CA VAL E 267 -5.58 18.07 32.52
C VAL E 267 -4.82 16.93 33.18
N GLN E 268 -5.44 16.19 34.10
CA GLN E 268 -4.65 15.12 34.69
C GLN E 268 -4.44 13.97 33.70
N ARG E 269 -5.39 13.77 32.78
CA ARG E 269 -5.23 12.75 31.75
C ARG E 269 -4.03 13.05 30.85
N GLU E 270 -3.95 14.28 30.36
CA GLU E 270 -2.86 14.65 29.47
C GLU E 270 -1.56 14.93 30.19
N THR E 271 -1.61 15.16 31.52
CA THR E 271 -0.38 15.16 32.32
C THR E 271 0.20 13.75 32.43
N GLY E 272 -0.66 12.77 32.77
CA GLY E 272 -0.22 11.38 32.71
C GLY E 272 0.34 11.00 31.35
N LYS E 273 -0.33 11.45 30.28
CA LYS E 273 0.08 11.09 28.91
C LYS E 273 1.52 11.49 28.62
N LEU E 274 2.01 12.55 29.26
CA LEU E 274 3.37 13.01 29.05
C LEU E 274 4.06 13.17 30.41
N GLY F 1 -21.82 41.93 -2.00
CA GLY F 1 -22.98 42.27 -2.82
C GLY F 1 -24.03 41.18 -2.80
N LYS F 2 -25.17 41.43 -3.45
CA LYS F 2 -26.33 40.54 -3.32
C LYS F 2 -25.98 39.10 -3.68
N LEU F 3 -26.48 38.16 -2.86
CA LEU F 3 -26.12 36.75 -2.95
C LEU F 3 -27.08 36.01 -3.87
N SER F 4 -26.53 35.04 -4.60
CA SER F 4 -27.34 34.16 -5.42
C SER F 4 -27.67 32.88 -4.67
N LEU F 5 -28.57 32.09 -5.26
CA LEU F 5 -28.83 30.76 -4.74
C LEU F 5 -27.54 29.98 -4.59
N GLN F 6 -26.56 30.24 -5.47
CA GLN F 6 -25.28 29.53 -5.38
C GLN F 6 -24.41 30.06 -4.24
N ASP F 7 -24.52 31.35 -3.91
CA ASP F 7 -23.86 31.85 -2.71
C ASP F 7 -24.37 31.14 -1.45
N VAL F 8 -25.69 30.99 -1.32
CA VAL F 8 -26.27 30.26 -0.20
C VAL F 8 -25.74 28.83 -0.20
N ALA F 9 -25.77 28.19 -1.37
CA ALA F 9 -25.34 26.79 -1.49
C ALA F 9 -23.90 26.63 -1.05
N GLU F 10 -23.06 27.60 -1.38
CA GLU F 10 -21.67 27.48 -1.00
C GLU F 10 -21.46 27.79 0.48
N LEU F 11 -22.33 28.64 1.07
CA LEU F 11 -22.31 28.83 2.51
C LEU F 11 -22.53 27.49 3.23
N ILE F 12 -23.58 26.78 2.83
CA ILE F 12 -23.84 25.48 3.43
C ILE F 12 -22.69 24.53 3.16
N ARG F 13 -22.23 24.50 1.90
CA ARG F 13 -21.11 23.63 1.53
C ARG F 13 -19.89 23.90 2.41
N ALA F 14 -19.63 25.18 2.71
CA ALA F 14 -18.51 25.57 3.56
C ALA F 14 -18.79 25.31 5.03
N ARG F 15 -20.04 24.99 5.37
CA ARG F 15 -20.52 24.89 6.76
C ARG F 15 -20.38 26.21 7.52
N ALA F 16 -20.43 27.32 6.78
CA ALA F 16 -20.63 28.63 7.36
C ALA F 16 -22.04 28.84 7.88
N CYS F 17 -22.96 27.92 7.59
CA CYS F 17 -24.31 27.93 8.13
C CYS F 17 -24.56 26.54 8.72
N GLN F 18 -24.65 26.46 10.05
CA GLN F 18 -24.92 25.18 10.71
C GLN F 18 -26.21 25.19 11.52
N ARG F 19 -27.06 26.21 11.35
CA ARG F 19 -28.26 26.43 12.14
C ARG F 19 -29.45 26.81 11.28
N VAL F 20 -29.74 26.01 10.26
CA VAL F 20 -30.81 26.39 9.35
C VAL F 20 -32.12 26.39 10.10
N VAL F 21 -32.94 27.41 9.86
CA VAL F 21 -34.32 27.44 10.32
C VAL F 21 -35.20 27.51 9.09
N VAL F 22 -36.21 26.64 9.06
CA VAL F 22 -37.03 26.43 7.87
C VAL F 22 -38.49 26.67 8.23
N MET F 23 -39.18 27.44 7.37
CA MET F 23 -40.62 27.58 7.43
C MET F 23 -41.21 27.06 6.13
N VAL F 24 -42.18 26.16 6.25
CA VAL F 24 -42.79 25.51 5.10
C VAL F 24 -44.30 25.64 5.19
N GLY F 25 -44.96 25.55 4.05
CA GLY F 25 -46.41 25.64 3.98
C GLY F 25 -46.94 24.61 3.01
N ALA F 26 -48.14 24.82 2.47
CA ALA F 26 -48.80 23.72 1.75
C ALA F 26 -48.13 23.40 0.41
N GLY F 27 -47.36 24.35 -0.13
CA GLY F 27 -46.65 24.07 -1.37
C GLY F 27 -45.78 22.85 -1.28
N ILE F 28 -45.03 22.72 -0.18
CA ILE F 28 -44.07 21.61 -0.10
C ILE F 28 -44.77 20.26 -0.02
N SER F 29 -46.08 20.22 0.19
CA SER F 29 -46.76 18.93 0.18
C SER F 29 -47.74 18.76 -0.98
N THR F 30 -47.84 19.75 -1.88
CA THR F 30 -48.65 19.53 -3.07
C THR F 30 -47.99 18.56 -4.05
N PRO F 31 -46.66 18.47 -4.13
CA PRO F 31 -46.05 17.41 -4.94
C PRO F 31 -46.27 16.02 -4.39
N SER F 32 -47.03 15.89 -3.31
CA SER F 32 -47.34 14.60 -2.74
C SER F 32 -48.82 14.27 -2.89
N GLY F 33 -49.61 15.16 -3.48
CA GLY F 33 -50.99 14.87 -3.82
C GLY F 33 -52.02 15.57 -2.98
N ILE F 34 -51.62 16.39 -2.02
CA ILE F 34 -52.56 17.16 -1.21
C ILE F 34 -52.73 18.53 -1.87
N PRO F 35 -53.81 18.76 -2.61
CA PRO F 35 -53.98 20.06 -3.25
C PRO F 35 -54.34 21.11 -2.23
N ASP F 36 -53.85 22.33 -2.45
CA ASP F 36 -54.12 23.48 -1.58
C ASP F 36 -55.53 24.04 -1.79
N PRO F 71 -68.41 18.09 5.03
CA PRO F 71 -67.11 18.43 4.43
C PRO F 71 -65.96 18.43 5.45
N PHE F 72 -66.26 18.84 6.69
CA PHE F 72 -65.23 18.88 7.73
C PHE F 72 -64.59 17.50 7.87
N PHE F 73 -65.39 16.55 8.33
CA PHE F 73 -64.89 15.20 8.51
C PHE F 73 -64.61 14.51 7.18
N THR F 74 -64.95 15.13 6.04
CA THR F 74 -64.52 14.61 4.75
C THR F 74 -63.01 14.69 4.60
N LEU F 75 -62.43 15.88 4.82
CA LEU F 75 -60.96 16.00 4.81
C LEU F 75 -60.35 15.32 6.03
N ALA F 76 -61.12 15.23 7.12
CA ALA F 76 -60.70 14.38 8.24
C ALA F 76 -60.37 12.96 7.77
N LYS F 77 -61.38 12.24 7.27
CA LYS F 77 -61.14 10.89 6.72
C LYS F 77 -60.15 10.89 5.57
N GLU F 78 -60.04 11.99 4.83
CA GLU F 78 -59.10 12.10 3.73
C GLU F 78 -57.65 12.05 4.21
N LEU F 79 -57.19 13.13 4.86
CA LEU F 79 -55.76 13.34 5.06
C LEU F 79 -55.27 12.87 6.43
N TYR F 80 -56.11 12.21 7.22
CA TYR F 80 -55.58 11.53 8.38
C TYR F 80 -54.38 10.68 7.93
N PRO F 81 -53.19 10.90 8.50
CA PRO F 81 -51.97 10.33 7.91
C PRO F 81 -52.11 8.86 7.54
N GLY F 82 -51.51 8.52 6.39
CA GLY F 82 -51.56 7.19 5.84
C GLY F 82 -51.40 7.17 4.33
N ASN F 83 -52.27 7.89 3.62
CA ASN F 83 -52.42 7.72 2.17
C ASN F 83 -51.25 8.27 1.35
N TYR F 84 -50.55 9.27 1.86
CA TYR F 84 -49.54 10.00 1.11
C TYR F 84 -48.16 9.78 1.71
N LYS F 85 -47.14 10.05 0.93
CA LYS F 85 -45.74 9.82 1.28
C LYS F 85 -45.00 11.14 1.17
N PRO F 86 -43.83 11.27 1.79
CA PRO F 86 -43.03 12.50 1.61
C PRO F 86 -42.41 12.53 0.22
N ASN F 87 -42.35 13.73 -0.34
CA ASN F 87 -41.72 13.94 -1.63
C ASN F 87 -40.33 14.53 -1.41
N VAL F 88 -39.70 14.94 -2.51
CA VAL F 88 -38.28 15.32 -2.51
C VAL F 88 -38.00 16.51 -1.60
N THR F 89 -38.94 17.47 -1.47
CA THR F 89 -38.70 18.61 -0.59
C THR F 89 -38.54 18.15 0.86
N HIS F 90 -39.50 17.36 1.34
CA HIS F 90 -39.41 16.74 2.65
C HIS F 90 -38.06 16.06 2.86
N TYR F 91 -37.68 15.16 1.95
CA TYR F 91 -36.45 14.41 2.08
C TYR F 91 -35.22 15.32 2.04
N PHE F 92 -35.27 16.39 1.27
CA PHE F 92 -34.21 17.40 1.34
C PHE F 92 -34.06 17.92 2.77
N LEU F 93 -35.19 18.22 3.42
CA LEU F 93 -35.13 18.71 4.80
C LEU F 93 -34.57 17.64 5.75
N ARG F 94 -35.01 16.39 5.59
CA ARG F 94 -34.44 15.27 6.33
C ARG F 94 -32.92 15.18 6.15
N LEU F 95 -32.47 15.19 4.89
CA LEU F 95 -31.05 15.21 4.61
C LEU F 95 -30.36 16.29 5.40
N LEU F 96 -30.96 17.47 5.40
CA LEU F 96 -30.34 18.62 6.06
C LEU F 96 -30.29 18.43 7.56
N HIS F 97 -31.24 17.68 8.12
CA HIS F 97 -31.11 17.23 9.50
C HIS F 97 -29.87 16.35 9.67
N ASP F 98 -29.82 15.22 8.93
CA ASP F 98 -28.75 14.28 9.20
C ASP F 98 -27.35 14.84 8.93
N LYS F 99 -27.21 15.84 8.05
CA LYS F 99 -25.92 16.51 7.92
C LYS F 99 -25.57 17.34 9.14
N GLY F 100 -26.50 17.49 10.09
CA GLY F 100 -26.19 18.22 11.31
C GLY F 100 -26.46 19.70 11.27
N LEU F 101 -27.37 20.16 10.40
CA LEU F 101 -27.55 21.57 10.12
C LEU F 101 -28.93 22.12 10.42
N LEU F 102 -29.91 21.27 10.64
CA LEU F 102 -31.26 21.72 10.94
C LEU F 102 -31.34 22.19 12.39
N LEU F 103 -31.73 23.44 12.59
CA LEU F 103 -31.97 23.92 13.94
C LEU F 103 -33.41 23.64 14.33
N ARG F 104 -34.35 24.00 13.47
CA ARG F 104 -35.74 23.64 13.65
C ARG F 104 -36.48 23.81 12.33
N LEU F 105 -37.55 23.04 12.18
CA LEU F 105 -38.37 23.08 11.00
C LEU F 105 -39.80 23.39 11.44
N TYR F 106 -40.23 24.62 11.17
CA TYR F 106 -41.56 25.11 11.51
C TYR F 106 -42.47 24.94 10.30
N THR F 107 -43.49 24.10 10.44
CA THR F 107 -44.46 23.87 9.37
C THR F 107 -45.84 24.39 9.73
N GLN F 108 -46.60 24.75 8.69
CA GLN F 108 -48.03 24.99 8.78
C GLN F 108 -48.87 23.81 8.29
N ASN F 109 -48.26 22.76 7.75
CA ASN F 109 -49.04 21.66 7.20
C ASN F 109 -49.39 20.66 8.29
N ILE F 110 -50.56 20.04 8.15
CA ILE F 110 -51.00 19.06 9.13
C ILE F 110 -50.98 17.64 8.57
N ASP F 111 -50.22 17.41 7.50
CA ASP F 111 -50.15 16.06 6.92
C ASP F 111 -49.27 15.14 7.75
N GLY F 112 -48.44 15.70 8.63
CA GLY F 112 -47.48 14.89 9.36
C GLY F 112 -46.47 14.22 8.46
N LEU F 113 -46.20 14.81 7.31
CA LEU F 113 -45.21 14.25 6.39
C LEU F 113 -43.78 14.60 6.82
N GLU F 114 -43.58 15.76 7.45
CA GLU F 114 -42.28 16.09 8.03
C GLU F 114 -41.74 14.95 8.90
N ARG F 115 -42.61 14.33 9.71
CA ARG F 115 -42.16 13.26 10.59
C ARG F 115 -41.86 11.97 9.85
N VAL F 116 -42.77 11.53 8.98
CA VAL F 116 -42.57 10.24 8.33
C VAL F 116 -41.38 10.31 7.36
N SER F 117 -40.99 11.51 6.92
CA SER F 117 -39.69 11.59 6.27
C SER F 117 -38.54 11.33 7.24
N GLY F 118 -38.81 11.16 8.53
CA GLY F 118 -37.77 10.81 9.46
C GLY F 118 -37.12 11.96 10.20
N ILE F 119 -37.78 13.11 10.29
CA ILE F 119 -37.34 14.23 11.12
C ILE F 119 -37.80 14.01 12.55
N PRO F 120 -36.89 14.02 13.54
CA PRO F 120 -37.32 13.83 14.93
C PRO F 120 -38.34 14.87 15.36
N ALA F 121 -39.25 14.45 16.24
CA ALA F 121 -40.24 15.40 16.72
C ALA F 121 -39.61 16.50 17.56
N SER F 122 -38.39 16.29 18.09
CA SER F 122 -37.74 17.37 18.82
C SER F 122 -37.38 18.52 17.89
N LYS F 123 -37.03 18.22 16.66
CA LYS F 123 -36.61 19.27 15.72
C LYS F 123 -37.77 19.90 14.99
N LEU F 124 -38.98 19.40 15.19
CA LEU F 124 -40.16 19.89 14.50
C LEU F 124 -41.00 20.73 15.46
N VAL F 125 -41.63 21.78 14.92
CA VAL F 125 -42.71 22.47 15.60
C VAL F 125 -43.89 22.53 14.64
N GLU F 126 -44.93 21.74 14.93
CA GLU F 126 -46.15 21.72 14.13
C GLU F 126 -47.03 22.90 14.53
N ALA F 127 -46.70 24.06 13.95
CA ALA F 127 -47.28 25.33 14.40
C ALA F 127 -48.80 25.34 14.29
N HIS F 128 -49.37 24.63 13.33
CA HIS F 128 -50.82 24.65 13.15
C HIS F 128 -51.48 23.41 13.73
N GLY F 129 -50.77 22.68 14.58
CA GLY F 129 -51.37 21.57 15.28
C GLY F 129 -51.05 20.23 14.64
N THR F 130 -51.56 19.19 15.30
CA THR F 130 -51.39 17.81 14.87
C THR F 130 -52.71 17.11 14.83
N PHE F 131 -52.69 15.83 14.53
CA PHE F 131 -53.75 14.98 14.99
C PHE F 131 -53.10 14.22 16.17
N ASP F 147 -58.09 6.94 18.46
CA ASP F 147 -59.41 7.03 19.09
C ASP F 147 -60.29 7.98 18.29
N ILE F 148 -59.98 9.27 18.47
CA ILE F 148 -60.43 10.38 17.64
C ILE F 148 -60.63 9.92 16.19
N ARG F 149 -59.56 9.39 15.59
CA ARG F 149 -59.60 8.93 14.21
C ARG F 149 -60.57 7.78 14.05
N ALA F 150 -60.63 6.88 15.04
CA ALA F 150 -61.45 5.68 14.87
C ALA F 150 -62.92 6.04 14.79
N ASP F 151 -63.35 7.05 15.55
CA ASP F 151 -64.74 7.45 15.43
C ASP F 151 -64.96 8.33 14.21
N VAL F 152 -63.92 9.04 13.76
CA VAL F 152 -64.09 9.85 12.55
C VAL F 152 -64.29 8.95 11.33
N MET F 153 -63.54 7.83 11.26
CA MET F 153 -63.69 6.93 10.10
C MET F 153 -64.82 5.93 10.23
N ALA F 154 -65.43 5.82 11.40
CA ALA F 154 -66.71 5.14 11.54
C ALA F 154 -67.88 6.11 11.41
N ASP F 155 -67.62 7.39 11.16
CA ASP F 155 -68.63 8.45 11.05
C ASP F 155 -69.51 8.56 12.29
N PRO F 169 -59.51 17.18 18.78
CA PRO F 169 -58.63 17.01 17.61
C PRO F 169 -57.70 18.20 17.47
N ASP F 170 -56.39 17.99 17.67
CA ASP F 170 -55.50 19.12 17.97
C ASP F 170 -55.07 19.97 16.77
N ILE F 171 -55.96 20.15 15.76
CA ILE F 171 -55.71 21.11 14.69
C ILE F 171 -56.01 22.51 15.20
N VAL F 172 -55.44 23.53 14.57
CA VAL F 172 -55.82 24.91 14.89
C VAL F 172 -56.55 25.49 13.68
N PHE F 173 -57.84 25.79 13.86
CA PHE F 173 -58.64 26.47 12.84
C PHE F 173 -58.44 27.97 12.96
N PHE F 174 -58.90 28.70 11.94
CA PHE F 174 -58.75 30.16 11.91
C PHE F 174 -59.32 30.77 13.19
N GLY F 175 -58.47 31.49 13.93
CA GLY F 175 -58.91 32.21 15.11
C GLY F 175 -58.76 31.49 16.43
N GLU F 176 -57.70 30.68 16.60
CA GLU F 176 -57.43 29.91 17.81
C GLU F 176 -55.99 30.25 18.26
N PRO F 177 -55.54 29.94 19.48
CA PRO F 177 -54.10 30.06 19.73
C PRO F 177 -53.26 28.90 19.22
N LEU F 178 -51.97 29.21 19.01
CA LEU F 178 -51.12 28.13 18.54
C LEU F 178 -50.44 27.45 19.72
N PRO F 179 -50.13 26.16 19.59
CA PRO F 179 -49.66 25.38 20.75
C PRO F 179 -48.40 25.98 21.35
N GLN F 180 -48.20 25.68 22.63
CA GLN F 180 -47.11 26.31 23.38
C GLN F 180 -45.78 26.17 22.66
N ARG F 181 -45.62 25.11 21.85
CA ARG F 181 -44.39 24.87 21.09
C ARG F 181 -44.01 26.04 20.19
N PHE F 182 -45.00 26.78 19.69
CA PHE F 182 -44.66 27.87 18.79
C PHE F 182 -43.72 28.84 19.49
N LEU F 183 -43.83 28.92 20.81
CA LEU F 183 -42.98 29.78 21.62
C LEU F 183 -41.51 29.44 21.47
N LEU F 184 -41.21 28.28 20.90
CA LEU F 184 -39.82 27.92 20.64
C LEU F 184 -39.15 28.95 19.74
N HIS F 185 -39.92 29.62 18.87
CA HIS F 185 -39.31 30.61 17.99
C HIS F 185 -38.64 31.72 18.79
N VAL F 186 -39.21 32.07 19.95
CA VAL F 186 -38.57 33.05 20.83
C VAL F 186 -37.10 32.72 21.07
N VAL F 187 -36.80 31.45 21.32
CA VAL F 187 -35.42 31.06 21.59
C VAL F 187 -34.63 30.79 20.32
N ASP F 188 -35.31 30.50 19.20
CA ASP F 188 -34.70 29.83 18.04
C ASP F 188 -34.18 30.79 16.98
N PHE F 189 -35.10 31.57 16.39
CA PHE F 189 -34.81 32.53 15.33
C PHE F 189 -33.67 33.48 15.71
N PRO F 190 -33.51 33.86 16.98
CA PRO F 190 -32.27 34.58 17.32
C PRO F 190 -31.00 33.81 16.98
N MET F 191 -31.01 32.48 17.06
CA MET F 191 -29.77 31.73 16.86
C MET F 191 -29.51 31.35 15.43
N ALA F 192 -30.53 31.40 14.57
CA ALA F 192 -30.38 31.03 13.17
C ALA F 192 -29.16 31.73 12.56
N ASP F 193 -28.55 31.05 11.58
CA ASP F 193 -27.59 31.67 10.66
C ASP F 193 -28.06 31.58 9.21
N LEU F 194 -29.18 30.90 8.94
CA LEU F 194 -29.78 30.82 7.62
C LEU F 194 -31.27 30.56 7.80
N LEU F 195 -32.08 31.26 7.00
CA LEU F 195 -33.53 31.08 7.02
C LEU F 195 -34.02 30.60 5.65
N LEU F 196 -34.67 29.42 5.65
CA LEU F 196 -35.28 28.82 4.47
C LEU F 196 -36.80 28.92 4.54
N ILE F 197 -37.41 29.48 3.49
CA ILE F 197 -38.87 29.53 3.37
C ILE F 197 -39.25 28.81 2.09
N LEU F 198 -40.18 27.87 2.20
CA LEU F 198 -40.42 26.87 1.17
C LEU F 198 -41.92 26.68 0.98
N GLY F 199 -42.38 26.73 -0.27
CA GLY F 199 -43.73 26.28 -0.60
C GLY F 199 -44.82 26.88 0.25
N THR F 200 -44.77 28.20 0.47
CA THR F 200 -45.78 28.89 1.23
C THR F 200 -45.87 30.34 0.76
N SER F 201 -47.06 30.92 0.86
CA SER F 201 -47.30 32.29 0.44
C SER F 201 -47.21 33.31 1.57
N LEU F 202 -47.12 32.85 2.83
CA LEU F 202 -47.01 33.71 4.01
C LEU F 202 -48.30 34.50 4.26
N GLU F 203 -49.44 33.81 4.16
CA GLU F 203 -50.77 34.41 4.26
C GLU F 203 -51.31 34.47 5.68
N VAL F 204 -50.97 33.49 6.53
CA VAL F 204 -51.47 33.43 7.89
C VAL F 204 -50.43 34.04 8.83
N GLU F 205 -50.90 34.79 9.83
CA GLU F 205 -50.06 35.17 10.95
C GLU F 205 -50.67 34.63 12.23
N PRO F 206 -49.88 34.50 13.30
CA PRO F 206 -48.52 34.97 13.56
C PRO F 206 -47.44 34.09 12.94
N PHE F 207 -47.81 33.09 12.14
CA PHE F 207 -46.79 32.25 11.50
C PHE F 207 -45.92 33.06 10.56
N ALA F 208 -46.53 33.94 9.75
CA ALA F 208 -45.75 34.68 8.77
C ALA F 208 -44.84 35.69 9.46
N SER F 209 -45.25 36.18 10.63
CA SER F 209 -44.44 37.13 11.38
C SER F 209 -43.07 36.55 11.72
N LEU F 210 -42.97 35.22 11.85
CA LEU F 210 -41.68 34.60 12.11
C LEU F 210 -40.62 35.07 11.14
N THR F 211 -40.99 35.37 9.88
CA THR F 211 -39.96 35.67 8.90
C THR F 211 -39.13 36.88 9.29
N GLU F 212 -39.57 37.65 10.29
CA GLU F 212 -38.88 38.88 10.68
C GLU F 212 -37.91 38.68 11.84
N ALA F 213 -37.97 37.53 12.52
CA ALA F 213 -37.27 37.32 13.77
C ALA F 213 -35.79 37.02 13.62
N VAL F 214 -35.33 36.73 12.40
CA VAL F 214 -33.91 36.46 12.23
C VAL F 214 -33.12 37.77 12.30
N ARG F 215 -31.82 37.63 12.52
CA ARG F 215 -30.97 38.80 12.63
C ARG F 215 -30.75 39.44 11.25
N SER F 216 -30.11 40.60 11.26
CA SER F 216 -29.92 41.34 10.01
C SER F 216 -28.91 40.66 9.11
N SER F 217 -27.76 40.29 9.66
CA SER F 217 -26.71 39.60 8.91
C SER F 217 -27.14 38.22 8.39
N VAL F 218 -28.33 37.74 8.75
CA VAL F 218 -28.78 36.38 8.42
C VAL F 218 -29.36 36.38 7.02
N PRO F 219 -28.95 35.47 6.14
CA PRO F 219 -29.62 35.37 4.85
C PRO F 219 -30.99 34.70 4.99
N ARG F 220 -31.87 35.00 4.04
CA ARG F 220 -33.21 34.39 3.95
C ARG F 220 -33.49 33.97 2.52
N LEU F 221 -33.82 32.71 2.32
CA LEU F 221 -34.00 32.16 0.98
C LEU F 221 -35.43 31.69 0.81
N LEU F 222 -36.10 32.21 -0.21
CA LEU F 222 -37.43 31.80 -0.61
C LEU F 222 -37.34 30.83 -1.79
N ILE F 223 -37.91 29.64 -1.62
CA ILE F 223 -38.21 28.77 -2.74
C ILE F 223 -39.73 28.64 -2.75
N ASN F 224 -40.37 29.40 -3.65
CA ASN F 224 -41.81 29.53 -3.74
C ASN F 224 -42.14 29.89 -5.18
N ARG F 225 -43.43 29.87 -5.52
CA ARG F 225 -43.72 30.32 -6.87
C ARG F 225 -43.59 31.83 -6.99
N ASP F 226 -44.02 32.58 -5.98
CA ASP F 226 -44.14 34.02 -6.08
C ASP F 226 -43.59 34.72 -4.83
N LEU F 227 -42.85 35.79 -5.05
CA LEU F 227 -42.20 36.55 -3.99
C LEU F 227 -43.24 37.44 -3.34
N VAL F 228 -43.94 36.91 -2.33
CA VAL F 228 -44.97 37.70 -1.66
C VAL F 228 -44.88 37.51 -0.15
N GLY F 229 -45.55 38.41 0.55
CA GLY F 229 -45.54 38.47 1.97
C GLY F 229 -44.68 39.61 2.44
N PRO F 230 -44.29 39.58 3.71
CA PRO F 230 -43.38 40.60 4.23
C PRO F 230 -42.07 40.72 3.45
N LEU F 231 -41.72 39.74 2.60
CA LEU F 231 -40.49 39.85 1.84
C LEU F 231 -40.70 40.42 0.45
N ALA F 232 -41.96 40.58 0.06
CA ALA F 232 -42.31 41.42 -1.07
C ALA F 232 -42.29 42.88 -0.67
N TRP F 233 -42.75 43.21 0.53
CA TRP F 233 -42.89 44.59 0.94
C TRP F 233 -41.60 45.14 1.55
N HIS F 234 -41.00 44.40 2.49
CA HIS F 234 -39.80 44.83 3.21
C HIS F 234 -38.65 43.84 2.97
N PRO F 235 -38.03 43.87 1.80
CA PRO F 235 -36.85 43.03 1.57
C PRO F 235 -35.68 43.49 2.44
N ARG F 236 -34.75 42.56 2.69
CA ARG F 236 -33.51 42.90 3.38
C ARG F 236 -32.30 42.59 2.51
N SER F 237 -31.15 43.04 3.03
CA SER F 237 -29.90 43.04 2.29
C SER F 237 -29.60 41.66 1.71
N ARG F 238 -29.42 40.68 2.58
CA ARG F 238 -28.93 39.38 2.17
C ARG F 238 -30.07 38.39 1.89
N ASP F 239 -31.07 38.84 1.12
CA ASP F 239 -32.26 38.05 0.80
C ASP F 239 -32.18 37.47 -0.62
N VAL F 240 -32.56 36.20 -0.74
CA VAL F 240 -32.52 35.45 -1.99
C VAL F 240 -33.91 34.86 -2.23
N ALA F 241 -34.26 34.66 -3.50
CA ALA F 241 -35.59 34.22 -3.87
C ALA F 241 -35.50 33.32 -5.09
N GLN F 242 -35.92 32.06 -4.94
CA GLN F 242 -35.89 31.06 -6.00
C GLN F 242 -37.33 30.86 -6.45
N LEU F 243 -37.80 31.76 -7.30
CA LEU F 243 -39.19 31.74 -7.71
C LEU F 243 -39.38 30.79 -8.88
N GLY F 244 -40.44 30.01 -8.81
CA GLY F 244 -40.64 28.88 -9.70
C GLY F 244 -41.27 27.76 -8.90
N ASP F 245 -41.30 26.58 -9.52
CA ASP F 245 -41.84 25.42 -8.82
C ASP F 245 -41.00 25.16 -7.56
N VAL F 246 -41.67 24.67 -6.51
CA VAL F 246 -40.98 24.40 -5.25
C VAL F 246 -40.06 23.18 -5.39
N VAL F 247 -40.55 22.10 -6.01
CA VAL F 247 -39.73 20.91 -6.22
C VAL F 247 -38.53 21.22 -7.09
N HIS F 248 -38.75 21.91 -8.21
CA HIS F 248 -37.64 22.22 -9.09
CA HIS F 248 -37.64 22.24 -9.11
C HIS F 248 -36.64 23.15 -8.42
N GLY F 249 -37.12 24.12 -7.64
CA GLY F 249 -36.21 25.02 -6.95
C GLY F 249 -35.40 24.31 -5.87
N VAL F 250 -36.06 23.43 -5.13
CA VAL F 250 -35.34 22.64 -4.14
C VAL F 250 -34.29 21.77 -4.82
N GLU F 251 -34.66 21.08 -5.90
CA GLU F 251 -33.71 20.17 -6.55
C GLU F 251 -32.57 20.94 -7.19
N SER F 252 -32.83 22.16 -7.67
CA SER F 252 -31.75 23.02 -8.15
C SER F 252 -30.77 23.33 -7.03
N LEU F 253 -31.31 23.68 -5.84
CA LEU F 253 -30.46 23.87 -4.68
C LEU F 253 -29.69 22.60 -4.31
N VAL F 254 -30.37 21.46 -4.32
CA VAL F 254 -29.73 20.19 -3.95
C VAL F 254 -28.53 19.94 -4.85
N GLU F 255 -28.75 20.00 -6.16
CA GLU F 255 -27.65 19.87 -7.13
C GLU F 255 -26.54 20.87 -6.83
N LEU F 256 -26.90 22.14 -6.62
CA LEU F 256 -25.88 23.13 -6.30
C LEU F 256 -25.07 22.77 -5.05
N LEU F 257 -25.69 22.03 -4.11
CA LEU F 257 -25.02 21.66 -2.89
C LEU F 257 -24.13 20.43 -3.05
N GLY F 258 -24.37 19.62 -4.06
CA GLY F 258 -23.61 18.39 -4.22
C GLY F 258 -24.27 17.20 -3.59
N TRP F 259 -25.57 17.29 -3.30
CA TRP F 259 -26.30 16.31 -2.54
C TRP F 259 -27.18 15.41 -3.40
N THR F 260 -27.14 15.59 -4.72
CA THR F 260 -28.10 14.92 -5.61
C THR F 260 -28.00 13.41 -5.48
N GLU F 261 -26.78 12.88 -5.45
CA GLU F 261 -26.59 11.45 -5.31
C GLU F 261 -27.02 10.99 -3.92
N GLU F 262 -26.58 11.72 -2.89
CA GLU F 262 -27.05 11.44 -1.54
C GLU F 262 -28.57 11.51 -1.47
N MET F 263 -29.18 12.43 -2.23
CA MET F 263 -30.63 12.55 -2.25
C MET F 263 -31.28 11.33 -2.86
N ARG F 264 -30.71 10.80 -3.95
CA ARG F 264 -31.23 9.56 -4.56
C ARG F 264 -31.05 8.36 -3.62
N ASP F 265 -29.88 8.24 -2.98
CA ASP F 265 -29.63 7.19 -2.00
C ASP F 265 -30.66 7.24 -0.85
N LEU F 266 -30.89 8.45 -0.32
CA LEU F 266 -31.86 8.65 0.74
C LEU F 266 -33.28 8.32 0.29
N VAL F 267 -33.70 8.83 -0.88
CA VAL F 267 -35.08 8.61 -1.29
C VAL F 267 -35.32 7.15 -1.62
N GLN F 268 -34.32 6.47 -2.19
CA GLN F 268 -34.49 5.04 -2.44
C GLN F 268 -34.66 4.29 -1.13
N ARG F 269 -33.79 4.54 -0.15
CA ARG F 269 -33.85 3.71 1.06
C ARG F 269 -35.07 4.05 1.89
N GLU F 270 -35.50 5.32 1.93
CA GLU F 270 -36.69 5.68 2.71
C GLU F 270 -37.98 5.23 2.05
N THR F 271 -38.06 5.23 0.71
CA THR F 271 -39.22 4.65 0.04
C THR F 271 -39.24 3.13 0.20
N GLY F 272 -38.06 2.52 0.38
CA GLY F 272 -38.03 1.09 0.71
C GLY F 272 -38.53 0.79 2.11
N LYS F 273 -38.27 1.68 3.07
CA LYS F 273 -38.81 1.46 4.41
C LYS F 273 -40.32 1.66 4.48
N LEU F 274 -40.94 2.28 3.47
CA LEU F 274 -42.39 2.46 3.46
C LEU F 274 -43.04 1.64 2.33
N GLY G 1 -1.77 -22.44 -18.60
CA GLY G 1 -0.40 -22.85 -18.28
C GLY G 1 -0.27 -23.93 -17.21
N LYS G 2 0.50 -24.98 -17.50
CA LYS G 2 0.53 -26.17 -16.65
C LYS G 2 1.24 -25.88 -15.33
N GLY G 3 1.22 -26.89 -14.46
CA GLY G 3 1.94 -26.83 -13.21
C GLY G 3 3.03 -27.88 -13.17
N GLY G 4 3.39 -28.30 -11.97
CA GLY G 4 4.25 -29.46 -11.83
C GLY G 4 5.71 -29.09 -11.74
N ALA G 5 6.52 -30.14 -11.55
CA ALA G 5 7.99 -30.00 -11.55
C ALA G 5 8.56 -29.90 -12.97
N ARG G 7 10.30 -30.82 -16.13
CA ARG G 7 10.26 -32.16 -16.71
C ARG G 7 10.30 -32.11 -18.24
N HIS G 8 10.43 -33.28 -18.88
CA HIS G 8 10.44 -33.33 -20.33
C HIS G 8 9.03 -33.30 -20.89
N ARG G 9 8.87 -32.61 -22.01
CA ARG G 9 7.58 -32.54 -22.67
C ARG G 9 7.32 -33.86 -23.39
N LYS G 10 6.08 -34.35 -23.31
CA LYS G 10 5.70 -35.60 -23.98
C LYS G 10 5.47 -35.34 -25.45
N VAL G 11 6.24 -35.99 -26.33
CA VAL G 11 6.09 -35.82 -27.78
C VAL G 11 4.78 -36.48 -28.25
N GLY H 1 -7.11 -8.34 -4.28
CA GLY H 1 -8.10 -8.38 -5.37
C GLY H 1 -8.73 -7.05 -5.83
N LYS H 2 -8.92 -6.10 -4.91
CA LYS H 2 -9.31 -4.76 -5.29
C LYS H 2 -8.24 -4.06 -6.12
N GLY H 3 -7.07 -4.67 -6.26
CA GLY H 3 -6.02 -4.12 -7.10
C GLY H 3 -5.58 -2.73 -6.68
N GLY H 4 -4.72 -2.13 -7.47
CA GLY H 4 -4.42 -0.72 -7.32
C GLY H 4 -3.34 -0.41 -6.30
N ALA H 5 -3.15 0.89 -6.09
CA ALA H 5 -2.29 1.43 -5.04
C ALA H 5 -2.88 1.37 -3.65
N ARG H 7 -4.41 2.40 -0.50
CA ARG H 7 -5.44 3.36 -0.17
C ARG H 7 -6.34 2.90 1.02
N HIS H 8 -7.01 3.85 1.71
CA HIS H 8 -8.09 3.51 2.62
C HIS H 8 -9.39 3.24 1.87
N ARG H 9 -10.36 2.69 2.62
CA ARG H 9 -11.66 2.36 2.05
C ARG H 9 -12.70 3.43 2.35
N GLY I 3 26.97 -44.52 6.07
CA GLY I 3 27.15 -44.42 4.63
C GLY I 3 27.41 -45.77 3.98
N GLY I 4 27.61 -45.76 2.68
CA GLY I 4 27.76 -47.01 1.98
C GLY I 4 26.45 -47.51 1.42
N ALA I 5 26.50 -48.77 0.99
CA ALA I 5 25.43 -49.38 0.21
C ALA I 5 24.67 -50.42 1.01
N ARG I 7 23.70 -53.37 2.47
CA ARG I 7 24.35 -54.66 2.56
C ARG I 7 23.84 -55.48 3.78
N HIS I 8 24.01 -56.80 3.69
CA HIS I 8 23.82 -57.69 4.83
C HIS I 8 25.09 -57.74 5.67
N ARG I 9 25.12 -58.63 6.66
CA ARG I 9 26.36 -59.01 7.35
C ARG I 9 26.42 -60.54 7.52
N GLY J 4 -0.59 42.44 5.03
CA GLY J 4 0.61 43.19 5.35
C GLY J 4 1.87 42.34 5.45
N ALA J 5 2.77 42.72 6.35
CA ALA J 5 4.00 41.97 6.62
C ALA J 5 4.44 42.31 8.05
N ARG J 7 5.32 43.64 11.23
CA ARG J 7 5.81 44.94 11.66
C ARG J 7 5.29 45.32 13.04
N HIS J 8 6.05 46.15 13.74
CA HIS J 8 5.67 46.61 15.08
C HIS J 8 5.29 48.08 15.05
N GLY K 3 16.96 27.41 -6.99
CA GLY K 3 16.00 26.66 -6.21
C GLY K 3 15.34 27.40 -5.06
N GLY K 4 14.28 26.80 -4.52
CA GLY K 4 13.34 27.47 -3.63
C GLY K 4 11.92 27.15 -4.05
N ALA K 5 11.05 28.14 -4.03
CA ALA K 5 9.64 27.95 -4.41
C ALA K 5 9.35 28.66 -5.74
N ARG K 7 9.05 30.97 -7.84
CA ARG K 7 9.31 32.41 -7.85
C ARG K 7 8.67 33.20 -9.01
N HIS K 8 9.25 34.38 -9.25
CA HIS K 8 8.91 35.21 -10.41
C HIS K 8 9.93 36.33 -10.55
N ARG K 9 10.83 36.25 -11.53
CA ARG K 9 11.84 37.29 -11.71
C ARG K 9 11.23 38.62 -12.13
N GLY L 4 -50.95 37.48 15.75
CA GLY L 4 -50.61 37.33 17.16
C GLY L 4 -51.40 36.20 17.81
N ALA L 5 -52.52 35.84 17.16
CA ALA L 5 -53.25 34.57 17.34
C ALA L 5 -54.03 34.29 16.04
N ARG L 7 -54.73 34.40 12.85
CA ARG L 7 -55.49 35.28 11.96
C ARG L 7 -54.96 35.19 10.52
N HIS L 8 -55.55 35.97 9.61
CA HIS L 8 -55.13 36.03 8.19
C HIS L 8 -54.82 37.48 7.76
#